data_9B9E
#
_entry.id   9B9E
#
_cell.length_a   1.00
_cell.length_b   1.00
_cell.length_c   1.00
_cell.angle_alpha   90.00
_cell.angle_beta   90.00
_cell.angle_gamma   90.00
#
_symmetry.space_group_name_H-M   'P 1'
#
loop_
_entity.id
_entity.type
_entity.pdbx_description
1 polymer 'Fusion glycoprotein F0'
2 polymer 'DS90 nanobody'
3 non-polymer 2-acetamido-2-deoxy-beta-D-glucopyranose
#
loop_
_entity_poly.entity_id
_entity_poly.type
_entity_poly.pdbx_seq_one_letter_code
_entity_poly.pdbx_strand_id
1 'polypeptide(L)'
;ILHYEKLSKIGLVKGVTRKYKIKSNPLTKDIVIKMIPNVSNMSQCTGSVMENYKTRLNGILTPIKGALEIYKNNTHDLVG
DVRLAGVIMAGVAIGIATAAQITAGVALYEAMKNADNINKLKSSIESTNEAVVKLQETAEKTVYVLTALQDYINTNLVPT
IDKISCKQTELSLDLALSKYLSDLLFVFGPNLQDPVSNSMTIQAISQAFGGNYETLLRTLGYATEDFDDLLESDSITGQI
IYVDLSSYYIIVRVYFPILTEIQQAYIQELLPVSFNNDNSEWISIVPNFILVRNTLISNIEIGFCLITKRSVICNQDYAT
PMTNNMRECLTGSTEKCPRELVVSSHVPRFALSNGVLFANCISVTCQCQTTGRAISQSGEQTLLMIDNTTCPTAVLGNVI
ISLGKYLGSVNYNSEGIAIGPPVFTDKVDISSQISSMNQSLQQSKDYIKEAQRLLDT
;
A,B,C
2 'polypeptide(L)'
;VQLVESGGGLVQAGGSLRLSCAASGRTFSSYVMGWYRQAPGKEREFVARISWSGGHTHSADSVKGRFTISRDNAKNTVYL
QMNSLKPDDTAIYYCNAEPTVTGSWFTPGLQSYWGQGTQVTVSS
;
D,E,F
#
loop_
_chem_comp.id
_chem_comp.type
_chem_comp.name
_chem_comp.formula
NAG D-saccharide, beta linking 2-acetamido-2-deoxy-beta-D-glucopyranose 'C8 H15 N O6'
#
# COMPACT_ATOMS: atom_id res chain seq x y z
N ILE A 1 -18.00 -14.57 -29.99
CA ILE A 1 -18.57 -13.28 -30.35
C ILE A 1 -17.51 -12.33 -30.90
N LEU A 2 -16.63 -11.81 -30.04
CA LEU A 2 -15.71 -10.76 -30.45
C LEU A 2 -14.72 -11.27 -31.50
N HIS A 3 -14.37 -10.38 -32.44
CA HIS A 3 -13.71 -10.73 -33.71
C HIS A 3 -12.20 -10.80 -33.56
N TYR A 4 -11.73 -11.93 -33.03
CA TYR A 4 -10.30 -12.07 -32.70
C TYR A 4 -9.36 -11.75 -33.87
N GLU A 5 -9.59 -12.36 -35.04
CA GLU A 5 -8.57 -12.25 -36.07
C GLU A 5 -8.52 -10.89 -36.77
N LYS A 6 -9.57 -10.10 -36.66
CA LYS A 6 -9.41 -8.69 -37.03
C LYS A 6 -8.75 -7.95 -35.88
N LEU A 7 -9.23 -8.19 -34.67
CA LEU A 7 -8.67 -7.56 -33.48
C LEU A 7 -7.20 -7.87 -33.34
N SER A 8 -6.74 -9.01 -33.84
CA SER A 8 -5.35 -9.39 -33.65
C SER A 8 -4.38 -8.50 -34.42
N LYS A 9 -4.76 -8.05 -35.62
CA LYS A 9 -3.82 -7.28 -36.44
C LYS A 9 -3.43 -5.95 -35.82
N ILE A 10 -4.20 -5.43 -34.86
CA ILE A 10 -3.80 -4.23 -34.16
C ILE A 10 -3.03 -4.54 -32.89
N GLY A 11 -2.40 -5.69 -32.82
CA GLY A 11 -1.53 -5.93 -31.70
C GLY A 11 -2.18 -6.48 -30.45
N LEU A 12 -3.15 -7.38 -30.61
CA LEU A 12 -3.76 -8.08 -29.49
C LEU A 12 -3.75 -9.57 -29.79
N VAL A 13 -3.68 -10.39 -28.75
CA VAL A 13 -3.63 -11.83 -28.91
C VAL A 13 -4.54 -12.49 -27.88
N LYS A 14 -5.23 -13.56 -28.28
CA LYS A 14 -6.18 -14.25 -27.42
C LYS A 14 -5.51 -14.93 -26.26
N GLY A 15 -5.83 -14.49 -25.04
CA GLY A 15 -5.36 -15.12 -23.83
C GLY A 15 -6.26 -16.25 -23.34
N VAL A 16 -5.88 -16.78 -22.17
CA VAL A 16 -6.59 -17.89 -21.55
C VAL A 16 -7.99 -17.47 -21.11
N THR A 17 -8.99 -18.22 -21.55
CA THR A 17 -10.36 -18.05 -21.05
C THR A 17 -10.49 -18.55 -19.62
N ARG A 18 -11.09 -17.75 -18.74
CA ARG A 18 -11.25 -18.09 -17.34
C ARG A 18 -12.73 -18.10 -16.94
N LYS A 19 -13.11 -19.07 -16.12
CA LYS A 19 -14.43 -19.06 -15.49
C LYS A 19 -14.52 -17.96 -14.45
N TYR A 20 -15.73 -17.43 -14.27
CA TYR A 20 -16.00 -16.37 -13.29
C TYR A 20 -16.74 -16.97 -12.10
N LYS A 21 -16.13 -16.89 -10.91
CA LYS A 21 -16.66 -17.53 -9.70
C LYS A 21 -16.63 -16.58 -8.51
N ILE A 22 -17.67 -16.64 -7.67
CA ILE A 22 -17.79 -15.71 -6.55
C ILE A 22 -18.26 -16.39 -5.27
N LYS A 23 -18.03 -15.68 -4.16
CA LYS A 23 -18.58 -15.97 -2.84
C LYS A 23 -20.08 -16.28 -2.85
N SER A 24 -20.52 -17.14 -1.93
CA SER A 24 -21.94 -17.28 -1.65
C SER A 24 -22.18 -17.86 -0.25
N ASN A 25 -23.40 -17.70 0.24
CA ASN A 25 -24.02 -18.43 1.35
C ASN A 25 -23.11 -18.80 2.53
N PRO A 26 -22.56 -17.82 3.23
CA PRO A 26 -21.63 -18.12 4.33
C PRO A 26 -22.27 -18.82 5.52
N LEU A 27 -21.49 -19.71 6.15
CA LEU A 27 -21.73 -20.28 7.47
C LEU A 27 -21.15 -19.39 8.56
N THR A 28 -21.62 -19.59 9.81
CA THR A 28 -21.18 -18.76 10.93
C THR A 28 -20.76 -19.56 12.14
N LYS A 29 -19.65 -19.14 12.76
CA LYS A 29 -19.10 -19.73 13.97
C LYS A 29 -18.63 -18.59 14.88
N ASP A 30 -18.86 -18.71 16.18
CA ASP A 30 -18.53 -17.63 17.13
C ASP A 30 -17.34 -17.98 18.01
N ILE A 31 -16.40 -17.04 18.14
CA ILE A 31 -15.18 -17.22 18.94
C ILE A 31 -14.90 -15.96 19.75
N VAL A 32 -14.18 -16.14 20.85
CA VAL A 32 -13.81 -15.08 21.78
C VAL A 32 -12.32 -14.79 21.68
N ILE A 33 -11.96 -13.53 21.52
CA ILE A 33 -10.57 -13.09 21.66
C ILE A 33 -10.43 -12.37 22.98
N LYS A 34 -9.50 -12.81 23.82
CA LYS A 34 -9.23 -12.18 25.11
C LYS A 34 -7.95 -11.36 25.00
N MET A 35 -8.08 -10.06 25.16
CA MET A 35 -7.02 -9.13 24.78
C MET A 35 -5.98 -8.87 25.86
N ILE A 36 -6.26 -9.13 27.13
CA ILE A 36 -5.29 -8.97 28.21
C ILE A 36 -4.84 -10.35 28.70
N PRO A 37 -3.53 -10.61 28.76
CA PRO A 37 -3.06 -11.93 29.18
C PRO A 37 -3.19 -12.15 30.67
N ASN A 38 -2.99 -13.39 31.09
CA ASN A 38 -3.07 -13.80 32.50
C ASN A 38 -1.67 -14.02 33.07
N VAL A 39 -1.41 -13.45 34.25
CA VAL A 39 -0.06 -13.35 34.81
C VAL A 39 0.06 -13.89 36.23
N SER A 40 -0.94 -14.62 36.72
CA SER A 40 -0.91 -15.12 38.09
C SER A 40 0.27 -16.02 38.41
N ASN A 41 0.91 -16.63 37.41
CA ASN A 41 2.13 -17.40 37.65
C ASN A 41 3.27 -16.57 38.24
N MET A 42 3.30 -15.27 37.99
CA MET A 42 4.44 -14.45 38.39
C MET A 42 4.00 -13.07 38.84
N SER A 43 2.81 -12.98 39.43
CA SER A 43 2.14 -11.72 39.75
C SER A 43 3.02 -10.75 40.55
N GLN A 44 3.84 -11.27 41.46
CA GLN A 44 4.69 -10.41 42.29
C GLN A 44 5.67 -9.56 41.49
N CYS A 45 5.94 -9.87 40.23
CA CYS A 45 6.79 -9.02 39.40
C CYS A 45 6.04 -8.36 38.24
N THR A 46 4.73 -8.20 38.35
CA THR A 46 4.01 -7.33 37.42
C THR A 46 3.97 -5.88 37.87
N GLY A 47 4.03 -5.62 39.17
CA GLY A 47 3.93 -4.27 39.68
C GLY A 47 2.69 -3.52 39.20
N SER A 48 2.88 -2.25 38.85
CA SER A 48 1.81 -1.41 38.33
C SER A 48 1.52 -1.56 36.85
N VAL A 49 2.27 -2.37 36.10
CA VAL A 49 2.19 -2.30 34.65
C VAL A 49 0.78 -2.65 34.15
N MET A 50 0.10 -3.57 34.83
CA MET A 50 -1.24 -3.95 34.37
C MET A 50 -2.29 -2.87 34.59
N GLU A 51 -2.11 -2.02 35.59
CA GLU A 51 -3.07 -0.93 35.79
C GLU A 51 -2.93 0.15 34.73
N ASN A 52 -1.70 0.51 34.37
CA ASN A 52 -1.50 1.44 33.26
C ASN A 52 -2.01 0.86 31.95
N TYR A 53 -1.74 -0.42 31.70
CA TYR A 53 -2.24 -1.06 30.48
C TYR A 53 -3.75 -1.01 30.39
N LYS A 54 -4.46 -1.49 31.42
CA LYS A 54 -5.91 -1.43 31.40
C LYS A 54 -6.41 0.00 31.23
N THR A 55 -5.77 0.97 31.88
CA THR A 55 -6.17 2.35 31.72
C THR A 55 -6.11 2.80 30.26
N ARG A 56 -5.08 2.38 29.52
CA ARG A 56 -5.03 2.72 28.11
C ARG A 56 -5.99 1.89 27.27
N LEU A 57 -5.98 0.57 27.43
CA LEU A 57 -6.74 -0.26 26.52
C LEU A 57 -8.24 -0.03 26.66
N ASN A 58 -8.72 0.25 27.87
CA ASN A 58 -10.10 0.68 28.02
C ASN A 58 -10.41 1.90 27.17
N GLY A 59 -9.45 2.80 27.04
CA GLY A 59 -9.62 4.00 26.24
C GLY A 59 -9.82 3.77 24.74
N ILE A 60 -9.50 2.60 24.22
CA ILE A 60 -9.80 2.31 22.82
C ILE A 60 -10.93 1.31 22.62
N LEU A 61 -11.30 0.52 23.62
CA LEU A 61 -12.52 -0.26 23.47
C LEU A 61 -13.78 0.56 23.68
N THR A 62 -13.77 1.54 24.59
CA THR A 62 -15.00 2.28 24.85
C THR A 62 -15.56 3.01 23.63
N PRO A 63 -14.77 3.58 22.71
CA PRO A 63 -15.40 4.16 21.51
C PRO A 63 -16.05 3.13 20.61
N ILE A 64 -15.56 1.88 20.59
CA ILE A 64 -16.20 0.85 19.79
C ILE A 64 -17.56 0.47 20.38
N LYS A 65 -17.60 0.18 21.67
CA LYS A 65 -18.86 -0.19 22.30
C LYS A 65 -19.90 0.91 22.15
N GLY A 66 -19.49 2.17 22.33
CA GLY A 66 -20.42 3.26 22.17
C GLY A 66 -21.05 3.33 20.79
N ALA A 67 -20.30 2.98 19.75
CA ALA A 67 -20.86 2.95 18.40
C ALA A 67 -21.75 1.75 18.15
N LEU A 68 -21.61 0.70 18.95
CA LEU A 68 -22.35 -0.53 18.74
C LEU A 68 -23.65 -0.57 19.54
N GLU A 69 -23.71 0.09 20.69
CA GLU A 69 -24.92 0.13 21.49
C GLU A 69 -26.11 0.68 20.72
N ILE A 70 -25.86 1.56 19.74
CA ILE A 70 -26.94 2.23 19.02
C ILE A 70 -27.95 1.23 18.48
N TYR A 71 -27.50 0.30 17.64
CA TYR A 71 -28.40 -0.72 17.12
C TYR A 71 -28.81 -1.75 18.17
N LYS A 72 -27.96 -1.98 19.16
CA LYS A 72 -28.19 -3.07 20.11
C LYS A 72 -29.34 -2.80 21.07
N ASN A 73 -29.73 -1.54 21.28
CA ASN A 73 -30.90 -1.24 22.08
C ASN A 73 -31.96 -0.36 21.44
N ASN A 74 -31.76 0.13 20.22
CA ASN A 74 -32.83 0.74 19.43
C ASN A 74 -33.52 -0.25 18.51
N THR A 75 -33.56 -1.54 18.86
CA THR A 75 -34.26 -2.55 18.06
C THR A 75 -35.02 -3.48 18.99
N HIS A 76 -36.07 -4.10 18.46
CA HIS A 76 -36.92 -4.98 19.24
C HIS A 76 -37.30 -6.19 18.41
N ASP A 77 -37.74 -7.25 19.09
CA ASP A 77 -38.43 -8.34 18.44
C ASP A 77 -39.88 -8.01 18.14
N LEU A 78 -40.33 -8.41 16.95
CA LEU A 78 -41.71 -8.18 16.54
C LEU A 78 -42.69 -8.98 17.38
N VAL A 79 -43.81 -8.35 17.73
CA VAL A 79 -44.87 -8.98 18.51
C VAL A 79 -46.21 -8.52 17.96
N GLY A 80 -47.25 -9.29 18.27
CA GLY A 80 -48.57 -8.99 17.77
C GLY A 80 -48.84 -9.45 16.35
N ASP A 81 -47.97 -10.28 15.78
CA ASP A 81 -48.20 -10.83 14.45
C ASP A 81 -47.61 -12.24 14.41
N VAL A 82 -48.16 -13.08 13.53
CA VAL A 82 -47.67 -14.45 13.37
C VAL A 82 -47.47 -14.75 11.88
N ARG A 83 -47.92 -13.85 11.02
CA ARG A 83 -47.64 -13.99 9.60
C ARG A 83 -46.17 -13.80 9.28
N LEU A 84 -45.46 -13.07 10.14
CA LEU A 84 -44.02 -12.83 10.00
C LEU A 84 -43.41 -12.88 11.39
N ALA A 85 -42.18 -13.36 11.47
CA ALA A 85 -41.39 -13.26 12.69
C ALA A 85 -40.05 -12.61 12.38
N GLY A 86 -39.68 -11.61 13.17
CA GLY A 86 -38.49 -10.84 12.86
C GLY A 86 -38.32 -9.71 13.84
N VAL A 87 -37.28 -8.92 13.59
CA VAL A 87 -37.03 -7.71 14.35
C VAL A 87 -37.88 -6.56 13.84
N ILE A 88 -37.88 -5.45 14.58
CA ILE A 88 -38.36 -4.17 14.10
C ILE A 88 -37.38 -3.11 14.57
N MET A 89 -37.03 -2.19 13.68
CA MET A 89 -35.96 -1.24 13.94
C MET A 89 -36.50 0.17 14.11
N ALA A 90 -36.00 0.87 15.13
CA ALA A 90 -36.46 2.21 15.46
C ALA A 90 -35.76 3.23 14.55
N GLY A 91 -36.26 3.34 13.33
CA GLY A 91 -35.65 4.22 12.36
C GLY A 91 -35.56 5.67 12.82
N VAL A 92 -36.55 6.13 13.57
CA VAL A 92 -36.53 7.49 14.11
C VAL A 92 -35.31 7.71 14.98
N ALA A 93 -34.93 6.71 15.77
CA ALA A 93 -33.77 6.85 16.63
C ALA A 93 -32.46 6.57 15.93
N ILE A 94 -32.44 5.64 14.98
CA ILE A 94 -31.21 5.35 14.24
C ILE A 94 -30.79 6.54 13.40
N GLY A 95 -31.74 7.25 12.81
CA GLY A 95 -31.45 8.51 12.17
C GLY A 95 -30.89 8.42 10.77
N ILE A 96 -29.58 8.25 10.65
CA ILE A 96 -28.91 8.23 9.35
C ILE A 96 -28.13 6.94 9.23
N ALA A 97 -28.43 6.14 8.21
CA ALA A 97 -27.71 4.89 8.01
C ALA A 97 -27.84 4.41 6.58
N THR A 98 -26.81 3.71 6.13
CA THR A 98 -26.80 3.10 4.80
C THR A 98 -27.52 1.76 4.82
N ALA A 99 -27.92 1.31 3.64
CA ALA A 99 -28.65 0.04 3.54
C ALA A 99 -27.82 -1.13 4.04
N ALA A 100 -26.55 -1.18 3.68
CA ALA A 100 -25.69 -2.25 4.19
C ALA A 100 -25.58 -2.21 5.70
N GLN A 101 -25.38 -1.01 6.26
CA GLN A 101 -25.25 -0.89 7.70
C GLN A 101 -26.53 -1.29 8.43
N ILE A 102 -27.69 -0.93 7.90
CA ILE A 102 -28.94 -1.39 8.49
C ILE A 102 -29.02 -2.91 8.45
N THR A 103 -28.62 -3.52 7.33
CA THR A 103 -28.67 -4.97 7.25
C THR A 103 -27.79 -5.62 8.31
N ALA A 104 -26.58 -5.11 8.51
CA ALA A 104 -25.71 -5.63 9.55
C ALA A 104 -26.30 -5.43 10.93
N GLY A 105 -27.12 -4.41 11.11
CA GLY A 105 -27.83 -4.26 12.36
C GLY A 105 -28.79 -5.40 12.66
N VAL A 106 -29.43 -5.95 11.64
CA VAL A 106 -30.25 -7.14 11.84
C VAL A 106 -29.39 -8.34 12.21
N ALA A 107 -28.28 -8.55 11.49
CA ALA A 107 -27.39 -9.67 11.81
C ALA A 107 -26.87 -9.58 13.24
N LEU A 108 -26.55 -8.37 13.69
CA LEU A 108 -26.06 -8.20 15.06
C LEU A 108 -27.10 -8.66 16.07
N TYR A 109 -28.34 -8.20 15.93
CA TYR A 109 -29.38 -8.66 16.85
C TYR A 109 -29.60 -10.16 16.74
N GLU A 110 -29.59 -10.70 15.53
CA GLU A 110 -29.76 -12.14 15.38
C GLU A 110 -28.65 -12.90 16.08
N ALA A 111 -27.43 -12.40 16.03
CA ALA A 111 -26.32 -13.05 16.71
C ALA A 111 -26.32 -12.82 18.22
N MET A 112 -26.80 -11.66 18.68
CA MET A 112 -26.70 -11.33 20.10
C MET A 112 -27.35 -12.40 20.98
N LYS A 113 -28.42 -13.04 20.51
CA LYS A 113 -29.03 -14.11 21.29
C LYS A 113 -28.05 -15.23 21.61
N ASN A 114 -27.19 -15.62 20.67
CA ASN A 114 -26.23 -16.67 20.97
C ASN A 114 -25.09 -16.18 21.83
N ALA A 115 -24.61 -14.97 21.59
CA ALA A 115 -23.50 -14.43 22.38
C ALA A 115 -23.82 -14.40 23.87
N ASP A 116 -25.09 -14.24 24.23
CA ASP A 116 -25.43 -14.24 25.65
C ASP A 116 -25.26 -15.59 26.32
N ASN A 117 -25.18 -16.70 25.58
CA ASN A 117 -24.73 -17.94 26.19
C ASN A 117 -23.27 -17.85 26.60
N ILE A 118 -22.43 -17.32 25.72
CA ILE A 118 -21.01 -17.15 26.03
C ILE A 118 -20.82 -16.23 27.21
N ASN A 119 -21.68 -15.24 27.35
CA ASN A 119 -21.60 -14.29 28.46
C ASN A 119 -21.71 -14.94 29.83
N LYS A 120 -22.32 -16.12 29.94
CA LYS A 120 -22.35 -16.81 31.23
C LYS A 120 -21.02 -17.45 31.64
N LEU A 121 -20.07 -17.59 30.73
CA LEU A 121 -18.79 -18.22 31.05
C LEU A 121 -17.78 -17.24 31.66
N LYS A 122 -18.21 -16.04 32.04
CA LYS A 122 -17.29 -14.94 32.36
C LYS A 122 -16.21 -15.33 33.34
N SER A 123 -16.54 -16.13 34.35
CA SER A 123 -15.53 -16.58 35.31
C SER A 123 -14.46 -17.48 34.69
N SER A 124 -14.85 -18.36 33.77
CA SER A 124 -13.86 -19.19 33.09
C SER A 124 -13.05 -18.41 32.06
N ILE A 125 -13.69 -17.48 31.35
CA ILE A 125 -12.97 -16.64 30.40
C ILE A 125 -11.79 -15.94 31.07
N GLU A 126 -12.03 -15.37 32.23
CA GLU A 126 -10.95 -14.71 32.97
C GLU A 126 -9.87 -15.67 33.45
N SER A 127 -10.16 -16.97 33.56
CA SER A 127 -9.22 -17.92 34.13
C SER A 127 -8.44 -18.74 33.08
N THR A 128 -8.52 -18.38 31.81
CA THR A 128 -7.66 -19.02 30.82
C THR A 128 -6.18 -18.80 31.15
N ASN A 129 -5.36 -19.78 30.76
CA ASN A 129 -3.91 -19.63 30.88
C ASN A 129 -3.15 -20.35 29.78
N GLU A 130 -3.75 -20.52 28.61
CA GLU A 130 -3.02 -20.93 27.41
C GLU A 130 -3.44 -20.08 26.23
N ALA A 131 -2.63 -20.11 25.18
CA ALA A 131 -2.93 -19.34 23.97
C ALA A 131 -4.22 -19.79 23.32
N VAL A 132 -4.55 -21.06 23.39
CA VAL A 132 -5.83 -21.58 22.93
C VAL A 132 -6.38 -22.46 24.04
N VAL A 133 -7.67 -22.29 24.35
CA VAL A 133 -8.32 -23.18 25.30
C VAL A 133 -9.75 -23.37 24.87
N LYS A 134 -10.30 -24.54 25.18
CA LYS A 134 -11.64 -24.93 24.78
C LYS A 134 -12.55 -25.00 25.98
N LEU A 135 -13.70 -24.33 25.91
CA LEU A 135 -14.62 -24.24 27.02
C LEU A 135 -15.97 -24.84 26.65
N GLN A 136 -16.63 -25.44 27.64
CA GLN A 136 -17.99 -25.91 27.49
C GLN A 136 -18.97 -24.74 27.59
N GLU A 137 -19.58 -24.35 26.47
CA GLU A 137 -20.66 -23.36 26.53
C GLU A 137 -21.86 -23.94 27.25
N THR A 138 -22.19 -25.19 26.94
CA THR A 138 -23.15 -26.02 27.62
C THR A 138 -22.62 -27.44 27.52
N ALA A 139 -23.36 -28.39 28.06
CA ALA A 139 -23.02 -29.78 27.73
C ALA A 139 -23.12 -30.03 26.23
N GLU A 140 -23.90 -29.21 25.53
CA GLU A 140 -24.17 -29.40 24.11
C GLU A 140 -23.20 -28.67 23.19
N LYS A 141 -22.46 -27.67 23.67
CA LYS A 141 -21.80 -26.72 22.78
C LYS A 141 -20.49 -26.24 23.41
N THR A 142 -19.53 -25.90 22.55
CA THR A 142 -18.21 -25.46 23.00
C THR A 142 -17.80 -24.18 22.29
N VAL A 143 -17.09 -23.32 23.01
CA VAL A 143 -16.52 -22.08 22.49
C VAL A 143 -15.02 -22.08 22.73
N TYR A 144 -14.28 -21.49 21.79
CA TYR A 144 -12.82 -21.36 21.90
C TYR A 144 -12.41 -19.95 22.32
N VAL A 145 -11.45 -19.88 23.25
CA VAL A 145 -10.83 -18.63 23.67
C VAL A 145 -9.41 -18.54 23.10
N LEU A 146 -9.09 -17.44 22.45
CA LEU A 146 -7.74 -17.15 21.99
C LEU A 146 -7.16 -15.98 22.79
N THR A 147 -6.05 -16.22 23.48
CA THR A 147 -5.47 -15.28 24.43
C THR A 147 -4.31 -14.54 23.78
N ALA A 148 -4.25 -13.24 24.00
CA ALA A 148 -3.34 -12.38 23.25
C ALA A 148 -1.88 -12.82 23.31
N LEU A 149 -1.28 -12.84 24.50
CA LEU A 149 0.17 -12.99 24.61
C LEU A 149 0.58 -14.12 25.54
N GLN A 150 -0.32 -15.07 25.82
CA GLN A 150 -0.04 -16.05 26.86
C GLN A 150 1.17 -16.92 26.55
N ASP A 151 1.48 -17.17 25.28
CA ASP A 151 2.66 -17.98 25.00
C ASP A 151 3.94 -17.26 25.40
N TYR A 152 4.05 -15.97 25.10
CA TYR A 152 5.25 -15.23 25.44
C TYR A 152 5.48 -15.22 26.95
N ILE A 153 4.42 -15.02 27.71
CA ILE A 153 4.54 -15.08 29.16
C ILE A 153 4.90 -16.49 29.61
N ASN A 154 4.19 -17.49 29.10
CA ASN A 154 4.48 -18.87 29.48
C ASN A 154 5.84 -19.37 29.02
N THR A 155 6.42 -18.78 27.97
CA THR A 155 7.64 -19.33 27.39
C THR A 155 8.91 -18.58 27.81
N ASN A 156 8.90 -17.26 27.79
CA ASN A 156 10.11 -16.51 28.10
C ASN A 156 10.16 -16.05 29.55
N LEU A 157 9.09 -15.46 30.07
CA LEU A 157 9.17 -14.82 31.37
C LEU A 157 9.06 -15.82 32.51
N VAL A 158 8.04 -16.69 32.48
CA VAL A 158 7.86 -17.64 33.58
C VAL A 158 9.06 -18.53 33.83
N PRO A 159 9.81 -19.00 32.82
CA PRO A 159 11.03 -19.75 33.13
C PRO A 159 12.17 -18.91 33.68
N THR A 160 12.39 -17.70 33.17
CA THR A 160 13.55 -16.91 33.56
C THR A 160 13.35 -16.14 34.86
N ILE A 161 12.19 -16.27 35.50
CA ILE A 161 11.81 -15.49 36.66
C ILE A 161 12.84 -15.54 37.79
N ASP A 162 13.71 -16.55 37.81
CA ASP A 162 14.78 -16.59 38.81
C ASP A 162 16.08 -15.96 38.35
N LYS A 163 16.44 -16.07 37.08
CA LYS A 163 17.75 -15.56 36.66
C LYS A 163 17.73 -14.06 36.40
N ILE A 164 16.67 -13.57 35.81
CA ILE A 164 16.52 -12.12 35.65
C ILE A 164 15.95 -11.55 36.94
N SER A 165 16.38 -10.34 37.27
CA SER A 165 15.82 -9.64 38.42
C SER A 165 14.33 -9.40 38.23
N CYS A 166 13.66 -9.12 39.34
CA CYS A 166 12.24 -8.77 39.30
C CYS A 166 11.99 -7.48 38.52
N LYS A 167 12.85 -6.48 38.71
CA LYS A 167 12.68 -5.23 37.97
C LYS A 167 12.78 -5.45 36.46
N GLN A 168 13.82 -6.14 36.01
CA GLN A 168 13.96 -6.36 34.58
C GLN A 168 12.91 -7.31 34.03
N THR A 169 12.33 -8.18 34.85
CA THR A 169 11.19 -8.97 34.37
C THR A 169 9.99 -8.08 34.11
N GLU A 170 9.69 -7.18 35.04
CA GLU A 170 8.61 -6.22 34.83
C GLU A 170 8.84 -5.38 33.58
N LEU A 171 10.06 -4.89 33.40
CA LEU A 171 10.35 -4.09 32.22
C LEU A 171 10.24 -4.91 30.94
N SER A 172 10.76 -6.13 30.93
CA SER A 172 10.66 -6.98 29.75
C SER A 172 9.22 -7.37 29.44
N LEU A 173 8.32 -7.25 30.42
CA LEU A 173 6.90 -7.41 30.16
C LEU A 173 6.30 -6.15 29.57
N ASP A 174 6.67 -4.99 30.12
CA ASP A 174 6.13 -3.72 29.68
C ASP A 174 6.38 -3.50 28.19
N LEU A 175 7.59 -3.77 27.73
CA LEU A 175 7.89 -3.64 26.30
C LEU A 175 6.96 -4.48 25.44
N ALA A 176 6.65 -5.70 25.87
CA ALA A 176 5.82 -6.57 25.04
C ALA A 176 4.39 -6.04 24.91
N LEU A 177 3.78 -5.63 26.03
CA LEU A 177 2.46 -5.03 25.95
C LEU A 177 2.44 -3.79 25.07
N SER A 178 3.46 -2.94 25.19
CA SER A 178 3.50 -1.72 24.41
C SER A 178 3.67 -2.00 22.93
N LYS A 179 4.50 -2.98 22.57
CA LYS A 179 4.64 -3.39 21.19
C LYS A 179 3.31 -3.86 20.62
N TYR A 180 2.59 -4.70 21.37
CA TYR A 180 1.29 -5.17 20.96
C TYR A 180 0.31 -4.03 20.74
N LEU A 181 0.22 -3.07 21.66
CA LEU A 181 -0.63 -1.90 21.44
C LEU A 181 -0.20 -1.10 20.22
N SER A 182 1.11 -0.98 19.98
CA SER A 182 1.58 -0.23 18.82
C SER A 182 1.09 -0.83 17.52
N ASP A 183 0.85 -2.14 17.50
CA ASP A 183 0.30 -2.79 16.32
C ASP A 183 -1.21 -2.70 16.27
N LEU A 184 -1.86 -3.01 17.40
CA LEU A 184 -3.32 -3.09 17.46
C LEU A 184 -4.02 -1.83 16.94
N LEU A 185 -3.48 -0.65 17.24
CA LEU A 185 -4.16 0.59 16.85
C LEU A 185 -4.43 0.70 15.36
N PHE A 186 -3.61 0.09 14.51
CA PHE A 186 -3.84 0.20 13.08
C PHE A 186 -5.12 -0.46 12.61
N VAL A 187 -5.74 -1.31 13.41
CA VAL A 187 -7.04 -1.88 13.09
C VAL A 187 -8.13 -1.33 14.00
N PHE A 188 -7.91 -1.33 15.30
CA PHE A 188 -8.95 -0.98 16.25
C PHE A 188 -8.88 0.46 16.73
N GLY A 189 -7.95 1.26 16.20
CA GLY A 189 -7.96 2.67 16.47
C GLY A 189 -9.06 3.39 15.72
N PRO A 190 -8.88 4.68 15.48
CA PRO A 190 -9.96 5.48 14.91
C PRO A 190 -10.43 5.02 13.53
N ASN A 191 -9.66 4.21 12.81
CA ASN A 191 -10.12 3.72 11.52
C ASN A 191 -11.32 2.79 11.62
N LEU A 192 -11.64 2.29 12.81
CA LEU A 192 -12.77 1.39 12.96
C LEU A 192 -13.93 2.12 13.63
N GLN A 193 -14.43 3.18 13.01
CA GLN A 193 -15.55 3.91 13.58
C GLN A 193 -16.91 3.24 13.36
N ASP A 194 -17.02 2.26 12.45
CA ASP A 194 -18.29 1.62 12.12
C ASP A 194 -18.28 0.11 12.42
N PRO A 195 -18.00 -0.29 13.65
CA PRO A 195 -17.85 -1.72 13.96
C PRO A 195 -19.08 -2.56 13.68
N VAL A 196 -20.26 -1.96 13.48
CA VAL A 196 -21.43 -2.76 13.09
C VAL A 196 -21.25 -3.39 11.71
N SER A 197 -20.48 -2.77 10.82
CA SER A 197 -20.31 -3.31 9.48
C SER A 197 -19.68 -4.70 9.49
N ASN A 198 -20.20 -5.58 8.63
CA ASN A 198 -19.87 -7.00 8.66
C ASN A 198 -18.88 -7.40 7.58
N SER A 199 -18.06 -6.48 7.09
CA SER A 199 -17.21 -6.76 5.94
C SER A 199 -15.72 -6.76 6.26
N MET A 200 -15.33 -6.54 7.51
CA MET A 200 -13.91 -6.53 7.86
C MET A 200 -13.27 -7.90 7.67
N THR A 201 -12.27 -7.97 6.79
CA THR A 201 -11.61 -9.23 6.48
C THR A 201 -10.86 -9.78 7.69
N ILE A 202 -10.87 -11.11 7.81
CA ILE A 202 -10.42 -11.74 9.05
C ILE A 202 -8.94 -11.54 9.31
N GLN A 203 -8.13 -11.30 8.27
CA GLN A 203 -6.74 -10.92 8.50
C GLN A 203 -6.64 -9.65 9.33
N ALA A 204 -7.62 -8.76 9.25
CA ALA A 204 -7.60 -7.55 10.08
C ALA A 204 -7.98 -7.86 11.52
N ILE A 205 -9.09 -8.57 11.72
CA ILE A 205 -9.50 -8.97 13.07
C ILE A 205 -8.37 -9.72 13.77
N SER A 206 -7.66 -10.57 13.05
CA SER A 206 -6.58 -11.34 13.64
C SER A 206 -5.43 -10.49 14.14
N GLN A 207 -5.39 -9.20 13.86
CA GLN A 207 -4.39 -8.35 14.51
C GLN A 207 -4.58 -8.25 16.02
N ALA A 208 -5.79 -8.53 16.52
CA ALA A 208 -5.99 -8.69 17.96
C ALA A 208 -5.34 -9.93 18.52
N PHE A 209 -4.74 -10.78 17.70
CA PHE A 209 -4.15 -12.03 18.14
C PHE A 209 -2.80 -12.24 17.47
N GLY A 210 -2.02 -11.16 17.34
CA GLY A 210 -0.69 -11.26 16.79
C GLY A 210 -0.64 -11.66 15.33
N GLY A 211 -1.76 -11.58 14.62
CA GLY A 211 -1.78 -11.89 13.22
C GLY A 211 -1.69 -13.35 12.87
N ASN A 212 -1.69 -14.23 13.86
CA ASN A 212 -1.64 -15.68 13.62
C ASN A 212 -3.01 -16.21 13.17
N TYR A 213 -3.52 -15.63 12.08
CA TYR A 213 -4.87 -15.97 11.65
C TYR A 213 -5.01 -17.44 11.27
N GLU A 214 -3.91 -18.14 10.99
CA GLU A 214 -3.99 -19.56 10.70
C GLU A 214 -4.59 -20.36 11.85
N THR A 215 -4.18 -20.12 13.10
CA THR A 215 -4.83 -20.81 14.21
C THR A 215 -6.26 -20.32 14.39
N LEU A 216 -6.49 -19.03 14.23
CA LEU A 216 -7.83 -18.50 14.40
C LEU A 216 -8.80 -19.09 13.39
N LEU A 217 -8.31 -19.61 12.27
CA LEU A 217 -9.15 -20.37 11.36
C LEU A 217 -9.14 -21.87 11.63
N ARG A 218 -8.00 -22.43 12.02
CA ARG A 218 -7.96 -23.85 12.35
C ARG A 218 -8.97 -24.21 13.43
N THR A 219 -9.16 -23.34 14.41
CA THR A 219 -10.14 -23.61 15.45
C THR A 219 -11.56 -23.72 14.94
N LEU A 220 -11.87 -23.21 13.75
CA LEU A 220 -13.23 -23.34 13.24
C LEU A 220 -13.63 -24.78 12.97
N GLY A 221 -12.69 -25.61 12.56
CA GLY A 221 -13.02 -26.98 12.24
C GLY A 221 -13.70 -27.21 10.91
N TYR A 222 -13.63 -26.27 9.98
CA TYR A 222 -14.07 -26.50 8.62
C TYR A 222 -12.89 -26.94 7.77
N ALA A 223 -13.17 -27.77 6.76
CA ALA A 223 -12.14 -28.17 5.80
C ALA A 223 -12.70 -28.13 4.39
N THR A 224 -11.95 -27.51 3.48
CA THR A 224 -12.28 -27.48 2.07
C THR A 224 -11.02 -27.24 1.27
N GLU A 225 -11.03 -27.69 0.00
CA GLU A 225 -9.95 -27.40 -0.92
C GLU A 225 -9.83 -25.91 -1.26
N ASP A 226 -10.92 -25.16 -1.13
CA ASP A 226 -10.94 -23.75 -1.53
C ASP A 226 -10.20 -22.86 -0.55
N PHE A 227 -9.67 -23.43 0.53
CA PHE A 227 -9.31 -22.66 1.71
C PHE A 227 -8.31 -21.56 1.38
N ASP A 228 -7.31 -21.84 0.56
CA ASP A 228 -6.37 -20.80 0.19
C ASP A 228 -7.00 -19.72 -0.68
N ASP A 229 -7.97 -20.08 -1.51
CA ASP A 229 -8.57 -19.11 -2.41
C ASP A 229 -9.57 -18.21 -1.70
N LEU A 230 -10.35 -18.78 -0.79
CA LEU A 230 -11.27 -17.97 0.01
C LEU A 230 -10.51 -16.97 0.87
N LEU A 231 -9.38 -17.38 1.44
CA LEU A 231 -8.51 -16.45 2.14
C LEU A 231 -8.08 -15.31 1.26
N GLU A 232 -7.50 -15.61 0.11
CA GLU A 232 -6.81 -14.59 -0.66
C GLU A 232 -7.75 -13.69 -1.45
N SER A 233 -8.94 -14.15 -1.77
CA SER A 233 -9.95 -13.25 -2.31
C SER A 233 -10.61 -12.37 -1.26
N ASP A 234 -10.11 -12.39 -0.02
CA ASP A 234 -10.66 -11.59 1.07
C ASP A 234 -12.14 -11.89 1.35
N SER A 235 -12.58 -13.13 1.12
CA SER A 235 -13.99 -13.47 1.25
C SER A 235 -14.38 -13.89 2.66
N ILE A 236 -13.41 -14.26 3.49
CA ILE A 236 -13.67 -14.65 4.88
C ILE A 236 -13.64 -13.41 5.76
N THR A 237 -14.69 -13.21 6.56
CA THR A 237 -14.86 -11.95 7.27
C THR A 237 -15.43 -12.19 8.66
N GLY A 238 -15.08 -11.30 9.59
CA GLY A 238 -15.52 -11.38 10.97
C GLY A 238 -16.21 -10.13 11.49
N GLN A 239 -17.35 -10.28 12.15
CA GLN A 239 -18.08 -9.18 12.74
C GLN A 239 -17.98 -9.18 14.27
N ILE A 240 -17.70 -8.00 14.84
CA ILE A 240 -17.66 -7.83 16.29
C ILE A 240 -19.07 -7.85 16.86
N ILE A 241 -19.38 -8.84 17.69
CA ILE A 241 -20.72 -9.01 18.24
C ILE A 241 -20.86 -8.41 19.64
N TYR A 242 -19.82 -8.48 20.45
CA TYR A 242 -19.94 -8.06 21.83
C TYR A 242 -18.58 -7.64 22.37
N VAL A 243 -18.58 -6.77 23.38
CA VAL A 243 -17.35 -6.35 24.02
C VAL A 243 -17.65 -6.07 25.48
N ASP A 244 -16.72 -6.43 26.37
CA ASP A 244 -16.93 -6.26 27.80
C ASP A 244 -15.75 -5.52 28.40
N LEU A 245 -15.98 -4.28 28.82
CA LEU A 245 -14.93 -3.42 29.38
C LEU A 245 -14.40 -3.89 30.72
N SER A 246 -15.08 -4.78 31.43
CA SER A 246 -14.57 -5.26 32.70
C SER A 246 -13.63 -6.46 32.59
N SER A 247 -13.50 -7.06 31.41
CA SER A 247 -12.66 -8.24 31.26
C SER A 247 -11.87 -8.24 29.96
N TYR A 248 -12.08 -7.26 29.09
CA TYR A 248 -11.25 -7.03 27.92
C TYR A 248 -11.23 -8.24 26.98
N TYR A 249 -12.41 -8.74 26.63
CA TYR A 249 -12.53 -9.69 25.54
C TYR A 249 -13.59 -9.21 24.56
N ILE A 250 -13.43 -9.58 23.30
CA ILE A 250 -14.43 -9.32 22.29
C ILE A 250 -14.90 -10.65 21.73
N ILE A 251 -16.16 -10.73 21.36
CA ILE A 251 -16.70 -11.90 20.69
C ILE A 251 -16.89 -11.55 19.22
N VAL A 252 -16.28 -12.32 18.34
CA VAL A 252 -16.42 -12.11 16.90
C VAL A 252 -17.14 -13.30 16.28
N ARG A 253 -18.01 -13.03 15.34
CA ARG A 253 -18.69 -14.03 14.54
C ARG A 253 -17.99 -14.15 13.19
N VAL A 254 -17.55 -15.36 12.84
CA VAL A 254 -16.82 -15.59 11.59
C VAL A 254 -17.75 -16.15 10.53
N TYR A 255 -17.73 -15.55 9.34
CA TYR A 255 -18.54 -15.97 8.20
C TYR A 255 -17.66 -16.72 7.22
N PHE A 256 -18.04 -17.94 6.87
CA PHE A 256 -17.23 -18.79 5.99
C PHE A 256 -17.99 -19.16 4.71
N PRO A 257 -17.66 -18.55 3.58
CA PRO A 257 -18.41 -18.81 2.34
C PRO A 257 -18.12 -20.15 1.71
N ILE A 258 -19.01 -20.55 0.80
CA ILE A 258 -18.73 -21.55 -0.25
C ILE A 258 -18.86 -20.90 -1.61
N LEU A 259 -17.93 -21.24 -2.52
CA LEU A 259 -17.87 -20.60 -3.83
C LEU A 259 -18.94 -21.10 -4.78
N THR A 260 -19.33 -20.23 -5.72
CA THR A 260 -20.23 -20.58 -6.81
C THR A 260 -19.69 -20.07 -8.14
N GLU A 261 -19.81 -20.90 -9.18
CA GLU A 261 -19.71 -20.42 -10.55
C GLU A 261 -20.95 -19.64 -10.96
N ILE A 262 -20.77 -18.70 -11.88
CA ILE A 262 -21.87 -17.98 -12.52
C ILE A 262 -22.05 -18.53 -13.93
N GLN A 263 -23.28 -18.90 -14.26
CA GLN A 263 -23.57 -19.53 -15.54
C GLN A 263 -23.40 -18.57 -16.72
N GLN A 264 -22.97 -19.15 -17.83
CA GLN A 264 -22.81 -18.44 -19.11
C GLN A 264 -21.98 -17.17 -19.00
N ALA A 265 -21.01 -17.16 -18.10
CA ALA A 265 -20.14 -16.01 -17.92
C ALA A 265 -18.70 -16.47 -18.02
N TYR A 266 -17.86 -15.69 -18.67
CA TYR A 266 -16.44 -15.97 -18.70
C TYR A 266 -15.67 -14.67 -18.90
N ILE A 267 -14.40 -14.69 -18.52
CA ILE A 267 -13.51 -13.56 -18.72
C ILE A 267 -12.48 -13.94 -19.78
N GLN A 268 -12.38 -13.13 -20.82
CA GLN A 268 -11.35 -13.27 -21.83
C GLN A 268 -10.23 -12.27 -21.54
N GLU A 269 -9.06 -12.78 -21.17
CA GLU A 269 -7.85 -11.96 -21.15
C GLU A 269 -7.34 -11.73 -22.56
N LEU A 270 -6.81 -10.54 -22.81
CA LEU A 270 -6.11 -10.22 -24.05
C LEU A 270 -4.65 -9.85 -23.80
N LEU A 271 -3.74 -10.50 -24.51
CA LEU A 271 -2.32 -10.18 -24.46
C LEU A 271 -1.99 -9.08 -25.45
N PRO A 272 -1.49 -7.94 -25.03
CA PRO A 272 -1.01 -6.93 -25.98
C PRO A 272 0.36 -7.26 -26.55
N VAL A 273 0.61 -6.76 -27.76
CA VAL A 273 1.94 -6.77 -28.35
C VAL A 273 2.07 -5.52 -29.22
N SER A 274 3.26 -4.92 -29.23
CA SER A 274 3.50 -3.76 -30.08
C SER A 274 3.51 -4.15 -31.55
N PHE A 275 3.21 -3.18 -32.41
CA PHE A 275 3.17 -3.39 -33.84
C PHE A 275 3.73 -2.18 -34.57
N ASN A 276 4.07 -2.39 -35.83
CA ASN A 276 4.58 -1.33 -36.69
C ASN A 276 3.45 -0.54 -37.35
N ASN A 277 3.59 0.78 -37.37
CA ASN A 277 2.83 1.60 -38.31
C ASN A 277 3.65 2.82 -38.68
N ASP A 278 3.60 3.20 -39.97
CA ASP A 278 4.68 3.96 -40.59
C ASP A 278 6.01 3.30 -40.29
N ASN A 279 6.93 4.03 -39.68
CA ASN A 279 8.10 3.44 -39.04
C ASN A 279 7.95 3.34 -37.53
N SER A 280 6.85 3.84 -36.98
CA SER A 280 6.70 3.91 -35.53
C SER A 280 6.13 2.61 -34.96
N GLU A 281 6.51 2.33 -33.73
CA GLU A 281 5.90 1.26 -32.96
C GLU A 281 4.71 1.79 -32.18
N TRP A 282 3.66 0.99 -32.09
CA TRP A 282 2.42 1.43 -31.45
C TRP A 282 1.88 0.32 -30.58
N ILE A 283 1.06 0.69 -29.60
CA ILE A 283 0.31 -0.25 -28.79
C ILE A 283 -1.14 0.19 -28.82
N SER A 284 -2.04 -0.74 -29.13
CA SER A 284 -3.45 -0.44 -29.04
C SER A 284 -3.92 -0.44 -27.60
N ILE A 285 -4.79 0.51 -27.26
CA ILE A 285 -5.23 0.74 -25.89
C ILE A 285 -6.67 0.27 -25.75
N VAL A 286 -6.86 -0.96 -25.30
CA VAL A 286 -8.19 -1.49 -25.01
C VAL A 286 -8.14 -2.25 -23.69
N PRO A 287 -9.30 -2.45 -23.04
CA PRO A 287 -9.29 -3.11 -21.75
C PRO A 287 -8.74 -4.52 -21.86
N ASN A 288 -7.79 -4.86 -20.99
CA ASN A 288 -7.08 -6.12 -21.08
C ASN A 288 -7.87 -7.31 -20.58
N PHE A 289 -8.95 -7.11 -19.81
CA PHE A 289 -9.87 -8.20 -19.50
C PHE A 289 -11.28 -7.83 -19.92
N ILE A 290 -11.85 -8.65 -20.79
CA ILE A 290 -13.19 -8.46 -21.32
C ILE A 290 -14.10 -9.50 -20.71
N LEU A 291 -15.19 -9.05 -20.10
CA LEU A 291 -16.11 -9.93 -19.40
C LEU A 291 -17.39 -10.09 -20.22
N VAL A 292 -17.74 -11.33 -20.53
CA VAL A 292 -18.90 -11.63 -21.35
C VAL A 292 -19.94 -12.33 -20.48
N ARG A 293 -21.13 -11.77 -20.39
CA ARG A 293 -22.26 -12.41 -19.73
C ARG A 293 -23.43 -12.48 -20.69
N ASN A 294 -23.89 -13.70 -20.96
CA ASN A 294 -25.02 -13.93 -21.87
C ASN A 294 -24.83 -13.22 -23.21
N THR A 295 -23.57 -13.11 -23.64
CA THR A 295 -23.12 -12.36 -24.82
C THR A 295 -23.30 -10.85 -24.73
N LEU A 296 -23.66 -10.30 -23.57
CA LEU A 296 -23.39 -8.90 -23.32
C LEU A 296 -21.91 -8.73 -22.99
N ILE A 297 -21.29 -7.69 -23.54
CA ILE A 297 -19.90 -7.36 -23.26
C ILE A 297 -19.84 -6.21 -22.26
N SER A 298 -19.04 -6.36 -21.22
CA SER A 298 -18.95 -5.34 -20.18
C SER A 298 -17.56 -5.41 -19.54
N ASN A 299 -17.24 -4.36 -18.80
CA ASN A 299 -15.89 -4.08 -18.34
C ASN A 299 -15.77 -4.39 -16.86
N ILE A 300 -14.73 -5.15 -16.48
CA ILE A 300 -14.52 -5.54 -15.09
C ILE A 300 -13.32 -4.82 -14.51
N GLU A 301 -13.49 -4.24 -13.31
CA GLU A 301 -12.40 -3.67 -12.52
C GLU A 301 -11.67 -4.77 -11.74
N ILE A 302 -10.91 -5.55 -12.50
CA ILE A 302 -10.35 -6.83 -12.04
C ILE A 302 -9.39 -6.71 -10.86
N GLY A 303 -8.88 -5.52 -10.57
CA GLY A 303 -8.01 -5.36 -9.41
C GLY A 303 -8.60 -5.76 -8.08
N PHE A 304 -9.92 -5.82 -7.97
CA PHE A 304 -10.59 -6.34 -6.78
C PHE A 304 -10.63 -7.87 -6.69
N CYS A 305 -10.08 -8.60 -7.66
CA CYS A 305 -10.28 -10.03 -7.73
C CYS A 305 -8.95 -10.75 -7.87
N LEU A 306 -8.98 -12.07 -7.66
CA LEU A 306 -7.83 -12.93 -7.72
C LEU A 306 -7.81 -13.67 -9.06
N ILE A 307 -6.75 -13.47 -9.84
CA ILE A 307 -6.60 -14.13 -11.14
C ILE A 307 -5.78 -15.41 -10.96
N THR A 308 -6.46 -16.51 -10.69
CA THR A 308 -5.84 -17.82 -10.70
C THR A 308 -5.58 -18.29 -12.13
N LYS A 309 -4.89 -19.43 -12.25
CA LYS A 309 -4.58 -19.99 -13.55
C LYS A 309 -5.81 -20.47 -14.32
N ARG A 310 -6.94 -20.72 -13.64
CA ARG A 310 -8.11 -21.22 -14.33
C ARG A 310 -9.39 -20.42 -14.12
N SER A 311 -9.50 -19.66 -13.04
CA SER A 311 -10.75 -18.95 -12.79
C SER A 311 -10.48 -17.71 -11.96
N VAL A 312 -11.36 -16.73 -12.08
CA VAL A 312 -11.29 -15.48 -11.33
C VAL A 312 -12.22 -15.54 -10.14
N ILE A 313 -11.69 -15.25 -8.96
CA ILE A 313 -12.44 -15.33 -7.70
C ILE A 313 -12.67 -13.92 -7.20
N CYS A 314 -13.94 -13.54 -7.05
CA CYS A 314 -14.28 -12.22 -6.55
C CYS A 314 -15.18 -12.33 -5.33
N ASN A 315 -14.94 -11.47 -4.35
CA ASN A 315 -15.80 -11.42 -3.17
C ASN A 315 -17.14 -10.77 -3.44
N GLN A 316 -17.33 -10.13 -4.60
CA GLN A 316 -18.65 -9.72 -5.04
C GLN A 316 -18.58 -9.38 -6.52
N ASP A 317 -19.75 -9.16 -7.12
CA ASP A 317 -19.81 -8.83 -8.55
C ASP A 317 -19.21 -7.47 -8.84
N TYR A 318 -18.25 -7.42 -9.77
CA TYR A 318 -17.49 -6.20 -10.05
C TYR A 318 -17.58 -5.73 -11.50
N ALA A 319 -18.62 -6.11 -12.23
CA ALA A 319 -18.82 -5.58 -13.58
C ALA A 319 -19.06 -4.07 -13.56
N THR A 320 -18.70 -3.41 -14.66
CA THR A 320 -18.87 -1.99 -14.88
C THR A 320 -19.15 -1.76 -16.37
N PRO A 321 -19.85 -0.68 -16.72
CA PRO A 321 -20.25 -0.48 -18.12
C PRO A 321 -19.11 -0.09 -19.04
N MET A 322 -19.36 -0.24 -20.34
CA MET A 322 -18.40 0.09 -21.39
C MET A 322 -19.03 1.07 -22.37
N THR A 323 -18.24 2.05 -22.82
CA THR A 323 -18.68 2.97 -23.87
C THR A 323 -18.89 2.24 -25.18
N ASN A 324 -19.96 2.60 -25.89
CA ASN A 324 -20.29 1.88 -27.12
C ASN A 324 -19.24 2.09 -28.21
N ASN A 325 -18.59 3.25 -28.24
CA ASN A 325 -17.45 3.45 -29.13
C ASN A 325 -16.32 2.45 -28.87
N MET A 326 -16.08 2.09 -27.61
CA MET A 326 -15.09 1.06 -27.32
C MET A 326 -15.58 -0.31 -27.73
N ARG A 327 -16.83 -0.63 -27.40
CA ARG A 327 -17.39 -1.92 -27.78
C ARG A 327 -17.25 -2.18 -29.26
N GLU A 328 -17.40 -1.14 -30.08
CA GLU A 328 -17.23 -1.31 -31.52
C GLU A 328 -15.85 -1.85 -31.89
N CYS A 329 -14.82 -1.58 -31.10
CA CYS A 329 -13.54 -2.25 -31.33
C CYS A 329 -13.67 -3.75 -31.20
N LEU A 330 -14.27 -4.20 -30.12
CA LEU A 330 -14.25 -5.62 -29.82
C LEU A 330 -15.17 -6.40 -30.77
N THR A 331 -16.27 -5.81 -31.19
CA THR A 331 -17.03 -6.41 -32.28
C THR A 331 -16.50 -6.03 -33.67
N GLY A 332 -15.25 -5.56 -33.79
CA GLY A 332 -14.52 -5.66 -35.05
C GLY A 332 -14.34 -4.41 -35.89
N SER A 333 -14.83 -3.23 -35.47
CA SER A 333 -14.54 -2.00 -36.21
C SER A 333 -13.24 -1.38 -35.70
N THR A 334 -12.12 -1.89 -36.23
CA THR A 334 -10.81 -1.46 -35.77
C THR A 334 -10.54 0.03 -35.96
N GLU A 335 -11.32 0.72 -36.78
CA GLU A 335 -11.14 2.16 -36.92
C GLU A 335 -11.31 2.90 -35.61
N LYS A 336 -12.06 2.33 -34.66
CA LYS A 336 -12.34 2.98 -33.39
C LYS A 336 -11.21 2.91 -32.36
N CYS A 337 -10.29 1.96 -32.48
CA CYS A 337 -9.44 1.59 -31.35
C CYS A 337 -8.29 2.55 -31.19
N PRO A 338 -8.17 3.23 -30.05
CA PRO A 338 -7.06 4.16 -29.84
C PRO A 338 -5.73 3.45 -29.68
N ARG A 339 -4.66 4.16 -29.99
CA ARG A 339 -3.30 3.64 -29.91
C ARG A 339 -2.35 4.68 -29.37
N GLU A 340 -1.39 4.26 -28.56
CA GLU A 340 -0.38 5.14 -27.97
C GLU A 340 1.00 4.87 -28.56
N LEU A 341 1.76 5.94 -28.81
CA LEU A 341 3.08 5.80 -29.38
C LEU A 341 4.03 5.12 -28.39
N VAL A 342 4.88 4.23 -28.91
CA VAL A 342 5.91 3.55 -28.12
C VAL A 342 7.21 4.34 -28.15
N VAL A 343 7.71 4.72 -26.97
CA VAL A 343 8.95 5.48 -26.85
C VAL A 343 9.91 4.90 -25.82
N SER A 344 9.53 3.86 -25.10
CA SER A 344 10.52 3.09 -24.35
C SER A 344 11.23 2.08 -25.26
N SER A 345 12.45 1.72 -24.88
CA SER A 345 13.22 0.78 -25.68
C SER A 345 12.70 -0.65 -25.56
N HIS A 346 12.24 -1.05 -24.38
CA HIS A 346 11.76 -2.42 -24.17
C HIS A 346 10.27 -2.44 -23.89
N VAL A 347 9.53 -3.11 -24.77
CA VAL A 347 8.11 -3.39 -24.56
C VAL A 347 7.86 -4.65 -25.39
N PRO A 348 6.88 -5.49 -25.05
CA PRO A 348 6.80 -6.82 -25.67
C PRO A 348 6.61 -6.74 -27.18
N ARG A 349 7.33 -7.61 -27.88
CA ARG A 349 7.31 -7.61 -29.35
C ARG A 349 6.92 -8.93 -29.98
N PHE A 350 6.59 -9.96 -29.19
CA PHE A 350 5.96 -11.14 -29.75
C PHE A 350 5.15 -11.83 -28.66
N ALA A 351 4.32 -12.77 -29.06
CA ALA A 351 3.60 -13.61 -28.12
C ALA A 351 3.19 -14.90 -28.82
N LEU A 352 2.77 -15.88 -28.03
CA LEU A 352 2.33 -17.17 -28.53
C LEU A 352 0.89 -17.43 -28.11
N SER A 353 0.04 -17.82 -29.06
CA SER A 353 -1.25 -18.40 -28.73
C SER A 353 -1.57 -19.56 -29.68
N ASN A 354 -2.11 -20.63 -29.11
CA ASN A 354 -2.36 -21.88 -29.84
C ASN A 354 -1.15 -22.32 -30.66
N GLY A 355 0.03 -22.08 -30.13
CA GLY A 355 1.26 -22.47 -30.80
C GLY A 355 1.59 -21.70 -32.05
N VAL A 356 0.91 -20.61 -32.33
CA VAL A 356 1.24 -19.73 -33.44
C VAL A 356 1.81 -18.44 -32.88
N LEU A 357 2.96 -18.03 -33.39
CA LEU A 357 3.55 -16.77 -32.97
C LEU A 357 2.86 -15.61 -33.65
N PHE A 358 2.69 -14.52 -32.93
CA PHE A 358 2.44 -13.22 -33.52
C PHE A 358 3.63 -12.33 -33.19
N ALA A 359 4.26 -11.76 -34.21
CA ALA A 359 5.58 -11.19 -34.02
C ALA A 359 5.73 -9.88 -34.76
N ASN A 360 6.35 -8.91 -34.10
CA ASN A 360 6.61 -7.61 -34.70
C ASN A 360 7.98 -7.59 -35.37
N CYS A 361 8.12 -8.46 -36.36
CA CYS A 361 9.42 -8.79 -36.95
C CYS A 361 10.21 -7.63 -37.55
N ILE A 362 9.66 -6.41 -37.58
CA ILE A 362 10.49 -5.26 -37.90
C ILE A 362 11.47 -4.95 -36.78
N SER A 363 11.21 -5.38 -35.55
CA SER A 363 12.02 -5.02 -34.40
C SER A 363 12.66 -6.21 -33.71
N VAL A 364 12.37 -7.43 -34.12
CA VAL A 364 13.06 -8.61 -33.64
C VAL A 364 13.42 -9.49 -34.83
N THR A 365 14.57 -10.14 -34.73
CA THR A 365 15.21 -10.79 -35.87
C THR A 365 14.57 -12.15 -36.21
N CYS A 366 13.27 -12.12 -36.48
CA CYS A 366 12.52 -13.31 -36.83
C CYS A 366 13.19 -14.08 -37.96
N GLN A 367 13.31 -15.39 -37.80
CA GLN A 367 13.86 -16.26 -38.83
C GLN A 367 13.45 -17.69 -38.51
N CYS A 368 13.59 -18.58 -39.48
CA CYS A 368 13.37 -19.99 -39.20
C CYS A 368 14.44 -20.88 -39.77
N GLN A 369 15.02 -21.70 -38.87
CA GLN A 369 16.22 -22.49 -39.13
C GLN A 369 15.99 -23.66 -40.07
N THR A 370 14.74 -24.04 -40.33
CA THR A 370 14.51 -25.14 -41.26
C THR A 370 15.04 -24.83 -42.65
N THR A 371 15.07 -23.56 -43.02
CA THR A 371 15.75 -23.13 -44.25
C THR A 371 16.91 -22.18 -44.01
N GLY A 372 16.98 -21.54 -42.84
CA GLY A 372 17.99 -20.55 -42.55
C GLY A 372 17.72 -19.17 -43.12
N ARG A 373 16.63 -18.99 -43.85
CA ARG A 373 16.28 -17.69 -44.40
C ARG A 373 15.63 -16.81 -43.35
N ALA A 374 15.87 -15.51 -43.45
CA ALA A 374 15.19 -14.53 -42.60
C ALA A 374 13.71 -14.44 -42.93
N ILE A 375 12.95 -13.96 -41.96
CA ILE A 375 11.56 -13.54 -42.15
C ILE A 375 11.52 -12.02 -42.04
N SER A 376 10.84 -11.37 -42.98
CA SER A 376 10.79 -9.91 -43.01
C SER A 376 9.39 -9.41 -43.30
N GLN A 377 8.99 -8.33 -42.63
CA GLN A 377 7.72 -7.67 -42.90
C GLN A 377 7.99 -6.35 -43.61
N SER A 378 7.23 -6.08 -44.67
CA SER A 378 7.20 -4.76 -45.28
C SER A 378 6.39 -3.79 -44.44
N GLY A 379 6.60 -2.50 -44.66
CA GLY A 379 5.94 -1.47 -43.89
C GLY A 379 4.43 -1.49 -43.96
N GLU A 380 3.85 -2.16 -44.95
CA GLU A 380 2.39 -2.26 -45.01
C GLU A 380 1.82 -3.19 -43.95
N GLN A 381 2.60 -4.16 -43.48
CA GLN A 381 2.09 -5.14 -42.52
C GLN A 381 2.35 -4.70 -41.09
N THR A 382 1.31 -4.77 -40.26
CA THR A 382 1.45 -4.42 -38.86
C THR A 382 2.17 -5.51 -38.08
N LEU A 383 1.85 -6.77 -38.35
CA LEU A 383 2.42 -7.92 -37.66
C LEU A 383 2.65 -9.03 -38.67
N LEU A 384 3.41 -10.02 -38.28
CA LEU A 384 3.36 -11.32 -38.94
C LEU A 384 2.83 -12.37 -37.97
N MET A 385 2.04 -13.29 -38.49
CA MET A 385 1.83 -14.58 -37.86
C MET A 385 2.76 -15.59 -38.48
N ILE A 386 3.26 -16.52 -37.67
CA ILE A 386 4.18 -17.55 -38.12
C ILE A 386 3.62 -18.89 -37.68
N ASP A 387 3.58 -19.85 -38.59
CA ASP A 387 3.08 -21.17 -38.24
C ASP A 387 3.82 -22.23 -39.03
N ASN A 388 3.59 -23.51 -38.68
CA ASN A 388 4.38 -24.55 -39.31
C ASN A 388 4.11 -24.72 -40.79
N THR A 389 3.12 -24.05 -41.36
CA THR A 389 2.96 -24.13 -42.81
C THR A 389 3.94 -23.25 -43.57
N THR A 390 4.37 -22.13 -42.98
CA THR A 390 5.45 -21.37 -43.61
C THR A 390 6.81 -21.95 -43.23
N CYS A 391 7.07 -22.20 -41.94
CA CYS A 391 8.25 -22.99 -41.59
C CYS A 391 8.13 -23.61 -40.21
N PRO A 392 8.61 -24.84 -40.02
CA PRO A 392 8.26 -25.62 -38.81
C PRO A 392 8.83 -25.10 -37.51
N THR A 393 10.04 -24.56 -37.48
CA THR A 393 10.61 -24.04 -36.24
C THR A 393 11.27 -22.70 -36.51
N ALA A 394 11.11 -21.78 -35.58
CA ALA A 394 11.48 -20.40 -35.78
C ALA A 394 12.26 -19.90 -34.59
N VAL A 395 13.00 -18.82 -34.80
CA VAL A 395 13.89 -18.25 -33.81
C VAL A 395 13.50 -16.80 -33.58
N LEU A 396 13.46 -16.39 -32.32
CA LEU A 396 13.22 -15.00 -31.97
C LEU A 396 14.22 -14.61 -30.91
N GLY A 397 14.90 -13.50 -31.11
CA GLY A 397 16.10 -13.27 -30.34
C GLY A 397 17.00 -14.48 -30.52
N ASN A 398 17.20 -15.26 -29.46
CA ASN A 398 17.70 -16.63 -29.65
C ASN A 398 16.85 -17.67 -28.94
N VAL A 399 15.60 -17.36 -28.63
CA VAL A 399 14.63 -18.40 -28.30
C VAL A 399 14.33 -19.20 -29.56
N ILE A 400 14.24 -20.52 -29.43
CA ILE A 400 13.90 -21.38 -30.56
C ILE A 400 12.61 -22.11 -30.23
N ILE A 401 11.60 -21.95 -31.09
CA ILE A 401 10.25 -22.46 -30.85
C ILE A 401 9.83 -23.37 -31.99
N SER A 402 9.07 -24.41 -31.69
CA SER A 402 8.40 -25.23 -32.68
C SER A 402 6.91 -24.94 -32.66
N LEU A 403 6.30 -24.85 -33.84
CA LEU A 403 5.04 -24.14 -34.02
C LEU A 403 3.91 -25.06 -34.45
N GLY A 404 2.68 -24.67 -34.11
CA GLY A 404 1.47 -25.31 -34.57
C GLY A 404 1.03 -24.84 -35.93
N LYS A 405 -0.27 -25.01 -36.21
CA LYS A 405 -0.88 -24.50 -37.42
C LYS A 405 -2.05 -23.59 -37.09
N TYR A 406 -2.17 -22.48 -37.82
CA TYR A 406 -3.24 -21.51 -37.59
C TYR A 406 -4.58 -22.05 -38.08
N LEU A 407 -5.64 -21.75 -37.32
CA LEU A 407 -6.97 -22.25 -37.62
C LEU A 407 -7.82 -21.29 -38.45
N GLY A 408 -7.49 -20.01 -38.46
CA GLY A 408 -8.32 -19.02 -39.14
C GLY A 408 -8.05 -18.87 -40.63
N SER A 409 -8.25 -17.66 -41.12
CA SER A 409 -8.05 -17.36 -42.54
C SER A 409 -6.60 -17.54 -42.94
N VAL A 410 -6.41 -18.18 -44.10
CA VAL A 410 -5.08 -18.59 -44.55
C VAL A 410 -4.20 -17.40 -44.92
N ASN A 411 -4.80 -16.30 -45.38
CA ASN A 411 -4.05 -15.19 -45.97
C ASN A 411 -3.59 -14.14 -44.96
N TYR A 412 -3.61 -14.45 -43.65
CA TYR A 412 -3.43 -13.44 -42.62
C TYR A 412 -2.24 -12.52 -42.91
N ASN A 413 -1.16 -13.07 -43.38
CA ASN A 413 0.00 -12.22 -43.63
C ASN A 413 -0.18 -11.29 -44.84
N SER A 414 -1.34 -11.13 -45.47
CA SER A 414 -1.44 -10.33 -46.68
C SER A 414 -2.57 -9.30 -46.68
N GLU A 415 -3.36 -9.20 -45.61
CA GLU A 415 -4.56 -8.36 -45.62
C GLU A 415 -4.26 -6.88 -45.34
N GLY A 416 -3.62 -6.59 -44.20
CA GLY A 416 -3.63 -5.25 -43.65
C GLY A 416 -4.99 -4.84 -43.12
N ILE A 417 -5.05 -3.78 -42.31
CA ILE A 417 -6.31 -3.36 -41.69
C ILE A 417 -6.28 -1.86 -41.42
N ALA A 418 -7.47 -1.27 -41.31
CA ALA A 418 -7.68 0.15 -41.01
C ALA A 418 -7.45 0.47 -39.54
N ILE A 419 -6.26 0.96 -39.20
CA ILE A 419 -5.88 1.31 -37.83
C ILE A 419 -6.42 2.69 -37.43
N GLY A 420 -6.73 2.82 -36.14
CA GLY A 420 -7.45 3.95 -35.58
C GLY A 420 -6.64 5.14 -35.09
N PRO A 421 -7.28 6.00 -34.30
CA PRO A 421 -6.69 7.30 -33.92
C PRO A 421 -5.68 7.19 -32.79
N PRO A 422 -4.66 8.06 -32.80
CA PRO A 422 -3.71 8.12 -31.69
C PRO A 422 -4.27 8.81 -30.44
N VAL A 423 -3.80 8.35 -29.27
CA VAL A 423 -4.22 8.86 -27.97
C VAL A 423 -3.03 8.84 -27.01
N PHE A 424 -3.04 9.74 -26.03
CA PHE A 424 -2.02 9.83 -25.00
C PHE A 424 -2.66 9.72 -23.62
N THR A 425 -2.14 8.81 -22.78
CA THR A 425 -2.83 8.34 -21.58
C THR A 425 -2.37 8.98 -20.27
N ASP A 426 -1.30 9.77 -20.26
CA ASP A 426 -0.80 10.32 -19.01
C ASP A 426 -1.77 11.36 -18.43
N LYS A 427 -1.95 11.31 -17.10
CA LYS A 427 -2.90 12.20 -16.42
C LYS A 427 -2.59 13.67 -16.60
N VAL A 428 -1.32 14.05 -16.68
CA VAL A 428 -1.01 15.45 -16.93
C VAL A 428 -1.23 15.80 -18.40
N ASP A 429 -0.99 14.86 -19.32
CA ASP A 429 -1.37 15.08 -20.70
C ASP A 429 -2.87 15.28 -20.86
N ILE A 430 -3.67 14.43 -20.21
CA ILE A 430 -5.13 14.63 -20.25
C ILE A 430 -5.52 16.01 -19.74
N SER A 431 -4.92 16.44 -18.62
CA SER A 431 -5.22 17.77 -18.11
C SER A 431 -4.86 18.87 -19.11
N SER A 432 -3.89 18.63 -19.99
CA SER A 432 -3.67 19.55 -21.10
C SER A 432 -4.68 19.35 -22.21
N GLN A 433 -4.90 18.10 -22.59
CA GLN A 433 -5.64 17.77 -23.82
C GLN A 433 -7.09 18.23 -23.79
N ILE A 434 -7.74 18.22 -22.63
CA ILE A 434 -9.09 18.78 -22.55
C ILE A 434 -9.11 20.26 -22.89
N SER A 435 -8.16 21.02 -22.33
CA SER A 435 -8.14 22.45 -22.61
C SER A 435 -7.85 22.74 -24.07
N SER A 436 -6.92 22.00 -24.68
CA SER A 436 -6.63 22.21 -26.09
C SER A 436 -7.86 21.95 -26.95
N MET A 437 -8.62 20.91 -26.62
CA MET A 437 -9.88 20.70 -27.32
C MET A 437 -10.83 21.87 -27.12
N ASN A 438 -10.92 22.38 -25.90
CA ASN A 438 -11.87 23.47 -25.64
C ASN A 438 -11.54 24.72 -26.44
N GLN A 439 -10.26 25.10 -26.51
CA GLN A 439 -9.90 26.23 -27.35
C GLN A 439 -10.26 25.99 -28.81
N SER A 440 -10.02 24.78 -29.31
CA SER A 440 -10.37 24.48 -30.70
C SER A 440 -11.88 24.56 -30.93
N LEU A 441 -12.68 24.05 -30.00
CA LEU A 441 -14.12 24.21 -30.11
C LEU A 441 -14.52 25.67 -30.09
N GLN A 442 -13.93 26.46 -29.20
CA GLN A 442 -14.35 27.84 -29.03
C GLN A 442 -14.15 28.68 -30.29
N GLN A 443 -13.03 28.49 -30.99
CA GLN A 443 -12.87 29.16 -32.28
C GLN A 443 -13.95 28.76 -33.27
N SER A 444 -14.33 27.48 -33.29
CA SER A 444 -15.41 27.03 -34.16
C SER A 444 -16.75 27.61 -33.74
N LYS A 445 -17.06 27.58 -32.44
CA LYS A 445 -18.33 28.12 -31.96
C LYS A 445 -18.49 29.60 -32.28
N ASP A 446 -17.42 30.39 -32.16
CA ASP A 446 -17.49 31.81 -32.50
C ASP A 446 -17.78 32.04 -33.98
N TYR A 447 -17.34 31.16 -34.86
CA TYR A 447 -17.71 31.29 -36.26
C TYR A 447 -19.22 31.20 -36.46
N ILE A 448 -19.83 30.16 -35.91
CA ILE A 448 -21.28 29.97 -36.07
C ILE A 448 -22.05 31.12 -35.45
N LYS A 449 -21.69 31.51 -34.23
CA LYS A 449 -22.39 32.59 -33.55
C LYS A 449 -22.36 33.89 -34.34
N GLU A 450 -21.18 34.27 -34.87
CA GLU A 450 -21.10 35.49 -35.66
C GLU A 450 -21.91 35.39 -36.94
N ALA A 451 -21.77 34.28 -37.68
CA ALA A 451 -22.52 34.14 -38.93
C ALA A 451 -24.01 34.19 -38.68
N GLN A 452 -24.48 33.54 -37.62
CA GLN A 452 -25.90 33.56 -37.31
C GLN A 452 -26.36 34.94 -36.87
N ARG A 453 -25.55 35.63 -36.07
CA ARG A 453 -25.93 36.94 -35.54
C ARG A 453 -25.80 38.04 -36.58
N LEU A 454 -24.59 38.24 -37.10
CA LEU A 454 -24.30 39.44 -37.88
C LEU A 454 -24.89 39.38 -39.29
N LEU A 455 -25.14 38.20 -39.83
CA LEU A 455 -25.72 38.04 -41.15
C LEU A 455 -27.02 37.26 -41.07
N ASP A 456 -27.83 37.53 -40.05
CA ASP A 456 -29.09 36.84 -39.84
C ASP A 456 -30.02 36.88 -41.06
N ILE B 1 17.97 23.32 -23.78
CA ILE B 1 16.89 23.23 -24.73
C ILE B 1 15.65 23.98 -24.25
N LEU B 2 14.93 23.45 -23.26
CA LEU B 2 13.71 24.10 -22.79
C LEU B 2 14.01 25.50 -22.25
N HIS B 3 13.06 26.42 -22.48
CA HIS B 3 13.18 27.85 -22.20
C HIS B 3 12.87 28.17 -20.74
N TYR B 4 13.87 27.96 -19.88
CA TYR B 4 13.71 28.17 -18.45
C TYR B 4 13.15 29.54 -18.06
N GLU B 5 13.72 30.64 -18.60
CA GLU B 5 13.30 31.94 -18.07
C GLU B 5 11.92 32.37 -18.53
N LYS B 6 11.43 31.88 -19.67
CA LYS B 6 10.03 32.16 -19.99
C LYS B 6 9.15 31.26 -19.16
N LEU B 7 9.51 29.97 -19.12
CA LEU B 7 8.77 29.00 -18.34
C LEU B 7 8.72 29.39 -16.86
N SER B 8 9.73 30.12 -16.38
CA SER B 8 9.77 30.48 -14.97
C SER B 8 8.64 31.43 -14.57
N LYS B 9 8.28 32.38 -15.44
CA LYS B 9 7.24 33.35 -15.09
C LYS B 9 5.89 32.72 -14.82
N ILE B 10 5.65 31.50 -15.26
CA ILE B 10 4.36 30.86 -14.99
C ILE B 10 4.43 29.98 -13.75
N GLY B 11 5.33 30.29 -12.83
CA GLY B 11 5.37 29.54 -11.60
C GLY B 11 6.16 28.26 -11.60
N LEU B 12 7.27 28.21 -12.32
CA LEU B 12 8.14 27.03 -12.33
C LEU B 12 9.56 27.48 -12.08
N VAL B 13 10.35 26.61 -11.45
CA VAL B 13 11.73 26.93 -11.11
C VAL B 13 12.62 25.73 -11.42
N LYS B 14 13.81 26.00 -11.95
CA LYS B 14 14.76 24.96 -12.35
C LYS B 14 15.29 24.15 -11.17
N GLY B 15 14.96 22.87 -11.15
CA GLY B 15 15.45 21.96 -10.12
C GLY B 15 16.80 21.36 -10.46
N VAL B 16 17.23 20.44 -9.57
CA VAL B 16 18.53 19.78 -9.72
C VAL B 16 18.52 18.79 -10.88
N THR B 17 19.48 18.94 -11.78
CA THR B 17 19.66 18.00 -12.88
C THR B 17 20.19 16.66 -12.37
N ARG B 18 19.55 15.57 -12.76
CA ARG B 18 19.96 14.23 -12.32
C ARG B 18 20.35 13.33 -13.49
N LYS B 19 21.41 12.57 -13.30
CA LYS B 19 21.80 11.56 -14.28
C LYS B 19 20.83 10.40 -14.26
N TYR B 20 20.65 9.76 -15.41
CA TYR B 20 19.73 8.63 -15.54
C TYR B 20 20.53 7.34 -15.61
N LYS B 21 20.32 6.42 -14.66
CA LYS B 21 21.08 5.17 -14.56
C LYS B 21 20.14 3.99 -14.35
N ILE B 22 20.43 2.85 -15.01
CA ILE B 22 19.56 1.68 -14.90
C ILE B 22 20.35 0.37 -14.77
N LYS B 23 19.63 -0.64 -14.29
CA LYS B 23 20.06 -2.04 -14.18
C LYS B 23 20.70 -2.57 -15.46
N SER B 24 21.69 -3.45 -15.31
CA SER B 24 22.25 -4.15 -16.47
C SER B 24 22.99 -5.41 -16.04
N ASN B 25 23.18 -6.32 -17.01
CA ASN B 25 23.97 -7.56 -16.97
C ASN B 25 24.08 -8.31 -15.65
N PRO B 26 22.98 -8.82 -15.11
CA PRO B 26 23.03 -9.47 -13.79
C PRO B 26 23.81 -10.79 -13.75
N LEU B 27 24.51 -11.00 -12.64
CA LEU B 27 25.23 -12.21 -12.27
C LEU B 27 24.28 -13.17 -11.55
N THR B 28 24.66 -14.45 -11.45
CA THR B 28 23.79 -15.44 -10.82
C THR B 28 24.50 -16.34 -9.81
N LYS B 29 23.81 -16.63 -8.70
CA LYS B 29 24.26 -17.48 -7.62
C LYS B 29 23.05 -18.29 -7.15
N ASP B 30 23.23 -19.57 -6.82
CA ASP B 30 22.13 -20.44 -6.41
C ASP B 30 22.18 -20.77 -4.93
N ILE B 31 21.03 -20.68 -4.24
CA ILE B 31 20.92 -20.99 -2.82
C ILE B 31 19.65 -21.80 -2.57
N VAL B 32 19.67 -22.56 -1.48
CA VAL B 32 18.58 -23.44 -1.07
C VAL B 32 17.91 -22.92 0.19
N ILE B 33 16.59 -22.79 0.17
CA ILE B 33 15.81 -22.43 1.35
C ILE B 33 15.08 -23.68 1.81
N LYS B 34 15.26 -24.06 3.07
CA LYS B 34 14.60 -25.22 3.64
C LYS B 34 13.47 -24.73 4.54
N MET B 35 12.23 -25.06 4.18
CA MET B 35 11.08 -24.48 4.83
C MET B 35 10.66 -25.16 6.13
N ILE B 36 11.00 -26.42 6.36
CA ILE B 36 10.63 -27.12 7.59
C ILE B 36 11.86 -27.27 8.48
N PRO B 37 11.79 -26.85 9.73
CA PRO B 37 12.96 -26.94 10.63
C PRO B 37 13.21 -28.36 11.11
N ASN B 38 14.37 -28.54 11.74
CA ASN B 38 14.80 -29.82 12.30
C ASN B 38 14.60 -29.81 13.81
N VAL B 39 13.99 -30.88 14.34
CA VAL B 39 13.64 -30.96 15.76
C VAL B 39 14.17 -32.19 16.48
N SER B 40 15.14 -32.89 15.91
CA SER B 40 15.65 -34.12 16.54
C SER B 40 16.20 -33.91 17.95
N ASN B 41 16.61 -32.69 18.31
CA ASN B 41 17.08 -32.43 19.68
C ASN B 41 16.00 -32.65 20.74
N MET B 42 14.74 -32.50 20.39
CA MET B 42 13.66 -32.61 21.36
C MET B 42 12.42 -33.29 20.77
N SER B 43 12.66 -34.25 19.88
CA SER B 43 11.61 -34.96 19.17
C SER B 43 10.51 -35.51 20.07
N GLN B 44 10.85 -35.97 21.28
CA GLN B 44 9.84 -36.54 22.16
C GLN B 44 8.70 -35.58 22.53
N CYS B 45 8.87 -34.27 22.33
CA CYS B 45 7.79 -33.33 22.63
C CYS B 45 7.25 -32.63 21.37
N THR B 46 7.41 -33.23 20.20
CA THR B 46 6.82 -32.68 18.98
C THR B 46 5.43 -33.24 18.70
N GLY B 47 5.16 -34.46 19.15
CA GLY B 47 3.87 -35.09 18.92
C GLY B 47 3.46 -35.12 17.45
N SER B 48 2.19 -34.84 17.20
CA SER B 48 1.63 -34.81 15.86
C SER B 48 1.78 -33.49 15.13
N VAL B 49 2.32 -32.45 15.75
CA VAL B 49 2.32 -31.13 15.12
C VAL B 49 3.06 -31.15 13.78
N MET B 50 4.13 -31.94 13.68
CA MET B 50 4.87 -31.97 12.42
C MET B 50 4.11 -32.66 11.29
N GLU B 51 3.23 -33.60 11.62
CA GLU B 51 2.45 -34.23 10.56
C GLU B 51 1.37 -33.30 10.02
N ASN B 52 0.69 -32.58 10.91
CA ASN B 52 -0.28 -31.59 10.45
C ASN B 52 0.38 -30.51 9.62
N TYR B 53 1.54 -30.03 10.07
CA TYR B 53 2.24 -29.00 9.32
C TYR B 53 2.59 -29.46 7.91
N LYS B 54 3.24 -30.61 7.78
CA LYS B 54 3.56 -31.12 6.45
C LYS B 54 2.31 -31.29 5.60
N THR B 55 1.22 -31.75 6.21
CA THR B 55 -0.02 -31.91 5.46
C THR B 55 -0.50 -30.58 4.89
N ARG B 56 -0.34 -29.49 5.64
CA ARG B 56 -0.76 -28.20 5.11
C ARG B 56 0.26 -27.61 4.16
N LEU B 57 1.55 -27.61 4.53
CA LEU B 57 2.53 -26.97 3.66
C LEU B 57 2.63 -27.66 2.32
N ASN B 58 2.47 -28.98 2.29
CA ASN B 58 2.44 -29.66 1.00
C ASN B 58 1.34 -29.10 0.12
N GLY B 59 0.21 -28.71 0.72
CA GLY B 59 -0.90 -28.17 -0.02
C GLY B 59 -0.64 -26.85 -0.71
N ILE B 60 0.39 -26.09 -0.31
CA ILE B 60 0.70 -24.85 -1.00
C ILE B 60 1.91 -24.95 -1.91
N LEU B 61 2.78 -25.95 -1.73
CA LEU B 61 3.86 -26.11 -2.69
C LEU B 61 3.44 -26.90 -3.93
N THR B 62 2.51 -27.84 -3.81
CA THR B 62 2.12 -28.60 -4.99
C THR B 62 1.56 -27.74 -6.12
N PRO B 63 0.83 -26.64 -5.91
CA PRO B 63 0.42 -25.85 -7.07
C PRO B 63 1.59 -25.16 -7.76
N ILE B 64 2.62 -24.76 -7.02
CA ILE B 64 3.79 -24.13 -7.63
C ILE B 64 4.51 -25.12 -8.54
N LYS B 65 4.79 -26.32 -8.03
CA LYS B 65 5.48 -27.32 -8.84
C LYS B 65 4.68 -27.65 -10.09
N GLY B 66 3.37 -27.85 -9.94
CA GLY B 66 2.55 -28.15 -11.10
C GLY B 66 2.64 -27.10 -12.19
N ALA B 67 2.68 -25.83 -11.80
CA ALA B 67 2.78 -24.75 -12.78
C ALA B 67 4.16 -24.68 -13.41
N LEU B 68 5.18 -25.16 -12.72
CA LEU B 68 6.54 -25.10 -13.20
C LEU B 68 6.92 -26.30 -14.06
N GLU B 69 6.31 -27.46 -13.82
CA GLU B 69 6.61 -28.65 -14.62
C GLU B 69 6.37 -28.44 -16.11
N ILE B 70 5.47 -27.53 -16.47
CA ILE B 70 5.13 -27.33 -17.88
C ILE B 70 6.37 -27.04 -18.71
N TYR B 71 7.06 -25.94 -18.41
CA TYR B 71 8.26 -25.60 -19.16
C TYR B 71 9.41 -26.55 -18.88
N LYS B 72 9.42 -27.16 -17.69
CA LYS B 72 10.55 -28.01 -17.31
C LYS B 72 10.60 -29.34 -18.04
N ASN B 73 9.49 -29.83 -18.58
CA ASN B 73 9.57 -31.09 -19.31
C ASN B 73 9.02 -31.05 -20.73
N ASN B 74 8.48 -29.92 -21.18
CA ASN B 74 8.05 -29.75 -22.56
C ASN B 74 9.13 -29.07 -23.42
N THR B 75 10.40 -29.19 -23.04
CA THR B 75 11.51 -28.56 -23.77
C THR B 75 12.65 -29.55 -23.88
N HIS B 76 13.47 -29.39 -24.91
CA HIS B 76 14.58 -30.31 -25.14
C HIS B 76 15.80 -29.56 -25.62
N ASP B 77 16.95 -30.22 -25.50
CA ASP B 77 18.19 -29.70 -26.05
C ASP B 77 18.26 -29.95 -27.55
N LEU B 78 18.73 -28.97 -28.30
CA LEU B 78 18.81 -29.11 -29.75
C LEU B 78 19.90 -30.08 -30.16
N VAL B 79 19.58 -30.90 -31.16
CA VAL B 79 20.50 -31.91 -31.67
C VAL B 79 20.38 -31.92 -33.19
N GLY B 80 21.42 -32.40 -33.85
CA GLY B 80 21.44 -32.46 -35.30
C GLY B 80 21.95 -31.20 -35.98
N ASP B 81 22.52 -30.26 -35.23
CA ASP B 81 23.08 -29.05 -35.81
C ASP B 81 24.28 -28.63 -34.98
N VAL B 82 25.19 -27.88 -35.61
CA VAL B 82 26.38 -27.41 -34.93
C VAL B 82 26.56 -25.91 -35.16
N ARG B 83 25.81 -25.35 -36.11
CA ARG B 83 25.90 -23.91 -36.36
C ARG B 83 25.33 -23.12 -35.19
N LEU B 84 24.41 -23.71 -34.44
CA LEU B 84 23.78 -23.07 -33.30
C LEU B 84 23.64 -24.09 -32.20
N ALA B 85 23.76 -23.64 -30.96
CA ALA B 85 23.59 -24.51 -29.80
C ALA B 85 22.59 -23.87 -28.85
N GLY B 86 21.57 -24.63 -28.46
CA GLY B 86 20.56 -24.11 -27.57
C GLY B 86 19.43 -25.10 -27.40
N VAL B 87 18.41 -24.64 -26.68
CA VAL B 87 17.20 -25.42 -26.44
C VAL B 87 16.22 -25.29 -27.59
N ILE B 88 15.17 -26.10 -27.55
CA ILE B 88 14.06 -26.03 -28.48
C ILE B 88 12.80 -26.20 -27.65
N MET B 89 11.77 -25.40 -27.92
CA MET B 89 10.58 -25.40 -27.09
C MET B 89 9.37 -25.90 -27.86
N ALA B 90 8.59 -26.77 -27.21
CA ALA B 90 7.38 -27.35 -27.80
C ALA B 90 6.24 -26.35 -27.70
N GLY B 91 6.25 -25.38 -28.61
CA GLY B 91 5.20 -24.37 -28.62
C GLY B 91 3.80 -24.95 -28.69
N VAL B 92 3.65 -26.05 -29.43
CA VAL B 92 2.35 -26.70 -29.53
C VAL B 92 1.83 -27.10 -28.16
N ALA B 93 2.70 -27.60 -27.30
CA ALA B 93 2.28 -28.02 -25.97
C ALA B 93 2.18 -26.87 -24.98
N ILE B 94 3.02 -25.84 -25.11
CA ILE B 94 2.93 -24.71 -24.20
C ILE B 94 1.64 -23.94 -24.40
N GLY B 95 1.21 -23.81 -25.65
CA GLY B 95 -0.06 -23.18 -25.95
C GLY B 95 -0.11 -21.67 -25.90
N ILE B 96 -0.30 -21.09 -24.72
CA ILE B 96 -0.44 -19.65 -24.55
C ILE B 96 0.63 -19.15 -23.60
N ALA B 97 1.46 -18.22 -24.07
CA ALA B 97 2.51 -17.69 -23.21
C ALA B 97 3.00 -16.35 -23.74
N THR B 98 3.37 -15.47 -22.82
CA THR B 98 3.90 -14.16 -23.15
C THR B 98 5.38 -14.28 -23.51
N ALA B 99 5.88 -13.25 -24.20
CA ALA B 99 7.28 -13.27 -24.60
C ALA B 99 8.21 -13.30 -23.40
N ALA B 100 7.91 -12.52 -22.37
CA ALA B 100 8.74 -12.54 -21.17
C ALA B 100 8.71 -13.91 -20.50
N GLN B 101 7.53 -14.51 -20.41
CA GLN B 101 7.40 -15.83 -19.79
C GLN B 101 8.16 -16.89 -20.57
N ILE B 102 8.10 -16.85 -21.90
CA ILE B 102 8.85 -17.80 -22.70
C ILE B 102 10.34 -17.64 -22.45
N THR B 103 10.81 -16.39 -22.36
CA THR B 103 12.23 -16.17 -22.10
C THR B 103 12.63 -16.79 -20.77
N ALA B 104 11.81 -16.63 -19.74
CA ALA B 104 12.13 -17.23 -18.45
C ALA B 104 12.18 -18.75 -18.55
N GLY B 105 11.38 -19.33 -19.45
CA GLY B 105 11.45 -20.75 -19.65
C GLY B 105 12.81 -21.23 -20.08
N VAL B 106 13.49 -20.44 -20.90
CA VAL B 106 14.85 -20.80 -21.32
C VAL B 106 15.81 -20.73 -20.13
N ALA B 107 15.73 -19.65 -19.35
CA ALA B 107 16.59 -19.51 -18.19
C ALA B 107 16.38 -20.65 -17.21
N LEU B 108 15.13 -21.08 -17.03
CA LEU B 108 14.86 -22.18 -16.12
C LEU B 108 15.57 -23.44 -16.58
N TYR B 109 15.44 -23.80 -17.85
CA TYR B 109 16.13 -24.98 -18.35
C TYR B 109 17.63 -24.82 -18.22
N GLU B 110 18.15 -23.65 -18.56
CA GLU B 110 19.59 -23.44 -18.45
C GLU B 110 20.07 -23.62 -17.01
N ALA B 111 19.25 -23.19 -16.04
CA ALA B 111 19.62 -23.34 -14.64
C ALA B 111 19.39 -24.75 -14.11
N MET B 112 18.41 -25.47 -14.64
CA MET B 112 18.11 -26.81 -14.14
C MET B 112 19.34 -27.71 -14.17
N LYS B 113 20.22 -27.54 -15.16
CA LYS B 113 21.43 -28.35 -15.21
C LYS B 113 22.27 -28.22 -13.94
N ASN B 114 22.46 -26.99 -13.46
CA ASN B 114 23.26 -26.81 -12.25
C ASN B 114 22.50 -27.27 -11.00
N ALA B 115 21.20 -27.01 -10.95
CA ALA B 115 20.40 -27.43 -9.81
C ALA B 115 20.47 -28.93 -9.56
N ASP B 116 20.71 -29.71 -10.61
CA ASP B 116 20.79 -31.15 -10.39
C ASP B 116 22.03 -31.57 -9.61
N ASN B 117 23.06 -30.73 -9.53
CA ASN B 117 24.17 -31.04 -8.64
C ASN B 117 23.72 -30.94 -7.19
N ILE B 118 22.99 -29.87 -6.86
CA ILE B 118 22.47 -29.68 -5.52
C ILE B 118 21.55 -30.82 -5.13
N ASN B 119 20.82 -31.34 -6.11
CA ASN B 119 19.89 -32.44 -5.86
C ASN B 119 20.56 -33.68 -5.28
N LYS B 120 21.87 -33.85 -5.48
CA LYS B 120 22.56 -35.01 -4.90
C LYS B 120 22.85 -34.87 -3.41
N LEU B 121 22.80 -33.66 -2.87
CA LEU B 121 23.06 -33.42 -1.45
C LEU B 121 21.83 -33.68 -0.58
N LYS B 122 20.77 -34.25 -1.13
CA LYS B 122 19.50 -34.43 -0.41
C LYS B 122 19.66 -34.98 0.99
N SER B 123 20.57 -35.93 1.19
CA SER B 123 20.77 -36.47 2.53
C SER B 123 21.31 -35.45 3.52
N SER B 124 22.20 -34.55 3.06
CA SER B 124 22.72 -33.51 3.94
C SER B 124 21.72 -32.40 4.20
N ILE B 125 20.92 -32.04 3.19
CA ILE B 125 19.92 -30.99 3.35
C ILE B 125 18.99 -31.31 4.50
N GLU B 126 18.51 -32.55 4.56
CA GLU B 126 17.62 -32.99 5.62
C GLU B 126 18.29 -33.01 6.99
N SER B 127 19.61 -33.06 7.07
CA SER B 127 20.32 -33.15 8.33
C SER B 127 20.85 -31.81 8.86
N THR B 128 20.51 -30.68 8.24
CA THR B 128 20.95 -29.40 8.75
C THR B 128 20.41 -29.15 10.15
N ASN B 129 21.15 -28.36 10.94
CA ASN B 129 20.70 -28.03 12.28
C ASN B 129 21.11 -26.62 12.73
N GLU B 130 21.33 -25.70 11.79
CA GLU B 130 21.58 -24.29 12.09
C GLU B 130 20.80 -23.43 11.11
N ALA B 131 20.65 -22.15 11.47
CA ALA B 131 19.95 -21.23 10.57
C ALA B 131 20.69 -21.05 9.26
N VAL B 132 22.01 -21.05 9.29
CA VAL B 132 22.81 -20.95 8.09
C VAL B 132 23.88 -22.02 8.16
N VAL B 133 24.06 -22.76 7.08
CA VAL B 133 25.08 -23.80 7.03
C VAL B 133 25.64 -23.87 5.62
N LYS B 134 26.90 -24.27 5.51
CA LYS B 134 27.60 -24.35 4.25
C LYS B 134 27.89 -25.79 3.90
N LEU B 135 27.52 -26.20 2.69
CA LEU B 135 27.69 -27.58 2.25
C LEU B 135 28.57 -27.65 1.03
N GLN B 136 29.37 -28.71 0.94
CA GLN B 136 30.24 -28.96 -0.21
C GLN B 136 29.43 -29.57 -1.34
N GLU B 137 29.13 -28.78 -2.37
CA GLU B 137 28.42 -29.34 -3.53
C GLU B 137 29.29 -30.38 -4.21
N THR B 138 30.56 -30.06 -4.37
CA THR B 138 31.62 -30.91 -4.87
C THR B 138 32.87 -30.42 -4.19
N ALA B 139 34.00 -31.07 -4.46
CA ALA B 139 35.24 -30.50 -3.94
C ALA B 139 35.50 -29.14 -4.53
N GLU B 140 34.87 -28.83 -5.67
CA GLU B 140 35.05 -27.59 -6.41
C GLU B 140 34.03 -26.50 -6.09
N LYS B 141 32.89 -26.81 -5.46
CA LYS B 141 31.84 -25.83 -5.32
C LYS B 141 31.07 -26.04 -4.01
N THR B 142 30.53 -24.93 -3.47
CA THR B 142 29.77 -24.95 -2.23
C THR B 142 28.41 -24.27 -2.39
N VAL B 143 27.43 -24.76 -1.63
CA VAL B 143 26.08 -24.23 -1.62
C VAL B 143 25.67 -23.92 -0.19
N TYR B 144 24.88 -22.87 0.01
CA TYR B 144 24.40 -22.46 1.33
C TYR B 144 22.94 -22.84 1.54
N VAL B 145 22.64 -23.38 2.72
CA VAL B 145 21.30 -23.76 3.14
C VAL B 145 20.79 -22.82 4.22
N LEU B 146 19.61 -22.26 4.03
CA LEU B 146 18.97 -21.38 5.02
C LEU B 146 17.72 -22.08 5.57
N THR B 147 17.66 -22.24 6.88
CA THR B 147 16.56 -22.93 7.55
C THR B 147 15.59 -21.92 8.14
N ALA B 148 14.29 -22.17 7.95
CA ALA B 148 13.25 -21.24 8.36
C ALA B 148 13.30 -20.82 9.82
N LEU B 149 13.15 -21.76 10.76
CA LEU B 149 13.01 -21.41 12.16
C LEU B 149 14.01 -22.08 13.09
N GLN B 150 15.15 -22.54 12.57
CA GLN B 150 16.08 -23.27 13.42
C GLN B 150 16.61 -22.42 14.57
N ASP B 151 16.72 -21.10 14.42
CA ASP B 151 17.23 -20.31 15.54
C ASP B 151 16.26 -20.28 16.71
N TYR B 152 14.96 -20.12 16.42
CA TYR B 152 13.97 -20.10 17.49
C TYR B 152 13.94 -21.41 18.26
N ILE B 153 14.00 -22.53 17.55
CA ILE B 153 14.02 -23.82 18.21
C ILE B 153 15.30 -23.98 19.02
N ASN B 154 16.44 -23.66 18.41
CA ASN B 154 17.71 -23.79 19.12
C ASN B 154 17.84 -22.81 20.29
N THR B 155 17.14 -21.68 20.26
CA THR B 155 17.33 -20.67 21.30
C THR B 155 16.26 -20.69 22.39
N ASN B 156 14.99 -20.79 22.05
CA ASN B 156 13.96 -20.72 23.08
C ASN B 156 13.46 -22.06 23.56
N LEU B 157 13.21 -23.01 22.67
CA LEU B 157 12.65 -24.29 23.09
C LEU B 157 13.69 -25.26 23.64
N VAL B 158 14.79 -25.50 22.92
CA VAL B 158 15.78 -26.47 23.38
C VAL B 158 16.33 -26.18 24.77
N PRO B 159 16.56 -24.94 25.19
CA PRO B 159 17.03 -24.75 26.57
C PRO B 159 15.97 -24.98 27.64
N THR B 160 14.73 -24.58 27.40
CA THR B 160 13.68 -24.66 28.42
C THR B 160 13.00 -26.02 28.48
N ILE B 161 13.44 -26.98 27.67
CA ILE B 161 12.82 -28.30 27.58
C ILE B 161 12.67 -28.98 28.94
N ASP B 162 13.47 -28.58 29.93
CA ASP B 162 13.36 -29.17 31.25
C ASP B 162 12.42 -28.42 32.20
N LYS B 163 12.21 -27.13 32.00
CA LYS B 163 11.35 -26.39 32.92
C LYS B 163 9.90 -26.39 32.48
N ILE B 164 9.65 -26.13 31.21
CA ILE B 164 8.28 -26.10 30.70
C ILE B 164 7.83 -27.54 30.49
N SER B 165 6.56 -27.81 30.75
CA SER B 165 6.05 -29.16 30.54
C SER B 165 6.19 -29.55 29.07
N CYS B 166 6.14 -30.86 28.82
CA CYS B 166 6.21 -31.36 27.45
C CYS B 166 5.01 -30.88 26.64
N LYS B 167 3.82 -30.86 27.24
CA LYS B 167 2.64 -30.37 26.54
C LYS B 167 2.80 -28.92 26.12
N GLN B 168 3.19 -28.06 27.06
CA GLN B 168 3.33 -26.65 26.72
C GLN B 168 4.50 -26.39 25.78
N THR B 169 5.51 -27.25 25.77
CA THR B 169 6.56 -27.10 24.78
C THR B 169 6.00 -27.35 23.39
N GLU B 170 5.23 -28.43 23.24
CA GLU B 170 4.61 -28.74 21.96
C GLU B 170 3.71 -27.60 21.50
N LEU B 171 2.90 -27.07 22.41
CA LEU B 171 2.02 -25.97 22.05
C LEU B 171 2.80 -24.71 21.68
N SER B 172 3.86 -24.41 22.40
CA SER B 172 4.66 -23.24 22.07
C SER B 172 5.35 -23.38 20.73
N LEU B 173 5.51 -24.61 20.25
CA LEU B 173 6.06 -24.85 18.93
C LEU B 173 4.98 -24.66 17.87
N ASP B 174 3.78 -25.16 18.14
CA ASP B 174 2.68 -25.06 17.20
C ASP B 174 2.40 -23.62 16.83
N LEU B 175 2.32 -22.73 17.83
CA LEU B 175 2.06 -21.32 17.55
C LEU B 175 3.11 -20.73 16.60
N ALA B 176 4.38 -21.12 16.75
CA ALA B 176 5.40 -20.56 15.88
C ALA B 176 5.22 -21.01 14.44
N LEU B 177 5.00 -22.31 14.23
CA LEU B 177 4.76 -22.79 12.87
C LEU B 177 3.55 -22.13 12.25
N SER B 178 2.47 -21.99 13.02
CA SER B 178 1.26 -21.39 12.49
C SER B 178 1.46 -19.92 12.16
N LYS B 179 2.18 -19.20 13.02
CA LYS B 179 2.50 -17.80 12.74
C LYS B 179 3.28 -17.67 11.44
N TYR B 180 4.28 -18.53 11.26
CA TYR B 180 5.08 -18.51 10.05
C TYR B 180 4.24 -18.74 8.81
N LEU B 181 3.35 -19.74 8.84
CA LEU B 181 2.48 -19.97 7.69
C LEU B 181 1.56 -18.78 7.43
N SER B 182 1.07 -18.14 8.49
CA SER B 182 0.18 -17.00 8.31
C SER B 182 0.86 -15.88 7.54
N ASP B 183 2.17 -15.76 7.67
CA ASP B 183 2.92 -14.76 6.92
C ASP B 183 3.26 -15.24 5.52
N LEU B 184 3.73 -16.47 5.40
CA LEU B 184 4.17 -17.02 4.12
C LEU B 184 3.10 -16.96 3.02
N LEU B 185 1.84 -17.15 3.38
CA LEU B 185 0.78 -17.19 2.36
C LEU B 185 0.69 -15.91 1.51
N PHE B 186 1.08 -14.77 2.04
CA PHE B 186 0.98 -13.55 1.23
C PHE B 186 1.93 -13.54 0.05
N VAL B 187 2.94 -14.40 0.01
CA VAL B 187 3.87 -14.44 -1.10
C VAL B 187 3.71 -15.70 -1.92
N PHE B 188 3.66 -16.86 -1.29
CA PHE B 188 3.57 -18.13 -1.98
C PHE B 188 2.15 -18.66 -2.11
N GLY B 189 1.15 -17.92 -1.63
CA GLY B 189 -0.22 -18.33 -1.77
C GLY B 189 -0.69 -18.18 -3.20
N PRO B 190 -2.00 -18.07 -3.40
CA PRO B 190 -2.53 -17.98 -4.77
C PRO B 190 -2.01 -16.80 -5.58
N ASN B 191 -1.40 -15.79 -4.96
CA ASN B 191 -0.85 -14.68 -5.73
C ASN B 191 0.32 -15.10 -6.61
N LEU B 192 0.91 -16.26 -6.37
CA LEU B 192 2.07 -16.72 -7.12
C LEU B 192 1.68 -17.79 -8.13
N GLN B 193 0.83 -17.41 -9.08
CA GLN B 193 0.39 -18.37 -10.10
C GLN B 193 1.36 -18.52 -11.25
N ASP B 194 2.36 -17.65 -11.40
CA ASP B 194 3.34 -17.71 -12.48
C ASP B 194 4.78 -17.84 -11.98
N PRO B 195 5.08 -18.85 -11.17
CA PRO B 195 6.44 -18.96 -10.60
C PRO B 195 7.56 -19.03 -11.61
N VAL B 196 7.27 -19.32 -12.89
CA VAL B 196 8.33 -19.32 -13.89
C VAL B 196 8.94 -17.93 -14.10
N SER B 197 8.15 -16.87 -13.88
CA SER B 197 8.65 -15.51 -14.09
C SER B 197 9.85 -15.21 -13.20
N ASN B 198 10.80 -14.45 -13.75
CA ASN B 198 12.05 -14.11 -13.08
C ASN B 198 12.09 -12.69 -12.54
N SER B 199 10.95 -12.08 -12.27
CA SER B 199 10.95 -10.68 -11.82
C SER B 199 10.61 -10.48 -10.36
N MET B 200 10.32 -11.53 -9.60
CA MET B 200 9.98 -11.36 -8.19
C MET B 200 11.15 -10.82 -7.38
N THR B 201 10.95 -9.65 -6.76
CA THR B 201 12.00 -9.02 -5.98
C THR B 201 12.39 -9.87 -4.77
N ILE B 202 13.67 -9.83 -4.42
CA ILE B 202 14.21 -10.73 -3.40
C ILE B 202 13.60 -10.46 -2.03
N GLN B 203 13.12 -9.24 -1.77
CA GLN B 203 12.43 -9.01 -0.51
C GLN B 203 11.18 -9.87 -0.38
N ALA B 204 10.59 -10.27 -1.50
CA ALA B 204 9.42 -11.15 -1.44
C ALA B 204 9.84 -12.58 -1.18
N ILE B 205 10.79 -13.09 -1.96
CA ILE B 205 11.29 -14.45 -1.76
C ILE B 205 11.75 -14.64 -0.32
N SER B 206 12.40 -13.62 0.25
CA SER B 206 12.90 -13.73 1.60
C SER B 206 11.81 -13.91 2.65
N GLN B 207 10.54 -13.78 2.30
CA GLN B 207 9.50 -14.05 3.29
C GLN B 207 9.48 -15.51 3.70
N ALA B 208 10.05 -16.39 2.90
CA ALA B 208 10.21 -17.80 3.26
C ALA B 208 11.26 -18.00 4.34
N PHE B 209 11.93 -16.94 4.76
CA PHE B 209 13.02 -17.02 5.72
C PHE B 209 12.92 -15.86 6.72
N GLY B 210 11.72 -15.62 7.21
CA GLY B 210 11.48 -14.60 8.21
C GLY B 210 11.74 -13.19 7.74
N GLY B 211 11.92 -12.99 6.44
CA GLY B 211 12.19 -11.67 5.91
C GLY B 211 13.56 -11.12 6.19
N ASN B 212 14.45 -11.93 6.77
CA ASN B 212 15.82 -11.50 7.07
C ASN B 212 16.66 -11.53 5.79
N TYR B 213 16.22 -10.78 4.78
CA TYR B 213 16.92 -10.78 3.50
C TYR B 213 18.36 -10.31 3.60
N GLU B 214 18.73 -9.60 4.66
CA GLU B 214 20.12 -9.17 4.81
C GLU B 214 21.08 -10.35 4.84
N THR B 215 20.76 -11.40 5.62
CA THR B 215 21.65 -12.57 5.61
C THR B 215 21.57 -13.30 4.28
N LEU B 216 20.37 -13.39 3.70
CA LEU B 216 20.22 -14.08 2.44
C LEU B 216 21.04 -13.41 1.35
N LEU B 217 21.34 -12.12 1.49
CA LEU B 217 22.24 -11.44 0.57
C LEU B 217 23.69 -11.55 0.99
N ARG B 218 23.97 -11.45 2.29
CA ARG B 218 25.35 -11.57 2.76
C ARG B 218 25.98 -12.88 2.32
N THR B 219 25.20 -13.96 2.30
CA THR B 219 25.76 -15.25 1.91
C THR B 219 26.22 -15.28 0.46
N LEU B 220 25.75 -14.36 -0.39
CA LEU B 220 26.18 -14.39 -1.78
C LEU B 220 27.67 -14.10 -1.92
N GLY B 221 28.23 -13.27 -1.05
CA GLY B 221 29.64 -12.96 -1.16
C GLY B 221 30.01 -11.88 -2.13
N TYR B 222 29.06 -11.12 -2.65
CA TYR B 222 29.38 -9.98 -3.51
C TYR B 222 29.46 -8.72 -2.67
N ALA B 223 30.26 -7.76 -3.13
CA ALA B 223 30.36 -6.48 -2.44
C ALA B 223 30.45 -5.35 -3.45
N THR B 224 29.69 -4.29 -3.22
CA THR B 224 29.68 -3.11 -4.06
C THR B 224 29.05 -1.95 -3.30
N GLU B 225 29.44 -0.73 -3.67
CA GLU B 225 28.86 0.46 -3.06
C GLU B 225 27.40 0.67 -3.44
N ASP B 226 26.97 0.12 -4.56
CA ASP B 226 25.62 0.26 -5.06
C ASP B 226 24.62 -0.60 -4.28
N PHE B 227 25.10 -1.36 -3.31
CA PHE B 227 24.27 -2.38 -2.66
C PHE B 227 23.00 -1.79 -2.07
N ASP B 228 23.08 -0.63 -1.41
CA ASP B 228 21.85 -0.04 -0.88
C ASP B 228 20.93 0.45 -1.98
N ASP B 229 21.48 0.89 -3.11
CA ASP B 229 20.65 1.40 -4.20
C ASP B 229 19.97 0.28 -4.98
N LEU B 230 20.71 -0.80 -5.25
CA LEU B 230 20.13 -1.92 -5.96
C LEU B 230 18.99 -2.55 -5.16
N LEU B 231 19.12 -2.58 -3.85
CA LEU B 231 18.05 -3.09 -2.99
C LEU B 231 16.79 -2.26 -3.13
N GLU B 232 16.89 -0.96 -2.92
CA GLU B 232 15.71 -0.12 -2.91
C GLU B 232 15.11 0.09 -4.29
N SER B 233 15.91 -0.01 -5.35
CA SER B 233 15.33 0.11 -6.67
C SER B 233 14.64 -1.16 -7.14
N ASP B 234 14.54 -2.18 -6.30
CA ASP B 234 13.92 -3.46 -6.64
C ASP B 234 14.59 -4.13 -7.83
N SER B 235 15.91 -3.98 -7.98
CA SER B 235 16.62 -4.56 -9.11
C SER B 235 17.12 -5.97 -8.83
N ILE B 236 17.35 -6.32 -7.58
CA ILE B 236 17.77 -7.66 -7.20
C ILE B 236 16.55 -8.58 -7.21
N THR B 237 16.68 -9.74 -7.86
CA THR B 237 15.52 -10.62 -7.99
C THR B 237 15.95 -12.07 -7.94
N GLY B 238 15.01 -12.93 -7.53
CA GLY B 238 15.25 -14.36 -7.42
C GLY B 238 14.20 -15.22 -8.09
N GLN B 239 14.63 -16.22 -8.84
CA GLN B 239 13.73 -17.13 -9.57
C GLN B 239 13.75 -18.53 -8.94
N ILE B 240 12.55 -19.11 -8.76
CA ILE B 240 12.41 -20.46 -8.22
C ILE B 240 12.83 -21.47 -9.27
N ILE B 241 13.91 -22.20 -9.02
CA ILE B 241 14.41 -23.18 -9.99
C ILE B 241 13.91 -24.60 -9.73
N TYR B 242 13.72 -24.98 -8.47
CA TYR B 242 13.33 -26.35 -8.18
C TYR B 242 12.60 -26.40 -6.86
N VAL B 243 11.78 -27.44 -6.68
CA VAL B 243 11.05 -27.65 -5.44
C VAL B 243 10.91 -29.15 -5.25
N ASP B 244 10.99 -29.61 -4.00
CA ASP B 244 10.91 -31.03 -3.71
C ASP B 244 9.94 -31.28 -2.56
N LEU B 245 8.79 -31.85 -2.88
CA LEU B 245 7.73 -32.14 -1.92
C LEU B 245 8.09 -33.19 -0.88
N SER B 246 9.17 -33.94 -1.07
CA SER B 246 9.57 -34.94 -0.08
C SER B 246 10.44 -34.38 1.04
N SER B 247 10.95 -33.16 0.90
CA SER B 247 11.83 -32.59 1.91
C SER B 247 11.54 -31.12 2.17
N TYR B 248 10.64 -30.51 1.42
CA TYR B 248 10.19 -29.14 1.63
C TYR B 248 11.32 -28.11 1.56
N TYR B 249 12.11 -28.17 0.51
CA TYR B 249 13.10 -27.14 0.25
C TYR B 249 12.93 -26.65 -1.18
N ILE B 250 13.22 -25.37 -1.40
CA ILE B 250 13.17 -24.79 -2.72
C ILE B 250 14.55 -24.23 -3.05
N ILE B 251 14.91 -24.29 -4.32
CA ILE B 251 16.18 -23.74 -4.78
C ILE B 251 15.86 -22.48 -5.57
N VAL B 252 16.46 -21.36 -5.19
CA VAL B 252 16.25 -20.11 -5.90
C VAL B 252 17.57 -19.63 -6.48
N ARG B 253 17.51 -19.08 -7.68
CA ARG B 253 18.65 -18.49 -8.36
C ARG B 253 18.56 -16.98 -8.21
N VAL B 254 19.57 -16.37 -7.60
CA VAL B 254 19.59 -14.93 -7.34
C VAL B 254 20.37 -14.20 -8.43
N TYR B 255 19.76 -13.16 -8.99
CA TYR B 255 20.35 -12.32 -10.02
C TYR B 255 20.85 -11.02 -9.40
N PHE B 256 22.12 -10.69 -9.60
CA PHE B 256 22.71 -9.49 -9.02
C PHE B 256 23.20 -8.53 -10.10
N PRO B 257 22.47 -7.46 -10.38
CA PRO B 257 22.85 -6.52 -11.44
C PRO B 257 24.02 -5.61 -11.09
N ILE B 258 24.54 -4.96 -12.14
CA ILE B 258 25.50 -3.86 -12.04
C ILE B 258 24.90 -2.66 -12.78
N LEU B 259 25.00 -1.48 -12.19
CA LEU B 259 24.36 -0.30 -12.76
C LEU B 259 25.13 0.28 -13.95
N THR B 260 24.39 0.89 -14.87
CA THR B 260 24.96 1.58 -16.01
C THR B 260 24.27 2.92 -16.26
N GLU B 261 25.06 3.94 -16.55
CA GLU B 261 24.54 5.21 -16.99
C GLU B 261 24.12 5.15 -18.45
N ILE B 262 23.14 5.97 -18.82
CA ILE B 262 22.68 6.09 -20.20
C ILE B 262 23.24 7.38 -20.78
N GLN B 263 23.92 7.27 -21.91
CA GLN B 263 24.57 8.43 -22.52
C GLN B 263 23.59 9.47 -23.03
N GLN B 264 23.99 10.73 -22.90
CA GLN B 264 23.24 11.89 -23.39
C GLN B 264 21.80 11.94 -22.88
N ALA B 265 21.57 11.45 -21.68
CA ALA B 265 20.23 11.48 -21.10
C ALA B 265 20.30 12.06 -19.71
N TYR B 266 19.31 12.87 -19.35
CA TYR B 266 19.23 13.44 -18.02
C TYR B 266 17.79 13.77 -17.69
N ILE B 267 17.50 13.87 -16.40
CA ILE B 267 16.17 14.22 -15.93
C ILE B 267 16.22 15.60 -15.29
N GLN B 268 15.36 16.49 -15.75
CA GLN B 268 15.26 17.84 -15.20
C GLN B 268 14.02 17.93 -14.32
N GLU B 269 14.22 18.07 -13.02
CA GLU B 269 13.12 18.31 -12.10
C GLU B 269 12.72 19.78 -12.14
N LEU B 270 11.41 20.04 -12.06
CA LEU B 270 10.88 21.40 -12.00
C LEU B 270 10.15 21.63 -10.68
N LEU B 271 10.55 22.67 -9.95
CA LEU B 271 9.90 23.05 -8.71
C LEU B 271 8.74 23.99 -8.98
N PRO B 272 7.51 23.64 -8.63
CA PRO B 272 6.38 24.55 -8.82
C PRO B 272 6.26 25.57 -7.70
N VAL B 273 5.74 26.74 -8.05
CA VAL B 273 5.44 27.79 -7.08
C VAL B 273 4.20 28.54 -7.56
N SER B 274 3.33 28.91 -6.62
CA SER B 274 2.13 29.66 -6.98
C SER B 274 2.47 31.07 -7.44
N PHE B 275 1.59 31.64 -8.26
CA PHE B 275 1.79 32.98 -8.79
C PHE B 275 0.46 33.72 -8.84
N ASN B 276 0.56 35.04 -8.94
CA ASN B 276 -0.62 35.89 -8.99
C ASN B 276 -1.09 36.15 -10.41
N ASN B 277 -2.40 36.10 -10.59
CA ASN B 277 -3.04 36.52 -11.84
C ASN B 277 -4.39 37.12 -11.45
N ASP B 278 -4.72 38.30 -12.00
CA ASP B 278 -5.86 39.08 -11.49
C ASP B 278 -5.64 39.21 -10.00
N ASN B 279 -6.59 38.82 -9.16
CA ASN B 279 -6.37 38.75 -7.73
C ASN B 279 -6.18 37.32 -7.26
N SER B 280 -6.26 36.35 -8.15
CA SER B 280 -6.23 34.93 -7.81
C SER B 280 -4.84 34.32 -7.92
N GLU B 281 -4.57 33.37 -7.03
CA GLU B 281 -3.35 32.58 -7.06
C GLU B 281 -3.55 31.39 -7.98
N TRP B 282 -2.52 31.05 -8.74
CA TRP B 282 -2.63 29.96 -9.70
C TRP B 282 -1.39 29.11 -9.66
N ILE B 283 -1.53 27.86 -10.12
CA ILE B 283 -0.42 26.93 -10.23
C ILE B 283 -0.45 26.35 -11.62
N SER B 284 0.67 26.40 -12.33
CA SER B 284 0.71 25.81 -13.65
C SER B 284 0.79 24.29 -13.52
N ILE B 285 0.08 23.59 -14.39
CA ILE B 285 -0.01 22.14 -14.37
C ILE B 285 0.85 21.59 -15.50
N VAL B 286 2.08 21.20 -15.18
CA VAL B 286 3.00 20.60 -16.14
C VAL B 286 3.72 19.44 -15.45
N PRO B 287 4.26 18.51 -16.24
CA PRO B 287 4.96 17.38 -15.62
C PRO B 287 6.14 17.85 -14.78
N ASN B 288 6.23 17.33 -13.56
CA ASN B 288 7.28 17.75 -12.64
C ASN B 288 8.66 17.20 -12.99
N PHE B 289 8.75 16.12 -13.77
CA PHE B 289 10.04 15.60 -14.21
C PHE B 289 10.05 15.47 -15.72
N ILE B 290 10.96 16.18 -16.37
CA ILE B 290 11.11 16.19 -17.81
C ILE B 290 12.37 15.40 -18.14
N LEU B 291 12.23 14.40 -19.00
CA LEU B 291 13.34 13.54 -19.37
C LEU B 291 13.78 13.87 -20.79
N VAL B 292 15.07 14.16 -20.95
CA VAL B 292 15.65 14.53 -22.24
C VAL B 292 16.60 13.43 -22.69
N ARG B 293 16.39 12.91 -23.89
CA ARG B 293 17.28 11.93 -24.49
C ARG B 293 17.65 12.39 -25.89
N ASN B 294 18.94 12.60 -26.13
CA ASN B 294 19.42 13.04 -27.43
C ASN B 294 18.67 14.27 -27.92
N THR B 295 18.32 15.14 -26.96
CA THR B 295 17.51 16.35 -27.13
C THR B 295 16.05 16.09 -27.50
N LEU B 296 15.59 14.83 -27.49
CA LEU B 296 14.17 14.57 -27.60
C LEU B 296 13.56 14.69 -26.20
N ILE B 297 12.36 15.25 -26.12
CA ILE B 297 11.68 15.42 -24.84
C ILE B 297 10.59 14.37 -24.70
N SER B 298 10.55 13.71 -23.54
CA SER B 298 9.56 12.69 -23.28
C SER B 298 9.22 12.70 -21.80
N ASN B 299 8.15 12.02 -21.44
CA ASN B 299 7.59 12.02 -20.10
C ASN B 299 7.92 10.69 -19.42
N ILE B 300 8.40 10.76 -18.17
CA ILE B 300 8.77 9.58 -17.41
C ILE B 300 7.80 9.37 -16.24
N GLU B 301 7.31 8.14 -16.10
CA GLU B 301 6.47 7.74 -14.96
C GLU B 301 7.38 7.39 -13.78
N ILE B 302 7.94 8.44 -13.19
CA ILE B 302 8.97 8.36 -12.16
C ILE B 302 8.57 7.60 -10.90
N GLY B 303 7.29 7.30 -10.69
CA GLY B 303 6.91 6.55 -9.50
C GLY B 303 7.56 5.19 -9.38
N PHE B 304 8.03 4.62 -10.48
CA PHE B 304 8.74 3.35 -10.50
C PHE B 304 10.24 3.46 -10.22
N CYS B 305 10.77 4.64 -9.87
CA CYS B 305 12.21 4.80 -9.73
C CYS B 305 12.56 5.47 -8.41
N LEU B 306 13.84 5.38 -8.06
CA LEU B 306 14.38 5.94 -6.83
C LEU B 306 15.05 7.27 -7.15
N ILE B 307 14.53 8.35 -6.57
CA ILE B 307 15.07 9.71 -6.83
C ILE B 307 16.11 10.02 -5.75
N THR B 308 17.33 9.58 -6.00
CA THR B 308 18.43 9.92 -5.10
C THR B 308 18.82 11.39 -5.27
N LYS B 309 19.74 11.84 -4.42
CA LYS B 309 20.18 13.23 -4.46
C LYS B 309 20.96 13.57 -5.72
N ARG B 310 21.51 12.61 -6.43
CA ARG B 310 22.30 12.90 -7.63
C ARG B 310 21.88 12.18 -8.89
N SER B 311 21.20 11.03 -8.79
CA SER B 311 20.82 10.32 -10.00
C SER B 311 19.58 9.47 -9.74
N VAL B 312 18.87 9.16 -10.80
CA VAL B 312 17.65 8.36 -10.75
C VAL B 312 17.98 6.92 -11.13
N ILE B 313 17.62 5.98 -10.27
CA ILE B 313 17.90 4.56 -10.46
C ILE B 313 16.60 3.85 -10.81
N CYS B 314 16.55 3.23 -11.99
CA CYS B 314 15.35 2.52 -12.41
C CYS B 314 15.69 1.09 -12.77
N ASN B 315 14.79 0.17 -12.43
CA ASN B 315 15.03 -1.23 -12.77
C ASN B 315 14.79 -1.52 -14.24
N GLN B 316 14.19 -0.59 -14.99
CA GLN B 316 14.03 -0.72 -16.42
C GLN B 316 13.67 0.64 -16.99
N ASP B 317 13.70 0.74 -18.32
CA ASP B 317 13.35 1.99 -18.99
C ASP B 317 11.87 2.32 -18.81
N TYR B 318 11.58 3.53 -18.34
CA TYR B 318 10.21 3.94 -18.02
C TYR B 318 9.72 5.17 -18.78
N ALA B 319 10.32 5.52 -19.91
CA ALA B 319 9.84 6.65 -20.68
C ALA B 319 8.44 6.42 -21.24
N THR B 320 7.72 7.52 -21.48
CA THR B 320 6.37 7.51 -22.04
C THR B 320 6.23 8.75 -22.91
N PRO B 321 5.35 8.73 -23.92
CA PRO B 321 5.23 9.86 -24.83
C PRO B 321 4.53 11.06 -24.21
N MET B 322 4.71 12.21 -24.85
CA MET B 322 4.11 13.48 -24.44
C MET B 322 3.32 14.11 -25.58
N THR B 323 2.16 14.67 -25.27
CA THR B 323 1.36 15.35 -26.27
C THR B 323 2.11 16.55 -26.81
N ASN B 324 2.00 16.78 -28.12
CA ASN B 324 2.75 17.90 -28.70
C ASN B 324 2.26 19.24 -28.18
N ASN B 325 0.97 19.34 -27.83
CA ASN B 325 0.46 20.56 -27.21
C ASN B 325 1.17 20.87 -25.90
N MET B 326 1.50 19.84 -25.12
CA MET B 326 2.24 20.07 -23.88
C MET B 326 3.69 20.42 -24.16
N ARG B 327 4.33 19.72 -25.10
CA ARG B 327 5.71 20.00 -25.43
C ARG B 327 5.90 21.48 -25.77
N GLU B 328 4.90 22.09 -26.41
CA GLU B 328 5.01 23.50 -26.75
C GLU B 328 5.22 24.36 -25.51
N CYS B 329 4.72 23.95 -24.34
CA CYS B 329 5.00 24.69 -23.12
C CYS B 329 6.47 24.72 -22.81
N LEU B 330 7.11 23.56 -22.88
CA LEU B 330 8.51 23.47 -22.51
C LEU B 330 9.40 24.17 -23.53
N THR B 331 9.04 24.14 -24.80
CA THR B 331 9.83 24.89 -25.76
C THR B 331 9.45 26.37 -25.86
N GLY B 332 8.77 26.95 -24.86
CA GLY B 332 8.56 28.38 -24.80
C GLY B 332 7.19 28.97 -25.14
N SER B 333 6.20 28.16 -25.55
CA SER B 333 4.88 28.72 -25.86
C SER B 333 3.98 28.67 -24.63
N THR B 334 4.18 29.65 -23.74
CA THR B 334 3.44 29.67 -22.46
C THR B 334 1.94 29.76 -22.62
N GLU B 335 1.42 30.15 -23.78
CA GLU B 335 -0.03 30.21 -23.96
C GLU B 335 -0.67 28.84 -23.82
N LYS B 336 0.09 27.78 -24.08
CA LYS B 336 -0.41 26.41 -24.05
C LYS B 336 -0.52 25.79 -22.65
N CYS B 337 0.16 26.34 -21.65
CA CYS B 337 0.27 25.67 -20.36
C CYS B 337 -0.97 25.85 -19.49
N PRO B 338 -1.67 24.78 -19.14
CA PRO B 338 -2.85 24.90 -18.29
C PRO B 338 -2.48 25.28 -16.86
N ARG B 339 -3.46 25.86 -16.16
CA ARG B 339 -3.26 26.30 -14.78
C ARG B 339 -4.52 26.02 -13.96
N GLU B 340 -4.32 25.63 -12.69
CA GLU B 340 -5.41 25.32 -11.77
C GLU B 340 -5.54 26.37 -10.69
N LEU B 341 -6.77 26.74 -10.36
CA LEU B 341 -7.01 27.76 -9.34
C LEU B 341 -6.64 27.26 -7.95
N VAL B 342 -5.99 28.13 -7.18
CA VAL B 342 -5.59 27.83 -5.81
C VAL B 342 -6.70 28.20 -4.83
N VAL B 343 -7.13 27.24 -4.01
CA VAL B 343 -8.18 27.51 -3.02
C VAL B 343 -7.78 27.05 -1.63
N SER B 344 -6.64 26.37 -1.49
CA SER B 344 -6.17 26.05 -0.16
C SER B 344 -5.41 27.22 0.44
N SER B 345 -5.36 27.27 1.76
CA SER B 345 -4.65 28.38 2.41
C SER B 345 -3.14 28.23 2.35
N HIS B 346 -2.61 27.02 2.46
CA HIS B 346 -1.17 26.83 2.44
C HIS B 346 -0.73 26.08 1.19
N VAL B 347 0.12 26.73 0.40
CA VAL B 347 0.69 26.15 -0.81
C VAL B 347 2.00 26.91 -1.00
N PRO B 348 3.03 26.33 -1.61
CA PRO B 348 4.32 27.03 -1.71
C PRO B 348 4.22 28.36 -2.42
N ARG B 349 4.89 29.36 -1.85
CA ARG B 349 4.86 30.71 -2.39
C ARG B 349 6.22 31.29 -2.71
N PHE B 350 7.32 30.56 -2.50
CA PHE B 350 8.62 31.02 -2.95
C PHE B 350 9.54 29.81 -3.08
N ALA B 351 10.67 30.04 -3.75
CA ALA B 351 11.66 28.98 -3.91
C ALA B 351 13.01 29.62 -4.23
N LEU B 352 14.06 28.83 -4.06
CA LEU B 352 15.42 29.28 -4.33
C LEU B 352 16.08 28.41 -5.40
N SER B 353 16.67 29.06 -6.40
CA SER B 353 17.48 28.36 -7.40
C SER B 353 18.68 29.24 -7.76
N ASN B 354 19.86 28.62 -7.81
CA ASN B 354 21.11 29.32 -8.09
C ASN B 354 21.25 30.60 -7.26
N GLY B 355 20.79 30.54 -6.02
CA GLY B 355 20.87 31.65 -5.11
C GLY B 355 19.96 32.83 -5.38
N VAL B 356 19.04 32.71 -6.33
CA VAL B 356 18.08 33.77 -6.63
C VAL B 356 16.71 33.28 -6.17
N LEU B 357 15.98 34.14 -5.46
CA LEU B 357 14.65 33.78 -5.01
C LEU B 357 13.62 34.13 -6.07
N PHE B 358 12.62 33.26 -6.20
CA PHE B 358 11.43 33.54 -7.00
C PHE B 358 10.29 33.57 -6.00
N ALA B 359 9.57 34.68 -5.94
CA ALA B 359 8.59 34.80 -4.86
C ALA B 359 7.30 35.43 -5.31
N ASN B 360 6.21 34.92 -4.78
CA ASN B 360 4.87 35.43 -5.01
C ASN B 360 4.52 36.49 -3.97
N CYS B 361 5.33 37.55 -3.99
CA CYS B 361 5.29 38.59 -2.96
C CYS B 361 3.93 39.23 -2.74
N ILE B 362 2.92 38.97 -3.56
CA ILE B 362 1.61 39.50 -3.22
C ILE B 362 1.03 38.78 -2.00
N SER B 363 1.51 37.57 -1.70
CA SER B 363 1.01 36.77 -0.60
C SER B 363 1.99 36.58 0.54
N VAL B 364 3.23 37.05 0.40
CA VAL B 364 4.22 36.94 1.47
C VAL B 364 4.95 38.28 1.57
N THR B 365 5.30 38.65 2.80
CA THR B 365 5.86 39.96 3.11
C THR B 365 7.33 40.12 2.69
N CYS B 366 7.59 39.94 1.39
CA CYS B 366 8.94 40.11 0.85
C CYS B 366 9.50 41.47 1.19
N GLN B 367 10.74 41.50 1.66
CA GLN B 367 11.42 42.74 1.99
C GLN B 367 12.90 42.46 2.12
N CYS B 368 13.71 43.53 2.14
CA CYS B 368 15.14 43.35 2.35
C CYS B 368 15.69 44.35 3.35
N GLN B 369 16.32 43.82 4.39
CA GLN B 369 16.85 44.55 5.54
C GLN B 369 18.00 45.48 5.20
N THR B 370 18.67 45.32 4.05
CA THR B 370 19.78 46.22 3.75
C THR B 370 19.31 47.66 3.66
N THR B 371 18.04 47.89 3.33
CA THR B 371 17.46 49.22 3.31
C THR B 371 16.21 49.35 4.16
N GLY B 372 15.57 48.24 4.53
CA GLY B 372 14.35 48.24 5.30
C GLY B 372 13.10 48.49 4.50
N ARG B 373 13.21 48.81 3.22
CA ARG B 373 12.05 49.03 2.38
C ARG B 373 11.40 47.71 2.00
N ALA B 374 10.07 47.70 1.95
CA ALA B 374 9.34 46.53 1.50
C ALA B 374 9.47 46.34 -0.01
N ILE B 375 9.26 45.11 -0.45
CA ILE B 375 9.20 44.76 -1.86
C ILE B 375 7.75 44.47 -2.20
N SER B 376 7.26 45.05 -3.30
CA SER B 376 5.86 44.88 -3.70
C SER B 376 5.73 44.65 -5.18
N GLN B 377 4.82 43.76 -5.57
CA GLN B 377 4.53 43.46 -6.96
C GLN B 377 3.16 44.03 -7.31
N SER B 378 3.08 44.71 -8.45
CA SER B 378 1.80 45.17 -8.96
C SER B 378 1.04 44.00 -9.56
N GLY B 379 -0.27 44.20 -9.77
CA GLY B 379 -1.09 43.15 -10.33
C GLY B 379 -0.68 42.66 -11.71
N GLU B 380 0.16 43.42 -12.41
CA GLU B 380 0.62 43.01 -13.74
C GLU B 380 1.71 41.95 -13.71
N GLN B 381 2.42 41.79 -12.59
CA GLN B 381 3.52 40.86 -12.51
C GLN B 381 3.11 39.56 -11.83
N THR B 382 3.45 38.43 -12.45
CA THR B 382 3.11 37.14 -11.88
C THR B 382 4.01 36.78 -10.71
N LEU B 383 5.32 37.03 -10.83
CA LEU B 383 6.29 36.71 -9.79
C LEU B 383 7.37 37.76 -9.80
N LEU B 384 8.11 37.84 -8.71
CA LEU B 384 9.29 38.68 -8.66
C LEU B 384 10.53 37.82 -8.46
N MET B 385 11.61 38.20 -9.10
CA MET B 385 12.91 37.60 -8.85
C MET B 385 13.71 38.58 -8.00
N ILE B 386 14.44 38.06 -7.02
CA ILE B 386 15.21 38.87 -6.10
C ILE B 386 16.65 38.42 -6.16
N ASP B 387 17.57 39.36 -6.34
CA ASP B 387 18.98 39.02 -6.38
C ASP B 387 19.80 40.14 -5.75
N ASN B 388 21.10 39.90 -5.56
CA ASN B 388 21.89 40.90 -4.89
C ASN B 388 22.06 42.20 -5.68
N THR B 389 21.56 42.31 -6.91
CA THR B 389 21.66 43.60 -7.58
C THR B 389 20.61 44.57 -7.06
N THR B 390 19.45 44.08 -6.62
CA THR B 390 18.47 44.96 -6.02
C THR B 390 18.76 45.15 -4.54
N CYS B 391 18.96 44.05 -3.79
CA CYS B 391 19.37 44.15 -2.40
C CYS B 391 20.07 42.87 -1.95
N PRO B 392 21.14 42.97 -1.15
CA PRO B 392 21.96 41.78 -0.85
C PRO B 392 21.30 40.73 0.03
N THR B 393 20.45 41.09 0.97
CA THR B 393 19.81 40.10 1.82
C THR B 393 18.34 40.43 1.93
N ALA B 394 17.50 39.41 1.94
CA ALA B 394 16.07 39.62 1.95
C ALA B 394 15.43 38.70 2.95
N VAL B 395 14.21 39.05 3.32
CA VAL B 395 13.44 38.33 4.33
C VAL B 395 12.13 37.87 3.72
N LEU B 396 11.75 36.64 4.02
CA LEU B 396 10.48 36.08 3.60
C LEU B 396 9.86 35.47 4.84
N GLY B 397 8.61 35.80 5.11
CA GLY B 397 8.09 35.40 6.40
C GLY B 397 9.04 36.00 7.40
N ASN B 398 9.76 35.16 8.15
CA ASN B 398 10.86 35.66 8.96
C ASN B 398 12.18 34.93 8.68
N VAL B 399 12.25 34.22 7.57
CA VAL B 399 13.51 33.61 7.12
C VAL B 399 14.37 34.71 6.53
N ILE B 400 15.65 34.74 6.86
CA ILE B 400 16.57 35.74 6.32
C ILE B 400 17.58 35.03 5.43
N ILE B 401 17.64 35.44 4.17
CA ILE B 401 18.46 34.79 3.16
C ILE B 401 19.41 35.80 2.52
N SER B 402 20.61 35.35 2.17
CA SER B 402 21.57 36.14 1.42
C SER B 402 21.56 35.61 -0.02
N LEU B 403 21.62 36.52 -0.99
CA LEU B 403 21.33 36.16 -2.38
C LEU B 403 22.50 36.32 -3.34
N GLY B 404 22.50 35.50 -4.37
CA GLY B 404 23.42 35.56 -5.48
C GLY B 404 23.02 36.59 -6.53
N LYS B 405 23.48 36.39 -7.75
CA LYS B 405 23.14 37.25 -8.87
C LYS B 405 22.57 36.43 -10.01
N TYR B 406 21.51 36.94 -10.64
CA TYR B 406 20.85 36.25 -11.75
C TYR B 406 21.70 36.30 -13.02
N LEU B 407 21.73 35.18 -13.74
CA LEU B 407 22.53 35.09 -14.96
C LEU B 407 21.76 35.39 -16.24
N GLY B 408 20.43 35.40 -16.20
CA GLY B 408 19.64 35.65 -17.40
C GLY B 408 19.42 37.11 -17.73
N SER B 409 18.28 37.39 -18.35
CA SER B 409 17.93 38.75 -18.73
C SER B 409 17.77 39.64 -17.51
N VAL B 410 18.28 40.86 -17.62
CA VAL B 410 18.25 41.81 -16.51
C VAL B 410 16.85 42.35 -16.22
N ASN B 411 15.97 42.40 -17.20
CA ASN B 411 14.65 42.99 -17.05
C ASN B 411 13.56 42.03 -16.56
N TYR B 412 13.92 40.86 -16.05
CA TYR B 412 12.93 39.86 -15.64
C TYR B 412 11.75 40.43 -14.88
N ASN B 413 11.99 41.33 -13.93
CA ASN B 413 10.89 41.90 -13.16
C ASN B 413 9.98 42.81 -13.95
N SER B 414 10.32 43.20 -15.18
CA SER B 414 9.47 44.13 -15.93
C SER B 414 8.85 43.59 -17.23
N GLU B 415 9.16 42.36 -17.64
CA GLU B 415 8.66 41.87 -18.93
C GLU B 415 7.22 41.37 -18.90
N GLY B 416 6.88 40.47 -17.98
CA GLY B 416 5.56 39.86 -17.97
C GLY B 416 5.36 38.88 -19.12
N ILE B 417 4.35 38.01 -19.06
CA ILE B 417 4.17 36.98 -20.09
C ILE B 417 2.70 36.60 -20.23
N ALA B 418 2.36 36.04 -21.41
CA ALA B 418 1.02 35.57 -21.78
C ALA B 418 0.67 34.22 -21.13
N ILE B 419 -0.18 34.25 -20.10
CA ILE B 419 -0.59 33.05 -19.38
C ILE B 419 -1.72 32.31 -20.10
N GLY B 420 -1.77 30.99 -19.89
CA GLY B 420 -2.68 30.09 -20.56
C GLY B 420 -4.06 29.82 -19.95
N PRO B 421 -4.72 28.77 -20.46
CA PRO B 421 -6.11 28.47 -20.07
C PRO B 421 -6.23 27.75 -18.75
N PRO B 422 -7.31 27.99 -18.01
CA PRO B 422 -7.57 27.29 -16.75
C PRO B 422 -8.07 25.86 -16.94
N VAL B 423 -7.67 24.97 -16.01
CA VAL B 423 -8.05 23.56 -16.03
C VAL B 423 -8.28 23.07 -14.60
N PHE B 424 -9.13 22.05 -14.46
CA PHE B 424 -9.45 21.41 -13.18
C PHE B 424 -9.10 19.92 -13.28
N THR B 425 -8.35 19.42 -12.31
CA THR B 425 -7.77 18.08 -12.36
C THR B 425 -8.48 17.00 -11.53
N ASP B 426 -9.50 17.32 -10.74
CA ASP B 426 -10.15 16.29 -9.95
C ASP B 426 -10.88 15.29 -10.83
N LYS B 427 -10.78 14.00 -10.48
CA LYS B 427 -11.37 12.94 -11.30
C LYS B 427 -12.88 13.08 -11.46
N VAL B 428 -13.58 13.54 -10.42
CA VAL B 428 -15.02 13.69 -10.59
C VAL B 428 -15.32 14.92 -11.44
N ASP B 429 -14.49 15.96 -11.33
CA ASP B 429 -14.65 17.11 -12.21
C ASP B 429 -14.46 16.71 -13.67
N ILE B 430 -13.41 15.94 -13.97
CA ILE B 430 -13.19 15.49 -15.35
C ILE B 430 -14.41 14.75 -15.88
N SER B 431 -14.98 13.85 -15.08
CA SER B 431 -16.16 13.13 -15.55
C SER B 431 -17.31 14.06 -15.87
N SER B 432 -17.39 15.20 -15.19
CA SER B 432 -18.42 16.19 -15.52
C SER B 432 -18.01 17.04 -16.71
N GLN B 433 -16.72 17.40 -16.77
CA GLN B 433 -16.23 18.27 -17.83
C GLN B 433 -16.32 17.65 -19.22
N ILE B 434 -16.11 16.35 -19.35
CA ILE B 434 -16.25 15.73 -20.67
C ILE B 434 -17.69 15.84 -21.17
N SER B 435 -18.66 15.54 -20.32
CA SER B 435 -20.05 15.64 -20.77
C SER B 435 -20.45 17.07 -21.09
N SER B 436 -20.01 18.02 -20.27
CA SER B 436 -20.34 19.42 -20.54
C SER B 436 -19.82 19.84 -21.91
N MET B 437 -18.60 19.43 -22.25
CA MET B 437 -18.10 19.71 -23.58
C MET B 437 -18.97 19.06 -24.65
N ASN B 438 -19.37 17.82 -24.42
CA ASN B 438 -20.17 17.12 -25.43
C ASN B 438 -21.50 17.81 -25.68
N GLN B 439 -22.17 18.26 -24.62
CA GLN B 439 -23.42 19.01 -24.83
C GLN B 439 -23.17 20.27 -25.62
N SER B 440 -22.07 20.97 -25.35
CA SER B 440 -21.77 22.19 -26.09
C SER B 440 -21.48 21.89 -27.56
N LEU B 441 -20.74 20.81 -27.83
CA LEU B 441 -20.50 20.44 -29.22
C LEU B 441 -21.80 20.07 -29.91
N GLN B 442 -22.67 19.33 -29.23
CA GLN B 442 -23.91 18.88 -29.85
C GLN B 442 -24.78 20.05 -30.28
N GLN B 443 -24.88 21.10 -29.47
CA GLN B 443 -25.63 22.27 -29.88
C GLN B 443 -25.03 22.90 -31.14
N SER B 444 -23.71 22.87 -31.26
CA SER B 444 -23.05 23.41 -32.45
C SER B 444 -23.26 22.52 -33.66
N LYS B 445 -23.10 21.20 -33.49
CA LYS B 445 -23.27 20.28 -34.61
C LYS B 445 -24.65 20.37 -35.23
N ASP B 446 -25.70 20.49 -34.41
CA ASP B 446 -27.05 20.61 -34.95
C ASP B 446 -27.22 21.85 -35.83
N TYR B 447 -26.46 22.91 -35.58
CA TYR B 447 -26.56 24.09 -36.44
C TYR B 447 -26.06 23.77 -37.84
N ILE B 448 -24.88 23.17 -37.95
CA ILE B 448 -24.31 22.84 -39.25
C ILE B 448 -25.22 21.87 -40.00
N LYS B 449 -25.67 20.82 -39.33
CA LYS B 449 -26.53 19.82 -39.96
C LYS B 449 -27.81 20.44 -40.52
N GLU B 450 -28.46 21.31 -39.75
CA GLU B 450 -29.70 21.93 -40.23
C GLU B 450 -29.45 22.83 -41.43
N ALA B 451 -28.43 23.70 -41.35
CA ALA B 451 -28.15 24.59 -42.47
C ALA B 451 -27.80 23.81 -43.73
N GLN B 452 -27.06 22.73 -43.58
CA GLN B 452 -26.68 21.93 -44.74
C GLN B 452 -27.87 21.15 -45.30
N ARG B 453 -28.72 20.61 -44.41
CA ARG B 453 -29.86 19.80 -44.83
C ARG B 453 -31.05 20.63 -45.30
N LEU B 454 -31.56 21.50 -44.43
CA LEU B 454 -32.79 22.21 -44.73
C LEU B 454 -32.60 23.38 -45.69
N LEU B 455 -31.43 24.00 -45.70
CA LEU B 455 -31.15 25.14 -46.57
C LEU B 455 -30.03 24.83 -47.55
N ASP B 456 -30.00 23.59 -48.06
CA ASP B 456 -28.99 23.15 -49.00
C ASP B 456 -28.84 24.08 -50.21
N ILE C 1 -27.68 25.77 2.19
CA ILE C 1 -27.34 26.29 0.88
C ILE C 1 -27.72 25.32 -0.23
N LEU C 2 -26.99 24.23 -0.40
CA LEU C 2 -27.28 23.28 -1.47
C LEU C 2 -28.70 22.72 -1.34
N HIS C 3 -29.33 22.50 -2.49
CA HIS C 3 -30.75 22.12 -2.61
C HIS C 3 -30.95 20.61 -2.42
N TYR C 4 -30.98 20.19 -1.16
CA TYR C 4 -31.10 18.78 -0.83
C TYR C 4 -32.27 18.07 -1.51
N GLU C 5 -33.48 18.63 -1.45
CA GLU C 5 -34.62 17.84 -1.95
C GLU C 5 -34.69 17.75 -3.46
N LYS C 6 -34.12 18.70 -4.19
CA LYS C 6 -34.04 18.48 -5.64
C LYS C 6 -32.91 17.51 -5.92
N LEU C 7 -31.78 17.73 -5.27
CA LEU C 7 -30.63 16.84 -5.41
C LEU C 7 -30.98 15.42 -5.02
N SER C 8 -31.94 15.25 -4.10
CA SER C 8 -32.29 13.90 -3.65
C SER C 8 -32.93 13.05 -4.73
N LYS C 9 -33.76 13.64 -5.59
CA LYS C 9 -34.45 12.86 -6.61
C LYS C 9 -33.50 12.19 -7.60
N ILE C 10 -32.25 12.65 -7.71
CA ILE C 10 -31.32 12.01 -8.62
C ILE C 10 -30.45 10.99 -7.90
N GLY C 11 -30.96 10.42 -6.82
CA GLY C 11 -30.21 9.38 -6.16
C GLY C 11 -29.16 9.78 -5.16
N LEU C 12 -29.39 10.85 -4.41
CA LEU C 12 -28.47 11.29 -3.36
C LEU C 12 -29.26 11.51 -2.09
N VAL C 13 -28.61 11.29 -0.96
CA VAL C 13 -29.27 11.43 0.35
C VAL C 13 -28.35 12.16 1.30
N LYS C 14 -28.93 13.04 2.13
CA LYS C 14 -28.18 13.87 3.07
C LYS C 14 -27.51 13.04 4.16
N GLY C 15 -26.18 13.06 4.17
CA GLY C 15 -25.41 12.39 5.19
C GLY C 15 -25.16 13.25 6.42
N VAL C 16 -24.38 12.69 7.35
CA VAL C 16 -24.07 13.35 8.61
C VAL C 16 -23.13 14.54 8.40
N THR C 17 -23.53 15.70 8.91
CA THR C 17 -22.68 16.88 8.89
C THR C 17 -21.52 16.73 9.87
N ARG C 18 -20.29 16.96 9.41
CA ARG C 18 -19.11 16.84 10.24
C ARG C 18 -18.34 18.15 10.36
N LYS C 19 -17.85 18.43 11.57
CA LYS C 19 -17.00 19.59 11.79
C LYS C 19 -15.63 19.36 11.18
N TYR C 20 -15.00 20.44 10.73
CA TYR C 20 -13.68 20.38 10.12
C TYR C 20 -12.65 20.88 11.13
N LYS C 21 -11.69 20.02 11.51
CA LYS C 21 -10.68 20.34 12.51
C LYS C 21 -9.29 19.94 12.03
N ILE C 22 -8.28 20.78 12.30
CA ILE C 22 -6.92 20.50 11.84
C ILE C 22 -5.85 20.81 12.89
N LYS C 23 -4.67 20.22 12.65
CA LYS C 23 -3.44 20.43 13.40
C LYS C 23 -3.11 21.89 13.63
N SER C 24 -2.50 22.20 14.78
CA SER C 24 -1.98 23.55 15.01
C SER C 24 -0.94 23.54 16.13
N ASN C 25 -0.13 24.61 16.15
CA ASN C 25 0.86 25.00 17.17
C ASN C 25 1.58 23.89 17.93
N PRO C 26 2.38 23.07 17.26
CA PRO C 26 3.03 21.93 17.93
C PRO C 26 4.09 22.32 18.97
N LEU C 27 4.13 21.54 20.04
CA LEU C 27 5.13 21.56 21.10
C LEU C 27 6.32 20.67 20.72
N THR C 28 7.46 20.84 21.40
CA THR C 28 8.65 20.06 21.06
C THR C 28 9.36 19.48 22.27
N LYS C 29 9.85 18.24 22.10
CA LYS C 29 10.60 17.49 23.11
C LYS C 29 11.69 16.71 22.38
N ASP C 30 12.89 16.61 22.96
CA ASP C 30 14.00 15.93 22.31
C ASP C 30 14.35 14.61 22.98
N ILE C 31 14.58 13.57 22.17
CA ILE C 31 14.93 12.24 22.64
C ILE C 31 16.04 11.65 21.78
N VAL C 32 16.80 10.72 22.36
CA VAL C 32 17.94 10.07 21.73
C VAL C 32 17.64 8.60 21.47
N ILE C 33 17.84 8.15 20.24
CA ILE C 33 17.71 6.74 19.88
C ILE C 33 19.11 6.19 19.68
N LYS C 34 19.45 5.13 20.40
CA LYS C 34 20.76 4.49 20.28
C LYS C 34 20.60 3.20 19.49
N MET C 35 21.22 3.15 18.32
CA MET C 35 20.97 2.06 17.38
C MET C 35 21.76 0.79 17.63
N ILE C 36 22.90 0.84 18.31
CA ILE C 36 23.70 -0.35 18.58
C ILE C 36 23.55 -0.73 20.06
N PRO C 37 23.18 -1.96 20.38
CA PRO C 37 22.98 -2.36 21.77
C PRO C 37 24.30 -2.56 22.50
N ASN C 38 24.20 -2.72 23.81
CA ASN C 38 25.34 -2.95 24.70
C ASN C 38 25.42 -4.43 25.06
N VAL C 39 26.61 -5.02 24.95
CA VAL C 39 26.81 -6.44 25.15
C VAL C 39 27.90 -6.81 26.17
N SER C 40 28.33 -5.86 26.99
CA SER C 40 29.39 -6.15 27.95
C SER C 40 29.07 -7.28 28.91
N ASN C 41 27.80 -7.60 29.14
CA ASN C 41 27.44 -8.74 29.99
C ASN C 41 27.95 -10.08 29.46
N MET C 42 28.12 -10.21 28.15
CA MET C 42 28.51 -11.48 27.56
C MET C 42 29.48 -11.28 26.40
N SER C 43 30.33 -10.26 26.50
CA SER C 43 31.27 -9.89 25.45
C SER C 43 32.11 -11.05 24.93
N GLN C 44 32.50 -11.99 25.79
CA GLN C 44 33.32 -13.11 25.35
C GLN C 44 32.70 -13.95 24.24
N CYS C 45 31.39 -13.87 24.00
CA CYS C 45 30.76 -14.61 22.92
C CYS C 45 30.20 -13.73 21.81
N THR C 46 30.71 -12.50 21.67
CA THR C 46 30.31 -11.64 20.57
C THR C 46 31.19 -11.80 19.35
N GLY C 47 32.47 -12.16 19.54
CA GLY C 47 33.40 -12.31 18.45
C GLY C 47 33.49 -11.09 17.54
N SER C 48 33.55 -11.34 16.23
CA SER C 48 33.62 -10.29 15.23
C SER C 48 32.27 -9.74 14.79
N VAL C 49 31.15 -10.24 15.28
CA VAL C 49 29.87 -9.81 14.75
C VAL C 49 29.65 -8.31 14.94
N MET C 50 30.13 -7.74 16.04
CA MET C 50 29.94 -6.30 16.24
C MET C 50 30.78 -5.46 15.30
N GLU C 51 31.94 -5.95 14.85
CA GLU C 51 32.72 -5.16 13.91
C GLU C 51 32.08 -5.14 12.53
N ASN C 52 31.58 -6.29 12.06
CA ASN C 52 30.89 -6.31 10.78
C ASN C 52 29.64 -5.45 10.83
N TYR C 53 28.89 -5.52 11.92
CA TYR C 53 27.69 -4.70 12.04
C TYR C 53 28.01 -3.22 11.94
N LYS C 54 28.95 -2.74 12.76
CA LYS C 54 29.30 -1.33 12.69
C LYS C 54 29.78 -0.95 11.30
N THR C 55 30.54 -1.82 10.64
CA THR C 55 30.99 -1.52 9.29
C THR C 55 29.81 -1.32 8.34
N ARG C 56 28.74 -2.09 8.51
CA ARG C 56 27.58 -1.88 7.64
C ARG C 56 26.73 -0.71 8.08
N LEU C 57 26.41 -0.61 9.37
CA LEU C 57 25.51 0.46 9.79
C LEU C 57 26.12 1.83 9.55
N ASN C 58 27.44 1.96 9.70
CA ASN C 58 28.09 3.22 9.38
C ASN C 58 27.81 3.61 7.94
N GLY C 59 27.73 2.63 7.05
CA GLY C 59 27.46 2.88 5.64
C GLY C 59 26.10 3.47 5.33
N ILE C 60 25.14 3.36 6.23
CA ILE C 60 23.83 3.98 5.98
C ILE C 60 23.62 5.27 6.77
N LEU C 61 24.37 5.50 7.84
CA LEU C 61 24.25 6.79 8.50
C LEU C 61 25.09 7.87 7.85
N THR C 62 26.23 7.54 7.26
CA THR C 62 27.06 8.58 6.65
C THR C 62 26.34 9.34 5.53
N PRO C 63 25.48 8.75 4.70
CA PRO C 63 24.79 9.59 3.71
C PRO C 63 23.81 10.57 4.33
N ILE C 64 23.17 10.19 5.44
CA ILE C 64 22.25 11.10 6.11
C ILE C 64 22.99 12.32 6.65
N LYS C 65 24.08 12.09 7.38
CA LYS C 65 24.85 13.20 7.92
C LYS C 65 25.34 14.12 6.83
N GLY C 66 25.86 13.56 5.74
CA GLY C 66 26.34 14.39 4.65
C GLY C 66 25.27 15.31 4.08
N ALA C 67 24.03 14.81 3.99
CA ALA C 67 22.95 15.65 3.48
C ALA C 67 22.53 16.70 4.49
N LEU C 68 22.76 16.46 5.77
CA LEU C 68 22.35 17.36 6.82
C LEU C 68 23.39 18.43 7.12
N GLU C 69 24.68 18.12 6.92
CA GLU C 69 25.73 19.12 7.17
C GLU C 69 25.54 20.39 6.36
N ILE C 70 24.89 20.31 5.20
CA ILE C 70 24.74 21.47 4.33
C ILE C 70 24.13 22.65 5.08
N TYR C 71 22.89 22.47 5.57
CA TYR C 71 22.23 23.54 6.30
C TYR C 71 22.87 23.78 7.67
N LYS C 72 23.49 22.76 8.26
CA LYS C 72 24.02 22.88 9.60
C LYS C 72 25.27 23.75 9.70
N ASN C 73 26.03 23.93 8.62
CA ASN C 73 27.20 24.78 8.72
C ASN C 73 27.28 25.90 7.68
N ASN C 74 26.33 25.99 6.76
CA ASN C 74 26.24 27.11 5.84
C ASN C 74 25.28 28.20 6.34
N THR C 75 25.06 28.30 7.65
CA THR C 75 24.15 29.28 8.23
C THR C 75 24.80 29.88 9.46
N HIS C 76 24.43 31.12 9.78
CA HIS C 76 25.04 31.80 10.91
C HIS C 76 23.99 32.62 11.65
N ASP C 77 24.33 32.98 12.88
CA ASP C 77 23.50 33.88 13.68
C ASP C 77 23.72 35.33 13.25
N LEU C 78 22.63 36.08 13.17
CA LEU C 78 22.73 37.47 12.74
C LEU C 78 23.39 38.34 13.81
N VAL C 79 24.26 39.24 13.35
CA VAL C 79 24.99 40.15 14.21
C VAL C 79 25.00 41.52 13.56
N GLY C 80 25.21 42.55 14.38
CA GLY C 80 25.21 43.90 13.88
C GLY C 80 23.86 44.58 13.81
N ASP C 81 22.82 43.98 14.39
CA ASP C 81 21.51 44.59 14.40
C ASP C 81 20.80 44.21 15.70
N VAL C 82 19.84 45.03 16.10
CA VAL C 82 19.06 44.78 17.32
C VAL C 82 17.58 44.89 17.03
N ARG C 83 17.23 45.44 15.85
CA ARG C 83 15.83 45.55 15.48
C ARG C 83 15.22 44.18 15.23
N LEU C 84 16.03 43.21 14.82
CA LEU C 84 15.60 41.85 14.56
C LEU C 84 16.68 40.91 15.06
N ALA C 85 16.26 39.76 15.55
CA ALA C 85 17.19 38.72 15.98
C ALA C 85 16.83 37.41 15.30
N GLY C 86 17.81 36.77 14.68
CA GLY C 86 17.55 35.53 13.99
C GLY C 86 18.79 35.06 13.26
N VAL C 87 18.60 33.97 12.50
CA VAL C 87 19.65 33.41 11.67
C VAL C 87 19.74 34.12 10.34
N ILE C 88 20.80 33.81 9.58
CA ILE C 88 20.98 34.28 8.22
C ILE C 88 21.50 33.09 7.42
N MET C 89 20.98 32.89 6.23
CA MET C 89 21.30 31.71 5.46
C MET C 89 22.09 32.07 4.20
N ALA C 90 23.14 31.30 3.94
CA ALA C 90 24.00 31.48 2.77
C ALA C 90 23.34 30.90 1.53
N GLY C 91 22.38 31.64 0.99
CA GLY C 91 21.68 31.17 -0.19
C GLY C 91 22.59 30.85 -1.35
N VAL C 92 23.69 31.59 -1.51
CA VAL C 92 24.65 31.31 -2.56
C VAL C 92 25.18 29.89 -2.46
N ALA C 93 25.47 29.44 -1.23
CA ALA C 93 26.02 28.11 -1.05
C ALA C 93 24.95 27.02 -1.05
N ILE C 94 23.74 27.31 -0.56
CA ILE C 94 22.69 26.30 -0.55
C ILE C 94 22.27 25.97 -1.97
N GLY C 95 22.22 26.96 -2.85
CA GLY C 95 21.92 26.74 -4.25
C GLY C 95 20.46 26.51 -4.60
N ILE C 96 19.98 25.28 -4.47
CA ILE C 96 18.62 24.91 -4.86
C ILE C 96 17.89 24.34 -3.65
N ALA C 97 16.76 24.95 -3.30
CA ALA C 97 16.00 24.47 -2.16
C ALA C 97 14.57 24.97 -2.23
N THR C 98 13.64 24.14 -1.76
CA THR C 98 12.24 24.48 -1.69
C THR C 98 11.94 25.33 -0.46
N ALA C 99 10.81 26.03 -0.49
CA ALA C 99 10.45 26.88 0.64
C ALA C 99 10.28 26.08 1.92
N ALA C 100 9.63 24.93 1.84
CA ALA C 100 9.48 24.10 3.03
C ALA C 100 10.83 23.64 3.56
N GLN C 101 11.71 23.21 2.65
CA GLN C 101 13.02 22.75 3.06
C GLN C 101 13.83 23.86 3.72
N ILE C 102 13.78 25.07 3.17
CA ILE C 102 14.49 26.19 3.80
C ILE C 102 13.94 26.45 5.18
N THR C 103 12.63 26.38 5.35
CA THR C 103 12.06 26.61 6.68
C THR C 103 12.58 25.58 7.67
N ALA C 104 12.65 24.32 7.26
CA ALA C 104 13.20 23.30 8.16
C ALA C 104 14.65 23.58 8.49
N GLY C 105 15.38 24.20 7.59
CA GLY C 105 16.75 24.58 7.89
C GLY C 105 16.85 25.51 9.07
N VAL C 106 15.91 26.42 9.22
CA VAL C 106 15.91 27.30 10.39
C VAL C 106 15.60 26.51 11.65
N ALA C 107 14.59 25.64 11.60
CA ALA C 107 14.25 24.84 12.78
C ALA C 107 15.42 23.98 13.21
N LEU C 108 16.16 23.44 12.25
CA LEU C 108 17.32 22.62 12.60
C LEU C 108 18.34 23.43 13.36
N TYR C 109 18.67 24.62 12.87
CA TYR C 109 19.63 25.47 13.58
C TYR C 109 19.10 25.84 14.96
N GLU C 110 17.82 26.18 15.04
CA GLU C 110 17.25 26.53 16.33
C GLU C 110 17.35 25.38 17.30
N ALA C 111 17.18 24.15 16.82
CA ALA C 111 17.29 22.98 17.68
C ALA C 111 18.73 22.58 17.99
N MET C 112 19.65 22.83 17.07
CA MET C 112 21.04 22.43 17.30
C MET C 112 21.59 23.00 18.58
N LYS C 113 21.18 24.21 18.96
CA LYS C 113 21.65 24.80 20.21
C LYS C 113 21.35 23.91 21.42
N ASN C 114 20.14 23.38 21.50
CA ASN C 114 19.80 22.51 22.62
C ASN C 114 20.48 21.15 22.51
N ALA C 115 20.57 20.61 21.29
CA ALA C 115 21.20 19.31 21.10
C ALA C 115 22.63 19.27 21.61
N ASP C 116 23.31 20.41 21.63
CA ASP C 116 24.68 20.40 22.13
C ASP C 116 24.76 20.14 23.63
N ASN C 117 23.68 20.35 24.38
CA ASN C 117 23.71 19.94 25.78
C ASN C 117 23.73 18.43 25.89
N ILE C 118 22.89 17.75 25.11
CA ILE C 118 22.86 16.30 25.08
C ILE C 118 24.19 15.74 24.65
N ASN C 119 24.88 16.44 23.76
CA ASN C 119 26.17 15.99 23.27
C ASN C 119 27.21 15.82 24.36
N LYS C 120 27.06 16.47 25.51
CA LYS C 120 28.02 16.29 26.60
C LYS C 120 27.83 14.98 27.37
N LEU C 121 26.69 14.34 27.25
CA LEU C 121 26.41 13.09 27.94
C LEU C 121 26.98 11.87 27.22
N LYS C 122 27.80 12.09 26.19
CA LYS C 122 28.31 11.00 25.35
C LYS C 122 28.84 9.80 26.14
N SER C 123 29.52 10.05 27.26
CA SER C 123 30.03 8.93 28.05
C SER C 123 28.91 8.11 28.68
N SER C 124 27.83 8.74 29.10
CA SER C 124 26.70 7.99 29.66
C SER C 124 25.89 7.28 28.59
N ILE C 125 25.73 7.90 27.42
CA ILE C 125 24.98 7.28 26.33
C ILE C 125 25.57 5.92 25.99
N GLU C 126 26.88 5.85 25.84
CA GLU C 126 27.56 4.61 25.51
C GLU C 126 27.44 3.56 26.62
N SER C 127 27.16 3.97 27.86
CA SER C 127 27.11 3.04 28.99
C SER C 127 25.70 2.58 29.36
N THR C 128 24.68 2.91 28.56
CA THR C 128 23.34 2.44 28.86
C THR C 128 23.26 0.92 28.82
N ASN C 129 22.32 0.37 29.60
CA ASN C 129 22.15 -1.08 29.59
C ASN C 129 20.68 -1.51 29.79
N GLU C 130 19.72 -0.68 29.44
CA GLU C 130 18.31 -1.02 29.47
C GLU C 130 17.63 -0.49 28.21
N ALA C 131 16.44 -1.01 27.91
CA ALA C 131 15.71 -0.54 26.74
C ALA C 131 15.33 0.91 26.87
N VAL C 132 14.99 1.36 28.08
CA VAL C 132 14.66 2.76 28.32
C VAL C 132 15.41 3.19 29.56
N VAL C 133 16.07 4.34 29.50
CA VAL C 133 16.79 4.85 30.65
C VAL C 133 16.69 6.36 30.65
N LYS C 134 16.74 6.95 31.84
CA LYS C 134 16.61 8.38 32.02
C LYS C 134 17.93 8.97 32.49
N LEU C 135 18.39 10.00 31.81
CA LEU C 135 19.67 10.63 32.12
C LEU C 135 19.48 12.09 32.50
N GLN C 136 20.31 12.55 33.44
CA GLN C 136 20.31 13.94 33.87
C GLN C 136 21.10 14.78 32.88
N GLU C 137 20.40 15.56 32.03
CA GLU C 137 21.10 16.45 31.12
C GLU C 137 21.88 17.49 31.89
N THR C 138 21.25 18.04 32.92
CA THR C 138 21.80 18.96 33.89
C THR C 138 21.00 18.69 35.16
N ALA C 139 21.32 19.40 36.24
CA ALA C 139 20.46 19.27 37.39
C ALA C 139 19.06 19.78 37.08
N GLU C 140 18.92 20.59 36.03
CA GLU C 140 17.67 21.23 35.64
C GLU C 140 16.88 20.47 34.57
N LYS C 141 17.49 19.53 33.85
CA LYS C 141 16.79 18.92 32.72
C LYS C 141 17.20 17.46 32.55
N THR C 142 16.28 16.65 32.01
CA THR C 142 16.51 15.23 31.78
C THR C 142 16.19 14.84 30.35
N VAL C 143 16.93 13.84 29.84
CA VAL C 143 16.77 13.30 28.49
C VAL C 143 16.60 11.79 28.58
N TYR C 144 15.78 11.22 27.70
CA TYR C 144 15.53 9.78 27.66
C TYR C 144 16.26 9.11 26.51
N VAL C 145 16.88 7.97 26.79
CA VAL C 145 17.61 7.16 25.82
C VAL C 145 16.86 5.87 25.55
N LEU C 146 16.62 5.57 24.27
CA LEU C 146 15.96 4.34 23.84
C LEU C 146 16.96 3.47 23.09
N THR C 147 17.17 2.24 23.56
CA THR C 147 18.13 1.32 22.96
C THR C 147 17.41 0.31 22.08
N ALA C 148 17.98 0.07 20.90
CA ALA C 148 17.36 -0.77 19.89
C ALA C 148 16.97 -2.17 20.35
N LEU C 149 17.94 -2.98 20.79
CA LEU C 149 17.65 -4.39 21.08
C LEU C 149 18.05 -4.83 22.48
N GLN C 150 18.20 -3.91 23.43
CA GLN C 150 18.68 -4.29 24.74
C GLN C 150 17.78 -5.29 25.45
N ASP C 151 16.46 -5.27 25.19
CA ASP C 151 15.60 -6.24 25.88
C ASP C 151 15.87 -7.67 25.42
N TYR C 152 16.05 -7.87 24.11
CA TYR C 152 16.30 -9.21 23.59
C TYR C 152 17.59 -9.77 24.14
N ILE C 153 18.64 -8.96 24.18
CA ILE C 153 19.91 -9.41 24.74
C ILE C 153 19.75 -9.70 26.22
N ASN C 154 19.13 -8.77 26.95
CA ASN C 154 18.93 -8.97 28.39
C ASN C 154 17.98 -10.11 28.71
N THR C 155 17.07 -10.49 27.82
CA THR C 155 16.10 -11.52 28.17
C THR C 155 16.40 -12.90 27.60
N ASN C 156 16.82 -13.02 26.35
CA ASN C 156 17.03 -14.34 25.79
C ASN C 156 18.49 -14.81 25.83
N LEU C 157 19.43 -13.95 25.49
CA LEU C 157 20.82 -14.36 25.41
C LEU C 157 21.51 -14.39 26.77
N VAL C 158 21.42 -13.31 27.54
CA VAL C 158 22.10 -13.26 28.84
C VAL C 158 21.73 -14.40 29.77
N PRO C 159 20.49 -14.89 29.83
CA PRO C 159 20.23 -16.03 30.72
C PRO C 159 20.72 -17.37 30.19
N THR C 160 20.58 -17.62 28.90
CA THR C 160 20.94 -18.91 28.32
C THR C 160 22.43 -19.06 28.04
N ILE C 161 23.23 -18.06 28.38
CA ILE C 161 24.67 -18.04 28.10
C ILE C 161 25.38 -19.29 28.62
N ASP C 162 24.81 -19.98 29.60
CA ASP C 162 25.45 -21.20 30.11
C ASP C 162 24.95 -22.48 29.45
N LYS C 163 23.71 -22.53 28.99
CA LYS C 163 23.20 -23.74 28.35
C LYS C 163 23.54 -23.84 26.87
N ILE C 164 23.41 -22.75 26.14
CA ILE C 164 23.74 -22.76 24.73
C ILE C 164 25.25 -22.58 24.58
N SER C 165 25.84 -23.22 23.58
CA SER C 165 27.26 -23.06 23.34
C SER C 165 27.59 -21.60 23.01
N CYS C 166 28.85 -21.24 23.17
CA CYS C 166 29.30 -19.89 22.82
C CYS C 166 29.14 -19.62 21.33
N LYS C 167 29.45 -20.61 20.48
CA LYS C 167 29.26 -20.42 19.05
C LYS C 167 27.81 -20.15 18.69
N GLN C 168 26.90 -20.98 19.18
CA GLN C 168 25.49 -20.78 18.86
C GLN C 168 24.92 -19.51 19.50
N THR C 169 25.49 -19.06 20.62
CA THR C 169 25.03 -17.78 21.16
C THR C 169 25.39 -16.65 20.22
N GLU C 170 26.64 -16.65 19.72
CA GLU C 170 27.07 -15.65 18.77
C GLU C 170 26.20 -15.66 17.52
N LEU C 171 25.93 -16.84 17.00
CA LEU C 171 25.09 -16.96 15.81
C LEU C 171 23.67 -16.48 16.09
N SER C 172 23.11 -16.81 17.26
CA SER C 172 21.77 -16.36 17.57
C SER C 172 21.70 -14.85 17.74
N LEU C 173 22.84 -14.21 17.99
CA LEU C 173 22.91 -12.76 18.07
C LEU C 173 22.96 -12.17 16.67
N ASP C 174 23.75 -12.78 15.80
CA ASP C 174 23.91 -12.29 14.44
C ASP C 174 22.57 -12.20 13.72
N LEU C 175 21.76 -13.25 13.81
CA LEU C 175 20.44 -13.23 13.17
C LEU C 175 19.60 -12.05 13.63
N ALA C 176 19.65 -11.72 14.92
CA ALA C 176 18.84 -10.60 15.40
C ALA C 176 19.29 -9.28 14.80
N LEU C 177 20.60 -9.00 14.82
CA LEU C 177 21.10 -7.77 14.22
C LEU C 177 20.76 -7.69 12.74
N SER C 178 20.91 -8.81 12.04
CA SER C 178 20.63 -8.80 10.61
C SER C 178 19.15 -8.58 10.32
N LYS C 179 18.28 -9.19 11.13
CA LYS C 179 16.85 -8.95 10.97
C LYS C 179 16.52 -7.49 11.17
N TYR C 180 17.08 -6.88 12.20
CA TYR C 180 16.84 -5.48 12.48
C TYR C 180 17.26 -4.59 11.31
N LEU C 181 18.44 -4.83 10.74
CA LEU C 181 18.85 -4.05 9.58
C LEU C 181 17.93 -4.26 8.39
N SER C 182 17.45 -5.49 8.19
CA SER C 182 16.56 -5.76 7.08
C SER C 182 15.30 -4.93 7.15
N ASP C 183 14.85 -4.60 8.36
CA ASP C 183 13.68 -3.77 8.55
C ASP C 183 14.01 -2.29 8.45
N LEU C 184 15.09 -1.87 9.11
CA LEU C 184 15.49 -0.47 9.15
C LEU C 184 15.67 0.17 7.77
N LEU C 185 16.18 -0.57 6.80
CA LEU C 185 16.47 0.02 5.49
C LEU C 185 15.24 0.63 4.82
N PHE C 186 14.05 0.13 5.10
CA PHE C 186 12.88 0.70 4.46
C PHE C 186 12.58 2.12 4.87
N VAL C 187 13.16 2.61 5.96
CA VAL C 187 12.95 3.98 6.41
C VAL C 187 14.19 4.83 6.23
N PHE C 188 15.34 4.34 6.69
CA PHE C 188 16.58 5.10 6.64
C PHE C 188 17.45 4.77 5.44
N GLY C 189 17.00 3.91 4.55
CA GLY C 189 17.74 3.61 3.35
C GLY C 189 17.69 4.76 2.38
N PRO C 190 17.91 4.48 1.09
CA PRO C 190 17.94 5.56 0.10
C PRO C 190 16.65 6.38 0.01
N ASN C 191 15.53 5.90 0.55
CA ASN C 191 14.31 6.71 0.50
C ASN C 191 14.40 7.96 1.35
N LEU C 192 15.39 8.06 2.23
CA LEU C 192 15.52 9.22 3.11
C LEU C 192 16.63 10.15 2.62
N GLN C 193 16.45 10.69 1.42
CA GLN C 193 17.44 11.60 0.86
C GLN C 193 17.31 13.03 1.36
N ASP C 194 16.22 13.40 2.03
CA ASP C 194 16.00 14.77 2.53
C ASP C 194 15.79 14.81 4.04
N PRO C 195 16.71 14.28 4.83
CA PRO C 195 16.50 14.23 6.29
C PRO C 195 16.27 15.58 6.94
N VAL C 196 16.59 16.69 6.28
CA VAL C 196 16.30 18.00 6.87
C VAL C 196 14.79 18.24 7.02
N SER C 197 13.97 17.65 6.16
CA SER C 197 12.53 17.86 6.23
C SER C 197 11.94 17.43 7.57
N ASN C 198 10.96 18.18 8.03
CA ASN C 198 10.31 17.97 9.33
C ASN C 198 8.94 17.32 9.23
N SER C 199 8.64 16.60 8.15
CA SER C 199 7.31 16.02 8.00
C SER C 199 7.25 14.51 8.18
N MET C 200 8.36 13.84 8.44
CA MET C 200 8.32 12.39 8.61
C MET C 200 7.51 11.97 9.83
N THR C 201 6.47 11.19 9.61
CA THR C 201 5.58 10.74 10.68
C THR C 201 6.33 9.86 11.68
N ILE C 202 5.97 9.98 12.95
CA ILE C 202 6.70 9.30 14.02
C ILE C 202 6.62 7.79 13.91
N GLN C 203 5.57 7.26 13.29
CA GLN C 203 5.53 5.81 13.07
C GLN C 203 6.69 5.35 12.19
N ALA C 204 7.21 6.23 11.34
CA ALA C 204 8.36 5.86 10.52
C ALA C 204 9.65 5.92 11.33
N ILE C 205 9.88 7.02 12.03
CA ILE C 205 11.07 7.16 12.87
C ILE C 205 11.16 6.00 13.85
N SER C 206 10.02 5.59 14.41
CA SER C 206 10.03 4.52 15.39
C SER C 206 10.49 3.19 14.82
N GLN C 207 10.69 3.05 13.51
CA GLN C 207 11.24 1.81 13.00
C GLN C 207 12.67 1.59 13.46
N ALA C 208 13.35 2.64 13.88
CA ALA C 208 14.68 2.53 14.48
C ALA C 208 14.63 1.93 15.87
N PHE C 209 13.44 1.65 16.39
CA PHE C 209 13.27 1.14 17.73
C PHE C 209 12.20 0.05 17.74
N GLY C 210 12.30 -0.87 16.80
CA GLY C 210 11.40 -2.00 16.72
C GLY C 210 9.94 -1.63 16.45
N GLY C 211 9.69 -0.39 16.07
CA GLY C 211 8.34 0.04 15.80
C GLY C 211 7.46 0.21 17.01
N ASN C 212 8.01 0.07 18.21
CA ASN C 212 7.25 0.24 19.44
C ASN C 212 7.03 1.72 19.75
N TYR C 213 6.40 2.42 18.81
CA TYR C 213 6.19 3.85 18.97
C TYR C 213 5.36 4.21 20.20
N GLU C 214 4.62 3.25 20.76
CA GLU C 214 3.87 3.55 21.97
C GLU C 214 4.76 3.99 23.12
N THR C 215 5.87 3.27 23.36
CA THR C 215 6.77 3.72 24.42
C THR C 215 7.47 5.02 24.05
N LEU C 216 7.84 5.15 22.78
CA LEU C 216 8.52 6.37 22.35
C LEU C 216 7.65 7.60 22.56
N LEU C 217 6.33 7.42 22.57
CA LEU C 217 5.42 8.51 22.89
C LEU C 217 5.16 8.63 24.39
N ARG C 218 5.03 7.50 25.09
CA ARG C 218 4.82 7.54 26.53
C ARG C 218 5.92 8.32 27.24
N THR C 219 7.16 8.19 26.78
CA THR C 219 8.25 8.90 27.43
C THR C 219 8.13 10.41 27.32
N LEU C 220 7.34 10.94 26.38
CA LEU C 220 7.21 12.39 26.27
C LEU C 220 6.57 13.01 27.50
N GLY C 221 5.65 12.30 28.13
CA GLY C 221 4.97 12.85 29.29
C GLY C 221 3.81 13.76 29.02
N TYR C 222 3.30 13.84 27.79
CA TYR C 222 2.11 14.62 27.50
C TYR C 222 0.89 13.72 27.61
N ALA C 223 -0.25 14.31 27.95
CA ALA C 223 -1.50 13.58 28.00
C ALA C 223 -2.64 14.42 27.44
N THR C 224 -3.46 13.81 26.60
CA THR C 224 -4.63 14.45 26.02
C THR C 224 -5.56 13.39 25.45
N GLU C 225 -6.85 13.73 25.39
CA GLU C 225 -7.83 12.83 24.81
C GLU C 225 -7.69 12.68 23.31
N ASP C 226 -7.07 13.64 22.65
CA ASP C 226 -6.85 13.63 21.21
C ASP C 226 -5.76 12.67 20.78
N PHE C 227 -5.12 12.01 21.75
CA PHE C 227 -3.92 11.23 21.48
C PHE C 227 -4.16 10.16 20.42
N ASP C 228 -5.29 9.47 20.47
CA ASP C 228 -5.55 8.47 19.43
C ASP C 228 -5.80 9.10 18.07
N ASP C 229 -6.38 10.30 18.04
CA ASP C 229 -6.67 10.95 16.77
C ASP C 229 -5.43 11.58 16.14
N LEU C 230 -4.59 12.20 16.95
CA LEU C 230 -3.35 12.79 16.42
C LEU C 230 -2.45 11.72 15.83
N LEU C 231 -2.43 10.53 16.43
CA LEU C 231 -1.65 9.42 15.92
C LEU C 231 -2.12 9.01 14.52
N GLU C 232 -3.41 8.72 14.40
CA GLU C 232 -3.93 8.20 13.13
C GLU C 232 -4.00 9.27 12.03
N SER C 233 -4.13 10.53 12.40
CA SER C 233 -4.13 11.55 11.36
C SER C 233 -2.75 11.90 10.85
N ASP C 234 -1.71 11.18 11.29
CA ASP C 234 -0.33 11.43 10.90
C ASP C 234 0.13 12.85 11.23
N SER C 235 -0.35 13.42 12.32
CA SER C 235 0.02 14.78 12.70
C SER C 235 1.26 14.86 13.57
N ILE C 236 1.55 13.81 14.32
CA ILE C 236 2.75 13.76 15.14
C ILE C 236 3.95 13.44 14.26
N THR C 237 5.02 14.21 14.40
CA THR C 237 6.17 14.05 13.52
C THR C 237 7.47 14.29 14.26
N GLY C 238 8.54 13.68 13.76
CA GLY C 238 9.87 13.80 14.34
C GLY C 238 10.96 14.15 13.34
N GLN C 239 11.81 15.11 13.68
CA GLN C 239 12.90 15.56 12.83
C GLN C 239 14.26 15.15 13.38
N ILE C 240 15.13 14.63 12.50
CA ILE C 240 16.48 14.23 12.88
C ILE C 240 17.33 15.47 13.08
N ILE C 241 17.78 15.70 14.32
CA ILE C 241 18.57 16.88 14.63
C ILE C 241 20.08 16.63 14.62
N TYR C 242 20.50 15.43 14.99
CA TYR C 242 21.94 15.18 15.08
C TYR C 242 22.20 13.69 14.90
N VAL C 243 23.43 13.37 14.48
CA VAL C 243 23.83 11.98 14.32
C VAL C 243 25.33 11.92 14.60
N ASP C 244 25.77 10.84 15.25
CA ASP C 244 27.18 10.70 15.61
C ASP C 244 27.69 9.32 15.21
N LEU C 245 28.53 9.28 14.19
CA LEU C 245 29.10 8.03 13.66
C LEU C 245 30.03 7.32 14.62
N SER C 246 30.48 7.95 15.70
CA SER C 246 31.36 7.29 16.66
C SER C 246 30.61 6.50 17.73
N SER C 247 29.30 6.66 17.84
CA SER C 247 28.53 5.98 18.86
C SER C 247 27.19 5.47 18.36
N TYR C 248 26.84 5.78 17.11
CA TYR C 248 25.63 5.28 16.47
C TYR C 248 24.35 5.62 17.23
N TYR C 249 24.18 6.89 17.57
CA TYR C 249 22.93 7.35 18.13
C TYR C 249 22.46 8.57 17.35
N ILE C 250 21.15 8.73 17.23
CA ILE C 250 20.57 9.89 16.57
C ILE C 250 19.69 10.61 17.58
N ILE C 251 19.63 11.92 17.45
CA ILE C 251 18.77 12.74 18.30
C ILE C 251 17.62 13.23 17.44
N VAL C 252 16.40 12.96 17.87
CA VAL C 252 15.22 13.41 17.12
C VAL C 252 14.40 14.34 17.99
N ARG C 253 13.85 15.37 17.36
CA ARG C 253 12.97 16.33 18.00
C ARG C 253 11.54 15.98 17.64
N VAL C 254 10.70 15.73 18.63
CA VAL C 254 9.31 15.33 18.41
C VAL C 254 8.39 16.53 18.55
N TYR C 255 7.52 16.72 17.56
CA TYR C 255 6.54 17.80 17.53
C TYR C 255 5.18 17.24 17.90
N PHE C 256 4.52 17.83 18.89
CA PHE C 256 3.22 17.35 19.36
C PHE C 256 2.15 18.43 19.19
N PRO C 257 1.30 18.33 18.18
CA PRO C 257 0.27 19.35 17.94
C PRO C 257 -0.90 19.31 18.90
N ILE C 258 -1.67 20.40 18.85
CA ILE C 258 -2.98 20.52 19.50
C ILE C 258 -4.00 20.87 18.42
N LEU C 259 -5.15 20.23 18.44
CA LEU C 259 -6.16 20.41 17.39
C LEU C 259 -6.93 21.72 17.52
N THR C 260 -7.36 22.25 16.37
CA THR C 260 -8.19 23.45 16.31
C THR C 260 -9.30 23.29 15.29
N GLU C 261 -10.49 23.74 15.66
CA GLU C 261 -11.61 23.81 14.74
C GLU C 261 -11.48 25.04 13.85
N ILE C 262 -12.03 24.94 12.64
CA ILE C 262 -12.06 26.04 11.68
C ILE C 262 -13.47 26.63 11.68
N GLN C 263 -13.56 27.93 11.89
CA GLN C 263 -14.86 28.60 11.99
C GLN C 263 -15.63 28.62 10.68
N GLN C 264 -16.95 28.50 10.80
CA GLN C 264 -17.89 28.56 9.69
C GLN C 264 -17.58 27.57 8.58
N ALA C 265 -17.01 26.42 8.92
CA ALA C 265 -16.69 25.42 7.92
C ALA C 265 -17.23 24.08 8.36
N TYR C 266 -17.76 23.30 7.41
CA TYR C 266 -18.26 21.97 7.71
C TYR C 266 -18.21 21.14 6.45
N ILE C 267 -18.21 19.82 6.62
CA ILE C 267 -18.21 18.88 5.52
C ILE C 267 -19.53 18.16 5.48
N GLN C 268 -20.20 18.18 4.32
CA GLN C 268 -21.46 17.49 4.13
C GLN C 268 -21.22 16.23 3.31
N GLU C 269 -21.38 15.07 3.93
CA GLU C 269 -21.31 13.81 3.22
C GLU C 269 -22.62 13.54 2.50
N LEU C 270 -22.54 12.98 1.29
CA LEU C 270 -23.71 12.57 0.52
C LEU C 270 -23.72 11.07 0.29
N LEU C 271 -24.81 10.42 0.68
CA LEU C 271 -24.98 8.99 0.47
C LEU C 271 -25.61 8.72 -0.90
N PRO C 272 -24.94 8.01 -1.80
CA PRO C 272 -25.53 7.69 -3.09
C PRO C 272 -26.45 6.48 -3.03
N VAL C 273 -27.47 6.49 -3.89
CA VAL C 273 -28.39 5.37 -4.05
C VAL C 273 -28.80 5.29 -5.51
N SER C 274 -28.93 4.08 -6.04
CA SER C 274 -29.36 3.93 -7.42
C SER C 274 -30.82 4.33 -7.60
N PHE C 275 -31.17 4.72 -8.82
CA PHE C 275 -32.52 5.13 -9.14
C PHE C 275 -32.90 4.63 -10.52
N ASN C 276 -34.20 4.61 -10.77
CA ASN C 276 -34.74 4.17 -12.05
C ASN C 276 -34.88 5.31 -13.06
N ASN C 277 -34.50 5.02 -14.31
CA ASN C 277 -34.75 5.90 -15.43
C ASN C 277 -34.99 5.00 -16.64
N ASP C 278 -36.06 5.27 -17.40
CA ASP C 278 -36.52 4.32 -18.44
C ASP C 278 -36.66 2.98 -17.72
N ASN C 279 -36.03 1.92 -18.19
CA ASN C 279 -35.99 0.66 -17.46
C ASN C 279 -34.65 0.45 -16.76
N SER C 280 -33.71 1.37 -16.93
CA SER C 280 -32.36 1.21 -16.45
C SER C 280 -32.12 1.86 -15.09
N GLU C 281 -31.26 1.22 -14.30
CA GLU C 281 -30.80 1.77 -13.03
C GLU C 281 -29.62 2.68 -13.29
N TRP C 282 -29.56 3.80 -12.57
CA TRP C 282 -28.51 4.77 -12.78
C TRP C 282 -27.99 5.28 -11.44
N ILE C 283 -26.77 5.79 -11.45
CA ILE C 283 -26.16 6.39 -10.28
C ILE C 283 -25.61 7.74 -10.69
N SER C 284 -25.96 8.78 -9.95
CA SER C 284 -25.43 10.09 -10.26
C SER C 284 -23.98 10.17 -9.79
N ILE C 285 -23.13 10.79 -10.59
CA ILE C 285 -21.70 10.88 -10.33
C ILE C 285 -21.41 12.30 -9.86
N VAL C 286 -21.33 12.47 -8.54
CA VAL C 286 -20.99 13.76 -7.93
C VAL C 286 -20.05 13.51 -6.76
N PRO C 287 -19.30 14.53 -6.35
CA PRO C 287 -18.37 14.33 -5.23
C PRO C 287 -19.13 13.92 -3.96
N ASN C 288 -18.64 12.87 -3.31
CA ASN C 288 -19.30 12.34 -2.13
C ASN C 288 -19.12 13.20 -0.89
N PHE C 289 -18.11 14.07 -0.84
CA PHE C 289 -17.95 14.99 0.28
C PHE C 289 -17.85 16.42 -0.23
N ILE C 290 -18.79 17.24 0.21
CA ILE C 290 -18.87 18.65 -0.17
C ILE C 290 -18.40 19.47 1.00
N LEU C 291 -17.42 20.34 0.78
CA LEU C 291 -16.88 21.17 1.84
C LEU C 291 -17.35 22.60 1.65
N VAL C 292 -17.97 23.17 2.69
CA VAL C 292 -18.50 24.52 2.66
C VAL C 292 -17.70 25.40 3.61
N ARG C 293 -17.17 26.50 3.09
CA ARG C 293 -16.46 27.49 3.90
C ARG C 293 -17.05 28.86 3.61
N ASN C 294 -17.57 29.52 4.63
CA ASN C 294 -18.15 30.85 4.49
C ASN C 294 -19.16 30.89 3.34
N THR C 295 -19.88 29.78 3.18
CA THR C 295 -20.85 29.51 2.12
C THR C 295 -20.23 29.37 0.72
N LEU C 296 -18.91 29.36 0.60
CA LEU C 296 -18.30 28.99 -0.66
C LEU C 296 -18.21 27.47 -0.72
N ILE C 297 -18.45 26.90 -1.89
CA ILE C 297 -18.42 25.45 -2.07
C ILE C 297 -17.13 25.05 -2.76
N SER C 298 -16.45 24.04 -2.22
CA SER C 298 -15.20 23.57 -2.78
C SER C 298 -15.09 22.07 -2.54
N ASN C 299 -14.16 21.44 -3.25
CA ASN C 299 -13.98 19.99 -3.23
C ASN C 299 -12.77 19.62 -2.40
N ILE C 300 -12.93 18.63 -1.52
CA ILE C 300 -11.85 18.18 -0.65
C ILE C 300 -11.39 16.78 -1.04
N GLU C 301 -10.07 16.61 -1.15
CA GLU C 301 -9.45 15.30 -1.40
C GLU C 301 -9.32 14.56 -0.06
N ILE C 302 -10.47 14.10 0.42
CA ILE C 302 -10.63 13.51 1.75
C ILE C 302 -9.78 12.28 2.02
N GLY C 303 -9.16 11.67 1.01
CA GLY C 303 -8.30 10.52 1.28
C GLY C 303 -7.13 10.79 2.21
N PHE C 304 -6.73 12.05 2.34
CA PHE C 304 -5.67 12.47 3.25
C PHE C 304 -6.13 12.73 4.67
N CYS C 305 -7.40 12.47 5.01
CA CYS C 305 -7.91 12.82 6.33
C CYS C 305 -8.64 11.64 6.97
N LEU C 306 -8.86 11.76 8.27
CA LEU C 306 -9.53 10.74 9.07
C LEU C 306 -10.99 11.11 9.26
N ILE C 307 -11.88 10.26 8.77
CA ILE C 307 -13.34 10.51 8.85
C ILE C 307 -13.87 9.84 10.11
N THR C 308 -13.74 10.55 11.23
CA THR C 308 -14.32 10.06 12.48
C THR C 308 -15.85 10.19 12.44
N LYS C 309 -16.50 9.67 13.48
CA LYS C 309 -17.95 9.71 13.56
C LYS C 309 -18.52 11.12 13.73
N ARG C 310 -17.73 12.08 14.19
CA ARG C 310 -18.24 13.44 14.38
C ARG C 310 -17.47 14.54 13.69
N SER C 311 -16.19 14.34 13.36
CA SER C 311 -15.44 15.42 12.73
C SER C 311 -14.31 14.83 11.90
N VAL C 312 -13.86 15.60 10.92
CA VAL C 312 -12.77 15.22 10.03
C VAL C 312 -11.48 15.86 10.51
N ILE C 313 -10.45 15.05 10.72
CA ILE C 313 -9.16 15.49 11.23
C ILE C 313 -8.15 15.45 10.08
N CYS C 314 -7.56 16.60 9.76
CA CYS C 314 -6.57 16.65 8.69
C CYS C 314 -5.28 17.27 9.22
N ASN C 315 -4.15 16.74 8.74
CA ASN C 315 -2.86 17.29 9.13
C ASN C 315 -2.55 18.62 8.46
N GLN C 316 -3.33 19.00 7.44
CA GLN C 316 -3.18 20.31 6.81
C GLN C 316 -4.43 20.54 5.95
N ASP C 317 -4.57 21.78 5.48
CA ASP C 317 -5.71 22.12 4.63
C ASP C 317 -5.66 21.39 3.30
N TYR C 318 -6.74 20.71 2.94
CA TYR C 318 -6.78 19.90 1.72
C TYR C 318 -7.86 20.29 0.73
N ALA C 319 -8.38 21.51 0.78
CA ALA C 319 -9.37 21.93 -0.20
C ALA C 319 -8.79 21.98 -1.61
N THR C 320 -9.68 21.84 -2.61
CA THR C 320 -9.34 21.88 -4.02
C THR C 320 -10.52 22.51 -4.77
N PRO C 321 -10.28 23.12 -5.92
CA PRO C 321 -11.36 23.82 -6.63
C PRO C 321 -12.33 22.86 -7.30
N MET C 322 -13.51 23.40 -7.63
CA MET C 322 -14.59 22.67 -8.29
C MET C 322 -15.01 23.39 -9.57
N THR C 323 -15.26 22.63 -10.64
CA THR C 323 -15.75 23.20 -11.88
C THR C 323 -17.11 23.83 -11.67
N ASN C 324 -17.34 24.99 -12.30
CA ASN C 324 -18.62 25.65 -12.11
C ASN C 324 -19.79 24.84 -12.66
N ASN C 325 -19.55 24.05 -13.70
CA ASN C 325 -20.58 23.15 -14.21
C ASN C 325 -21.03 22.16 -13.15
N MET C 326 -20.09 21.66 -12.34
CA MET C 326 -20.47 20.74 -11.27
C MET C 326 -21.18 21.46 -10.14
N ARG C 327 -20.69 22.63 -9.76
CA ARG C 327 -21.33 23.40 -8.70
C ARG C 327 -22.79 23.61 -8.99
N GLU C 328 -23.15 23.81 -10.26
CA GLU C 328 -24.55 24.00 -10.60
C GLU C 328 -25.42 22.84 -10.15
N CYS C 329 -24.89 21.62 -10.10
CA CYS C 329 -25.65 20.50 -9.57
C CYS C 329 -26.04 20.73 -8.13
N LEU C 330 -25.08 21.15 -7.32
CA LEU C 330 -25.34 21.29 -5.90
C LEU C 330 -26.26 22.48 -5.63
N THR C 331 -26.16 23.55 -6.41
CA THR C 331 -27.10 24.64 -6.22
C THR C 331 -28.44 24.43 -6.95
N GLY C 332 -28.80 23.21 -7.33
CA GLY C 332 -30.13 22.92 -7.84
C GLY C 332 -30.35 22.71 -9.32
N SER C 333 -29.35 22.84 -10.18
CA SER C 333 -29.56 22.61 -11.62
C SER C 333 -29.25 21.15 -11.96
N THR C 334 -30.21 20.27 -11.68
CA THR C 334 -30.03 18.84 -11.88
C THR C 334 -29.73 18.44 -13.32
N GLU C 335 -30.01 19.30 -14.30
CA GLU C 335 -29.71 18.96 -15.68
C GLU C 335 -28.22 18.75 -15.91
N LYS C 336 -27.39 19.37 -15.07
CA LYS C 336 -25.93 19.30 -15.19
C LYS C 336 -25.29 18.03 -14.64
N CYS C 337 -25.98 17.28 -13.79
CA CYS C 337 -25.34 16.18 -13.07
C CYS C 337 -25.17 14.94 -13.91
N PRO C 338 -23.95 14.48 -14.17
CA PRO C 338 -23.73 13.26 -14.96
C PRO C 338 -24.16 12.02 -14.19
N ARG C 339 -24.45 10.97 -14.95
CA ARG C 339 -24.90 9.70 -14.38
C ARG C 339 -24.31 8.53 -15.14
N GLU C 340 -23.95 7.46 -14.42
CA GLU C 340 -23.35 6.25 -14.99
C GLU C 340 -24.32 5.08 -14.95
N LEU C 341 -24.36 4.29 -16.01
CA LEU C 341 -25.25 3.15 -16.09
C LEU C 341 -24.82 2.04 -15.13
N VAL C 342 -25.80 1.46 -14.45
CA VAL C 342 -25.59 0.36 -13.50
C VAL C 342 -25.66 -0.98 -14.23
N VAL C 343 -24.61 -1.80 -14.10
CA VAL C 343 -24.60 -3.11 -14.74
C VAL C 343 -24.21 -4.22 -13.77
N SER C 344 -23.82 -3.87 -12.54
CA SER C 344 -23.59 -4.92 -11.56
C SER C 344 -24.90 -5.35 -10.92
N SER C 345 -24.91 -6.58 -10.39
CA SER C 345 -26.13 -7.09 -9.78
C SER C 345 -26.40 -6.46 -8.41
N HIS C 346 -25.38 -6.22 -7.61
CA HIS C 346 -25.57 -5.68 -6.28
C HIS C 346 -25.00 -4.27 -6.19
N VAL C 347 -25.88 -3.32 -5.86
CA VAL C 347 -25.51 -1.92 -5.66
C VAL C 347 -26.56 -1.38 -4.71
N PRO C 348 -26.28 -0.38 -3.88
CA PRO C 348 -27.27 0.09 -2.90
C PRO C 348 -28.56 0.55 -3.56
N ARG C 349 -29.68 0.14 -2.98
CA ARG C 349 -30.99 0.49 -3.52
C ARG C 349 -31.90 1.20 -2.54
N PHE C 350 -31.47 1.48 -1.31
CA PHE C 350 -32.25 2.29 -0.41
C PHE C 350 -31.32 2.87 0.64
N ALA C 351 -31.82 3.87 1.37
CA ALA C 351 -31.07 4.47 2.46
C ALA C 351 -32.04 5.16 3.41
N LEU C 352 -31.54 5.47 4.60
CA LEU C 352 -32.32 6.13 5.63
C LEU C 352 -31.67 7.44 6.04
N SER C 353 -32.47 8.52 6.06
CA SER C 353 -32.01 9.82 6.57
C SER C 353 -33.15 10.47 7.32
N ASN C 354 -32.85 11.00 8.51
CA ASN C 354 -33.86 11.62 9.38
C ASN C 354 -35.11 10.76 9.52
N GLY C 355 -34.91 9.45 9.56
CA GLY C 355 -35.98 8.50 9.72
C GLY C 355 -36.90 8.31 8.53
N VAL C 356 -36.59 8.88 7.38
CA VAL C 356 -37.37 8.71 6.18
C VAL C 356 -36.56 7.86 5.20
N LEU C 357 -37.18 6.85 4.63
CA LEU C 357 -36.50 6.01 3.66
C LEU C 357 -36.60 6.59 2.26
N PHE C 358 -35.52 6.45 1.50
CA PHE C 358 -35.50 6.76 0.08
C PHE C 358 -35.22 5.43 -0.60
N ALA C 359 -36.12 4.98 -1.46
CA ALA C 359 -35.97 3.63 -1.97
C ALA C 359 -36.27 3.53 -3.45
N ASN C 360 -35.48 2.69 -4.11
CA ASN C 360 -35.63 2.39 -5.53
C ASN C 360 -36.56 1.20 -5.70
N CYS C 361 -37.79 1.36 -5.24
CA CYS C 361 -38.76 0.28 -5.13
C CYS C 361 -39.03 -0.51 -6.41
N ILE C 362 -38.53 -0.08 -7.56
CA ILE C 362 -38.68 -0.93 -8.73
C ILE C 362 -37.80 -2.17 -8.63
N SER C 363 -36.75 -2.13 -7.81
CA SER C 363 -35.82 -3.23 -7.66
C SER C 363 -35.86 -3.90 -6.30
N VAL C 364 -36.66 -3.39 -5.36
CA VAL C 364 -36.79 -4.00 -4.04
C VAL C 364 -38.25 -4.01 -3.65
N THR C 365 -38.67 -5.06 -2.94
CA THR C 365 -40.07 -5.33 -2.63
C THR C 365 -40.62 -4.44 -1.50
N CYS C 366 -40.60 -3.13 -1.73
CA CYS C 366 -41.14 -2.17 -0.77
C CYS C 366 -42.60 -2.50 -0.45
N GLN C 367 -42.95 -2.47 0.84
CA GLN C 367 -44.32 -2.76 1.26
C GLN C 367 -44.52 -2.27 2.68
N CYS C 368 -45.78 -2.27 3.13
CA CYS C 368 -46.12 -1.80 4.47
C CYS C 368 -46.94 -2.83 5.21
N GLN C 369 -46.40 -3.32 6.33
CA GLN C 369 -47.10 -4.33 7.11
C GLN C 369 -48.34 -3.78 7.81
N THR C 370 -48.45 -2.47 7.97
CA THR C 370 -49.63 -1.90 8.64
C THR C 370 -50.90 -2.19 7.86
N THR C 371 -50.79 -2.36 6.54
CA THR C 371 -51.92 -2.70 5.70
C THR C 371 -51.70 -3.92 4.84
N GLY C 372 -50.45 -4.35 4.63
CA GLY C 372 -50.13 -5.46 3.77
C GLY C 372 -50.07 -5.13 2.30
N ARG C 373 -50.45 -3.92 1.90
CA ARG C 373 -50.39 -3.53 0.50
C ARG C 373 -48.96 -3.23 0.09
N ALA C 374 -48.62 -3.63 -1.13
CA ALA C 374 -47.31 -3.32 -1.68
C ALA C 374 -47.21 -1.85 -2.10
N ILE C 375 -45.98 -1.36 -2.16
CA ILE C 375 -45.67 -0.03 -2.68
C ILE C 375 -45.06 -0.21 -4.05
N SER C 376 -45.51 0.59 -5.02
CA SER C 376 -45.00 0.49 -6.38
C SER C 376 -44.75 1.86 -6.98
N GLN C 377 -43.67 1.98 -7.74
CA GLN C 377 -43.34 3.21 -8.44
C GLN C 377 -43.58 3.01 -9.94
N SER C 378 -44.23 3.99 -10.57
CA SER C 378 -44.35 3.97 -12.02
C SER C 378 -43.03 4.37 -12.66
N GLY C 379 -42.91 4.10 -13.96
CA GLY C 379 -41.69 4.44 -14.68
C GLY C 379 -41.35 5.92 -14.70
N GLU C 380 -42.29 6.79 -14.36
CA GLU C 380 -42.02 8.22 -14.34
C GLU C 380 -41.27 8.68 -13.10
N GLN C 381 -41.29 7.91 -12.03
CA GLN C 381 -40.67 8.32 -10.77
C GLN C 381 -39.30 7.68 -10.61
N THR C 382 -38.31 8.49 -10.25
CA THR C 382 -36.96 7.99 -10.04
C THR C 382 -36.82 7.25 -8.72
N LEU C 383 -37.39 7.80 -7.65
CA LEU C 383 -37.31 7.21 -6.32
C LEU C 383 -38.60 7.48 -5.58
N LEU C 384 -38.85 6.70 -4.54
CA LEU C 384 -39.95 6.97 -3.64
C LEU C 384 -39.43 7.30 -2.25
N MET C 385 -40.09 8.23 -1.59
CA MET C 385 -39.82 8.52 -0.19
C MET C 385 -40.95 7.91 0.62
N ILE C 386 -40.62 7.32 1.76
CA ILE C 386 -41.59 6.64 2.60
C ILE C 386 -41.51 7.25 3.99
N ASP C 387 -42.66 7.64 4.54
CA ASP C 387 -42.69 8.22 5.87
C ASP C 387 -43.95 7.81 6.60
N ASN C 388 -44.03 8.14 7.89
CA ASN C 388 -45.20 7.68 8.64
C ASN C 388 -46.51 8.30 8.19
N THR C 389 -46.53 9.24 7.25
CA THR C 389 -47.84 9.69 6.76
C THR C 389 -48.42 8.70 5.76
N THR C 390 -47.57 8.02 5.00
CA THR C 390 -48.01 6.97 4.08
C THR C 390 -48.08 5.62 4.80
N CYS C 391 -47.07 5.29 5.60
CA CYS C 391 -47.05 4.03 6.34
C CYS C 391 -46.26 4.18 7.63
N PRO C 392 -46.77 3.67 8.75
CA PRO C 392 -46.02 3.77 10.02
C PRO C 392 -44.81 2.87 10.06
N THR C 393 -44.89 1.70 9.45
CA THR C 393 -43.78 0.75 9.39
C THR C 393 -43.72 0.17 8.00
N ALA C 394 -42.52 -0.04 7.50
CA ALA C 394 -42.34 -0.54 6.15
C ALA C 394 -41.31 -1.65 6.16
N VAL C 395 -41.34 -2.47 5.12
CA VAL C 395 -40.46 -3.61 4.97
C VAL C 395 -39.69 -3.47 3.68
N LEU C 396 -38.40 -3.75 3.73
CA LEU C 396 -37.54 -3.75 2.56
C LEU C 396 -36.76 -5.05 2.60
N GLY C 397 -36.73 -5.78 1.49
CA GLY C 397 -36.14 -7.09 1.58
C GLY C 397 -36.94 -7.82 2.63
N ASN C 398 -36.31 -8.15 3.76
CA ASN C 398 -37.07 -8.56 4.93
C ASN C 398 -36.72 -7.74 6.17
N VAL C 399 -36.06 -6.61 5.99
CA VAL C 399 -35.81 -5.69 7.09
C VAL C 399 -37.10 -4.96 7.40
N ILE C 400 -37.44 -4.81 8.67
CA ILE C 400 -38.65 -4.09 9.07
C ILE C 400 -38.23 -2.83 9.81
N ILE C 401 -38.67 -1.67 9.32
CA ILE C 401 -38.28 -0.38 9.85
C ILE C 401 -39.50 0.44 10.23
N SER C 402 -39.38 1.23 11.30
CA SER C 402 -40.40 2.17 11.72
C SER C 402 -39.92 3.56 11.31
N LEU C 403 -40.83 4.40 10.80
CA LEU C 403 -40.43 5.62 10.11
C LEU C 403 -40.92 6.90 10.77
N GLY C 404 -40.12 7.96 10.57
CA GLY C 404 -40.44 9.31 10.98
C GLY C 404 -41.35 10.02 10.00
N LYS C 405 -41.29 11.35 10.02
CA LYS C 405 -42.06 12.18 9.10
C LYS C 405 -41.14 13.13 8.35
N TYR C 406 -41.38 13.28 7.05
CA TYR C 406 -40.57 14.16 6.21
C TYR C 406 -40.87 15.63 6.50
N LEU C 407 -39.81 16.44 6.51
CA LEU C 407 -39.94 17.86 6.80
C LEU C 407 -40.06 18.75 5.56
N GLY C 408 -39.73 18.25 4.38
CA GLY C 408 -39.80 19.04 3.17
C GLY C 408 -41.17 19.11 2.52
N SER C 409 -41.16 19.26 1.20
CA SER C 409 -42.40 19.36 0.43
C SER C 409 -43.20 18.06 0.54
N VAL C 410 -44.52 18.22 0.68
CA VAL C 410 -45.42 17.09 0.85
C VAL C 410 -45.58 16.26 -0.42
N ASN C 411 -45.43 16.87 -1.59
CA ASN C 411 -45.67 16.19 -2.86
C ASN C 411 -44.47 15.47 -3.45
N TYR C 412 -43.40 15.24 -2.67
CA TYR C 412 -42.16 14.65 -3.18
C TYR C 412 -42.41 13.46 -4.10
N ASN C 413 -43.32 12.57 -3.74
CA ASN C 413 -43.57 11.39 -4.58
C ASN C 413 -44.23 11.71 -5.91
N SER C 414 -44.68 12.93 -6.17
CA SER C 414 -45.38 13.23 -7.42
C SER C 414 -44.73 14.28 -8.32
N GLU C 415 -43.62 14.91 -7.92
CA GLU C 415 -43.05 16.00 -8.72
C GLU C 415 -42.21 15.53 -9.90
N GLY C 416 -41.23 14.65 -9.68
CA GLY C 416 -40.30 14.26 -10.73
C GLY C 416 -39.33 15.37 -11.09
N ILE C 417 -38.23 15.07 -11.78
CA ILE C 417 -37.22 16.07 -12.09
C ILE C 417 -36.47 15.73 -13.37
N ALA C 418 -35.87 16.76 -13.97
CA ALA C 418 -35.07 16.70 -15.21
C ALA C 418 -33.68 16.13 -14.96
N ILE C 419 -33.47 14.86 -15.35
CA ILE C 419 -32.18 14.17 -15.18
C ILE C 419 -31.20 14.52 -16.30
N GLY C 420 -29.90 14.46 -15.95
CA GLY C 420 -28.81 14.86 -16.82
C GLY C 420 -28.20 13.84 -17.77
N PRO C 421 -27.02 14.20 -18.32
CA PRO C 421 -26.37 13.39 -19.37
C PRO C 421 -25.62 12.18 -18.84
N PRO C 422 -25.59 11.10 -19.62
CA PRO C 422 -24.84 9.89 -19.23
C PRO C 422 -23.33 10.04 -19.42
N VAL C 423 -22.56 9.41 -18.52
CA VAL C 423 -21.09 9.47 -18.53
C VAL C 423 -20.53 8.12 -18.10
N PHE C 424 -19.31 7.82 -18.57
CA PHE C 424 -18.59 6.59 -18.24
C PHE C 424 -17.25 6.97 -17.61
N THR C 425 -16.93 6.37 -16.46
CA THR C 425 -15.77 6.77 -15.65
C THR C 425 -14.54 5.88 -15.74
N ASP C 426 -14.57 4.77 -16.46
CA ASP C 426 -13.38 3.92 -16.51
C ASP C 426 -12.25 4.59 -17.28
N LYS C 427 -11.02 4.44 -16.78
CA LYS C 427 -9.87 5.12 -17.37
C LYS C 427 -9.63 4.72 -18.82
N VAL C 428 -9.88 3.46 -19.17
CA VAL C 428 -9.69 3.08 -20.57
C VAL C 428 -10.81 3.64 -21.43
N ASP C 429 -12.01 3.73 -20.87
CA ASP C 429 -13.10 4.37 -21.60
C ASP C 429 -12.79 5.84 -21.87
N ILE C 430 -12.30 6.56 -20.86
CA ILE C 430 -11.93 7.97 -21.06
C ILE C 430 -10.92 8.11 -22.20
N SER C 431 -9.90 7.25 -22.23
CA SER C 431 -8.92 7.34 -23.31
C SER C 431 -9.57 7.13 -24.67
N SER C 432 -10.65 6.36 -24.74
CA SER C 432 -11.36 6.22 -26.01
C SER C 432 -12.30 7.38 -26.26
N GLN C 433 -12.97 7.86 -25.20
CA GLN C 433 -13.96 8.92 -25.33
C GLN C 433 -13.35 10.24 -25.80
N ILE C 434 -12.15 10.59 -25.35
CA ILE C 434 -11.53 11.82 -25.82
C ILE C 434 -11.28 11.77 -27.33
N SER C 435 -10.74 10.66 -27.83
CA SER C 435 -10.49 10.57 -29.26
C SER C 435 -11.79 10.60 -30.07
N SER C 436 -12.81 9.90 -29.60
CA SER C 436 -14.09 9.91 -30.32
C SER C 436 -14.63 11.32 -30.42
N MET C 437 -14.53 12.10 -29.35
CA MET C 437 -14.96 13.49 -29.43
C MET C 437 -14.13 14.24 -30.45
N ASN C 438 -12.82 14.01 -30.48
CA ASN C 438 -11.97 14.75 -31.40
C ASN C 438 -12.32 14.44 -32.86
N GLN C 439 -12.58 13.18 -33.18
CA GLN C 439 -12.98 12.86 -34.55
C GLN C 439 -14.29 13.57 -34.91
N SER C 440 -15.24 13.61 -33.97
CA SER C 440 -16.50 14.29 -34.26
C SER C 440 -16.29 15.79 -34.44
N LEU C 441 -15.44 16.39 -33.64
CA LEU C 441 -15.14 17.82 -33.82
C LEU C 441 -14.49 18.06 -35.16
N GLN C 442 -13.54 17.19 -35.55
CA GLN C 442 -12.81 17.40 -36.80
C GLN C 442 -13.74 17.38 -38.01
N GLN C 443 -14.71 16.47 -38.04
CA GLN C 443 -15.65 16.49 -39.16
C GLN C 443 -16.44 17.79 -39.20
N SER C 444 -16.75 18.36 -38.04
CA SER C 444 -17.44 19.64 -38.00
C SER C 444 -16.53 20.78 -38.44
N LYS C 445 -15.30 20.82 -37.94
CA LYS C 445 -14.38 21.89 -38.29
C LYS C 445 -14.12 21.96 -39.78
N ASP C 446 -13.98 20.81 -40.45
CA ASP C 446 -13.75 20.81 -41.89
C ASP C 446 -14.92 21.42 -42.66
N TYR C 447 -16.14 21.32 -42.13
CA TYR C 447 -17.26 21.95 -42.79
C TYR C 447 -17.13 23.47 -42.78
N ILE C 448 -16.86 24.04 -41.62
CA ILE C 448 -16.71 25.49 -41.50
C ILE C 448 -15.57 25.99 -42.37
N LYS C 449 -14.42 25.32 -42.30
CA LYS C 449 -13.26 25.72 -43.09
C LYS C 449 -13.56 25.72 -44.59
N GLU C 450 -14.20 24.65 -45.09
CA GLU C 450 -14.50 24.59 -46.51
C GLU C 450 -15.49 25.67 -46.94
N ALA C 451 -16.58 25.83 -46.19
CA ALA C 451 -17.58 26.83 -46.55
C ALA C 451 -16.99 28.23 -46.54
N GLN C 452 -16.12 28.52 -45.56
CA GLN C 452 -15.50 29.83 -45.49
C GLN C 452 -14.47 30.03 -46.60
N ARG C 453 -13.70 28.98 -46.91
CA ARG C 453 -12.64 29.09 -47.90
C ARG C 453 -13.16 29.03 -49.34
N LEU C 454 -13.85 27.95 -49.68
CA LEU C 454 -14.23 27.74 -51.08
C LEU C 454 -15.43 28.58 -51.49
N LEU C 455 -16.31 28.95 -50.57
CA LEU C 455 -17.48 29.75 -50.89
C LEU C 455 -17.45 31.08 -50.16
N ASP C 456 -16.26 31.68 -50.07
CA ASP C 456 -16.08 32.96 -49.38
C ASP C 456 -17.03 34.05 -49.87
N VAL D 1 -41.42 -26.60 -2.11
CA VAL D 1 -40.22 -27.44 -2.09
C VAL D 1 -40.42 -28.54 -1.06
N GLN D 2 -40.10 -29.77 -1.44
CA GLN D 2 -40.08 -30.87 -0.47
C GLN D 2 -38.84 -31.72 -0.69
N LEU D 3 -38.21 -32.13 0.41
CA LEU D 3 -37.04 -33.00 0.39
C LEU D 3 -37.34 -34.29 1.13
N VAL D 4 -36.73 -35.38 0.70
CA VAL D 4 -36.87 -36.67 1.38
C VAL D 4 -35.56 -37.45 1.40
N GLU D 5 -35.12 -37.83 2.59
CA GLU D 5 -33.95 -38.70 2.79
C GLU D 5 -34.33 -40.17 2.69
N SER D 6 -33.34 -41.00 2.36
CA SER D 6 -33.57 -42.43 2.20
C SER D 6 -32.27 -43.19 2.39
N GLY D 7 -32.40 -44.49 2.67
CA GLY D 7 -31.25 -45.37 2.75
C GLY D 7 -30.54 -45.50 4.08
N GLY D 8 -31.15 -45.06 5.17
CA GLY D 8 -30.58 -45.26 6.49
C GLY D 8 -30.61 -46.72 6.94
N GLY D 9 -30.22 -46.93 8.19
CA GLY D 9 -30.26 -48.23 8.82
C GLY D 9 -29.04 -48.49 9.69
N LEU D 10 -28.78 -49.77 9.93
CA LEU D 10 -27.68 -50.23 10.77
C LEU D 10 -26.53 -50.78 9.95
N VAL D 11 -25.30 -50.47 10.36
CA VAL D 11 -24.11 -51.13 9.84
C VAL D 11 -23.21 -51.55 11.00
N GLN D 12 -22.36 -52.54 10.72
CA GLN D 12 -21.24 -52.82 11.59
C GLN D 12 -20.24 -51.68 11.54
N ALA D 13 -19.54 -51.46 12.66
CA ALA D 13 -18.45 -50.49 12.67
C ALA D 13 -17.46 -50.81 11.56
N GLY D 14 -16.94 -49.76 10.93
CA GLY D 14 -16.16 -49.91 9.73
C GLY D 14 -16.97 -50.14 8.47
N GLY D 15 -18.29 -50.19 8.56
CA GLY D 15 -19.15 -50.33 7.40
C GLY D 15 -19.31 -49.03 6.62
N SER D 16 -20.19 -49.09 5.62
CA SER D 16 -20.37 -47.99 4.69
C SER D 16 -21.84 -47.89 4.28
N LEU D 17 -22.24 -46.69 3.84
CA LEU D 17 -23.61 -46.39 3.48
C LEU D 17 -23.65 -45.35 2.37
N ARG D 18 -24.78 -45.29 1.67
CA ARG D 18 -25.04 -44.26 0.65
C ARG D 18 -26.37 -43.55 0.92
N LEU D 19 -26.35 -42.61 1.86
CA LEU D 19 -27.53 -41.81 2.17
C LEU D 19 -27.90 -40.92 0.99
N SER D 20 -29.17 -40.96 0.57
CA SER D 20 -29.61 -40.29 -0.64
C SER D 20 -30.78 -39.37 -0.34
N CYS D 21 -30.65 -38.10 -0.69
CA CYS D 21 -31.70 -37.09 -0.56
C CYS D 21 -32.25 -36.79 -1.95
N ALA D 22 -33.58 -36.77 -2.08
CA ALA D 22 -34.22 -36.46 -3.34
C ALA D 22 -35.10 -35.23 -3.22
N ALA D 23 -35.16 -34.44 -4.28
CA ALA D 23 -35.86 -33.17 -4.30
C ALA D 23 -37.06 -33.21 -5.24
N SER D 24 -37.72 -32.05 -5.38
CA SER D 24 -38.92 -31.90 -6.20
C SER D 24 -38.98 -30.50 -6.78
N GLY D 25 -39.68 -30.36 -7.89
CA GLY D 25 -39.76 -29.13 -8.65
C GLY D 25 -38.54 -28.86 -9.53
N ARG D 26 -38.76 -27.96 -10.49
CA ARG D 26 -37.75 -27.63 -11.50
C ARG D 26 -36.63 -26.77 -10.96
N THR D 27 -36.83 -26.10 -9.84
CA THR D 27 -35.90 -25.11 -9.31
C THR D 27 -34.59 -25.69 -8.81
N PHE D 28 -34.44 -27.02 -8.79
CA PHE D 28 -33.35 -27.68 -8.09
C PHE D 28 -31.97 -27.24 -8.54
N SER D 29 -31.83 -26.74 -9.76
CA SER D 29 -30.51 -26.42 -10.32
C SER D 29 -29.82 -25.22 -9.68
N SER D 30 -30.37 -24.58 -8.65
CA SER D 30 -29.74 -23.40 -8.08
C SER D 30 -29.48 -23.46 -6.59
N TYR D 31 -29.84 -24.55 -5.92
CA TYR D 31 -29.81 -24.63 -4.47
C TYR D 31 -28.51 -25.22 -3.94
N VAL D 32 -27.92 -24.54 -2.97
CA VAL D 32 -26.83 -25.08 -2.18
C VAL D 32 -27.40 -26.17 -1.27
N MET D 33 -26.99 -27.41 -1.49
CA MET D 33 -27.48 -28.53 -0.70
C MET D 33 -26.47 -28.84 0.40
N GLY D 34 -26.94 -29.53 1.43
CA GLY D 34 -26.01 -29.97 2.46
C GLY D 34 -26.69 -30.87 3.47
N TRP D 35 -25.88 -31.34 4.40
CA TRP D 35 -26.35 -32.28 5.42
C TRP D 35 -25.98 -31.80 6.81
N TYR D 36 -26.91 -31.96 7.74
CA TYR D 36 -26.65 -31.76 9.15
C TYR D 36 -27.09 -33.01 9.88
N ARG D 37 -26.40 -33.34 10.97
CA ARG D 37 -26.74 -34.50 11.76
C ARG D 37 -26.86 -34.14 13.23
N GLN D 38 -27.62 -34.96 13.95
CA GLN D 38 -27.96 -34.74 15.35
C GLN D 38 -27.72 -36.02 16.15
N ALA D 39 -26.54 -36.14 16.74
CA ALA D 39 -26.31 -37.23 17.67
C ALA D 39 -27.12 -37.01 18.94
N PRO D 40 -27.69 -38.07 19.52
CA PRO D 40 -28.43 -37.92 20.78
C PRO D 40 -27.57 -37.28 21.86
N GLY D 41 -28.15 -36.28 22.52
CA GLY D 41 -27.43 -35.51 23.52
C GLY D 41 -26.43 -34.55 22.95
N LYS D 42 -26.67 -34.04 21.74
CA LYS D 42 -25.81 -33.03 21.16
C LYS D 42 -26.65 -32.10 20.28
N GLU D 43 -26.19 -30.87 20.14
CA GLU D 43 -26.78 -29.94 19.19
C GLU D 43 -26.59 -30.46 17.77
N ARG D 44 -27.46 -30.02 16.85
CA ARG D 44 -27.27 -30.34 15.44
C ARG D 44 -25.93 -29.82 14.94
N GLU D 45 -25.16 -30.71 14.31
CA GLU D 45 -23.84 -30.37 13.82
C GLU D 45 -23.75 -30.49 12.30
N PHE D 46 -22.90 -29.67 11.72
CA PHE D 46 -22.65 -29.64 10.28
C PHE D 46 -21.87 -30.85 9.79
N VAL D 47 -22.20 -31.32 8.58
CA VAL D 47 -21.48 -32.43 7.94
C VAL D 47 -20.85 -32.04 6.61
N ALA D 48 -21.65 -31.61 5.63
CA ALA D 48 -21.12 -31.32 4.31
C ALA D 48 -22.05 -30.37 3.55
N ARG D 49 -21.48 -29.74 2.53
CA ARG D 49 -22.16 -28.72 1.75
C ARG D 49 -21.63 -28.77 0.31
N ILE D 50 -22.50 -28.54 -0.68
CA ILE D 50 -22.12 -28.69 -2.08
C ILE D 50 -22.81 -27.62 -2.93
N SER D 51 -22.04 -27.01 -3.84
CA SER D 51 -22.55 -25.93 -4.67
C SER D 51 -23.55 -26.45 -5.70
N TRP D 52 -24.07 -25.54 -6.52
CA TRP D 52 -25.05 -25.91 -7.53
C TRP D 52 -24.45 -26.82 -8.60
N SER D 53 -23.19 -26.58 -8.97
CA SER D 53 -22.55 -27.33 -10.04
C SER D 53 -21.94 -28.64 -9.59
N GLY D 54 -21.81 -28.84 -8.28
CA GLY D 54 -21.07 -29.96 -7.75
C GLY D 54 -19.58 -29.81 -7.77
N GLY D 55 -19.07 -28.71 -8.35
CA GLY D 55 -17.65 -28.49 -8.40
C GLY D 55 -17.01 -28.03 -7.12
N HIS D 56 -17.78 -27.59 -6.14
CA HIS D 56 -17.23 -27.08 -4.90
C HIS D 56 -17.91 -27.72 -3.71
N THR D 57 -17.12 -28.17 -2.73
CA THR D 57 -17.64 -28.84 -1.55
C THR D 57 -16.93 -28.32 -0.31
N HIS D 58 -17.64 -28.38 0.81
CA HIS D 58 -17.14 -27.89 2.08
C HIS D 58 -17.67 -28.82 3.17
N SER D 59 -16.87 -29.03 4.21
CA SER D 59 -17.19 -30.12 5.12
C SER D 59 -16.53 -29.88 6.47
N ALA D 60 -17.07 -30.54 7.49
CA ALA D 60 -16.45 -30.54 8.81
C ALA D 60 -15.16 -31.34 8.80
N ASP D 61 -14.15 -30.79 9.48
CA ASP D 61 -12.84 -31.45 9.56
C ASP D 61 -12.92 -32.79 10.28
N SER D 62 -13.88 -32.95 11.20
CA SER D 62 -14.10 -34.23 11.85
C SER D 62 -14.43 -35.37 10.90
N VAL D 63 -14.92 -35.07 9.69
CA VAL D 63 -15.21 -36.10 8.70
C VAL D 63 -14.36 -35.97 7.45
N LYS D 64 -13.27 -35.20 7.52
CA LYS D 64 -12.37 -35.11 6.38
C LYS D 64 -11.87 -36.48 5.97
N GLY D 65 -11.89 -36.74 4.66
CA GLY D 65 -11.53 -38.02 4.09
C GLY D 65 -12.55 -39.12 4.29
N ARG D 66 -13.12 -39.19 5.49
CA ARG D 66 -14.09 -40.22 5.82
C ARG D 66 -15.30 -40.20 4.89
N PHE D 67 -15.89 -39.01 4.69
CA PHE D 67 -17.13 -38.86 3.93
C PHE D 67 -16.90 -38.11 2.64
N THR D 68 -17.75 -38.38 1.65
CA THR D 68 -17.75 -37.62 0.41
C THR D 68 -19.17 -37.45 -0.10
N ILE D 69 -19.40 -36.34 -0.81
CA ILE D 69 -20.74 -35.90 -1.18
C ILE D 69 -20.77 -35.62 -2.67
N SER D 70 -21.90 -35.90 -3.31
CA SER D 70 -22.09 -35.50 -4.69
C SER D 70 -23.56 -35.21 -4.96
N ARG D 71 -23.82 -34.48 -6.05
CA ARG D 71 -25.17 -34.13 -6.48
C ARG D 71 -25.38 -34.48 -7.94
N ASP D 72 -26.64 -34.71 -8.31
CA ASP D 72 -27.04 -35.02 -9.67
C ASP D 72 -28.22 -34.14 -10.06
N ASN D 73 -28.00 -33.19 -10.96
CA ASN D 73 -29.05 -32.26 -11.37
C ASN D 73 -30.02 -32.85 -12.39
N ALA D 74 -29.77 -34.04 -12.90
CA ALA D 74 -30.77 -34.71 -13.73
C ALA D 74 -31.76 -35.52 -12.89
N LYS D 75 -31.26 -36.20 -11.86
CA LYS D 75 -32.13 -36.94 -10.96
C LYS D 75 -32.75 -36.05 -9.89
N ASN D 76 -32.18 -34.86 -9.69
CA ASN D 76 -32.55 -33.97 -8.57
C ASN D 76 -32.34 -34.65 -7.21
N THR D 77 -31.09 -35.02 -6.95
CA THR D 77 -30.75 -35.75 -5.73
C THR D 77 -29.39 -35.30 -5.22
N VAL D 78 -29.11 -35.64 -3.97
CA VAL D 78 -27.81 -35.46 -3.34
C VAL D 78 -27.41 -36.77 -2.68
N TYR D 79 -26.18 -37.21 -2.92
CA TYR D 79 -25.67 -38.47 -2.36
C TYR D 79 -24.55 -38.20 -1.37
N LEU D 80 -24.67 -38.79 -0.18
CA LEU D 80 -23.61 -38.80 0.82
C LEU D 80 -23.05 -40.21 0.97
N GLN D 81 -21.77 -40.40 0.65
CA GLN D 81 -21.11 -41.70 0.74
C GLN D 81 -20.26 -41.75 2.01
N MET D 82 -20.57 -42.68 2.90
CA MET D 82 -19.89 -42.80 4.18
C MET D 82 -19.02 -44.05 4.23
N ASN D 83 -17.80 -43.91 4.74
CA ASN D 83 -16.88 -45.01 4.93
C ASN D 83 -16.48 -45.17 6.39
N SER D 84 -16.19 -46.40 6.78
CA SER D 84 -15.54 -46.74 8.05
C SER D 84 -16.20 -46.07 9.24
N LEU D 85 -17.53 -46.16 9.31
CA LEU D 85 -18.28 -45.51 10.38
C LEU D 85 -17.79 -45.95 11.76
N LYS D 86 -17.49 -44.98 12.61
CA LYS D 86 -17.19 -45.22 14.01
C LYS D 86 -18.47 -45.27 14.82
N PRO D 87 -18.45 -45.88 16.01
CA PRO D 87 -19.66 -45.88 16.86
C PRO D 87 -20.21 -44.50 17.17
N ASP D 88 -19.36 -43.47 17.22
CA ASP D 88 -19.86 -42.12 17.46
C ASP D 88 -20.67 -41.53 16.33
N ASP D 89 -20.60 -42.11 15.12
CA ASP D 89 -21.32 -41.53 13.99
C ASP D 89 -22.83 -41.71 14.07
N THR D 90 -23.35 -42.45 15.04
CA THR D 90 -24.80 -42.66 15.11
C THR D 90 -25.55 -41.35 15.37
N ALA D 91 -26.53 -41.07 14.51
CA ALA D 91 -27.28 -39.82 14.58
C ALA D 91 -28.50 -39.92 13.65
N ILE D 92 -29.42 -38.98 13.83
CA ILE D 92 -30.34 -38.58 12.77
C ILE D 92 -29.62 -37.70 11.77
N TYR D 93 -29.77 -37.99 10.48
CA TYR D 93 -29.22 -37.18 9.40
C TYR D 93 -30.32 -36.40 8.70
N TYR D 94 -30.14 -35.08 8.57
CA TYR D 94 -31.08 -34.21 7.88
C TYR D 94 -30.50 -33.68 6.58
N CYS D 95 -31.26 -33.76 5.50
CA CYS D 95 -30.94 -33.08 4.26
C CYS D 95 -31.32 -31.60 4.34
N ASN D 96 -30.46 -30.74 3.80
CA ASN D 96 -30.66 -29.29 3.89
C ASN D 96 -30.49 -28.65 2.52
N ALA D 97 -31.36 -27.69 2.20
CA ALA D 97 -31.29 -26.95 0.93
C ALA D 97 -31.48 -25.47 1.15
N GLU D 98 -30.71 -24.65 0.42
CA GLU D 98 -30.68 -23.22 0.66
C GLU D 98 -30.44 -22.42 -0.62
N PRO D 99 -31.33 -21.50 -1.00
CA PRO D 99 -31.15 -20.72 -2.23
C PRO D 99 -29.87 -19.89 -2.25
N THR D 100 -29.23 -19.86 -3.41
CA THR D 100 -27.97 -19.13 -3.58
C THR D 100 -28.18 -17.63 -3.47
N VAL D 101 -27.39 -17.00 -2.61
CA VAL D 101 -27.40 -15.55 -2.47
C VAL D 101 -25.97 -15.06 -2.41
N THR D 102 -25.74 -13.86 -2.94
CA THR D 102 -24.41 -13.26 -3.00
C THR D 102 -24.55 -11.80 -2.60
N GLY D 103 -23.51 -11.02 -2.85
CA GLY D 103 -23.54 -9.64 -2.43
C GLY D 103 -23.29 -9.46 -0.94
N SER D 104 -24.35 -9.28 -0.18
CA SER D 104 -24.19 -9.12 1.26
C SER D 104 -23.79 -10.44 1.89
N TRP D 105 -23.00 -10.34 2.97
CA TRP D 105 -22.66 -11.52 3.75
C TRP D 105 -23.79 -12.02 4.62
N PHE D 106 -24.77 -11.19 4.98
CA PHE D 106 -25.97 -11.65 5.66
C PHE D 106 -27.20 -11.29 4.83
N THR D 107 -28.23 -12.14 4.91
CA THR D 107 -29.46 -11.97 4.14
C THR D 107 -30.65 -12.30 5.03
N PRO D 108 -31.35 -11.28 5.52
CA PRO D 108 -32.41 -11.52 6.51
C PRO D 108 -33.48 -12.45 5.99
N GLY D 109 -33.84 -13.44 6.83
CA GLY D 109 -34.95 -14.30 6.51
C GLY D 109 -34.79 -15.20 5.31
N LEU D 110 -33.55 -15.45 4.89
CA LEU D 110 -33.31 -16.28 3.73
C LEU D 110 -33.89 -17.67 3.94
N GLN D 111 -34.80 -18.07 3.05
CA GLN D 111 -35.66 -19.24 3.25
C GLN D 111 -34.88 -20.54 3.13
N SER D 112 -34.62 -21.19 4.27
CA SER D 112 -34.12 -22.56 4.30
C SER D 112 -35.25 -23.56 4.16
N TYR D 113 -34.91 -24.77 3.71
CA TYR D 113 -35.80 -25.92 3.72
C TYR D 113 -35.07 -27.12 4.29
N TRP D 114 -35.81 -27.98 5.01
CA TRP D 114 -35.25 -29.16 5.64
C TRP D 114 -36.02 -30.40 5.20
N GLY D 115 -35.31 -31.51 5.08
CA GLY D 115 -35.95 -32.80 4.92
C GLY D 115 -36.59 -33.29 6.21
N GLN D 116 -37.03 -34.54 6.16
CA GLN D 116 -37.71 -35.21 7.27
C GLN D 116 -36.76 -35.87 8.27
N GLY D 117 -35.48 -36.06 7.91
CA GLY D 117 -34.54 -36.80 8.73
C GLY D 117 -34.64 -38.31 8.64
N THR D 118 -33.50 -38.99 8.73
CA THR D 118 -33.45 -40.44 8.70
C THR D 118 -32.34 -40.96 9.60
N GLN D 119 -32.51 -42.21 10.04
CA GLN D 119 -31.73 -42.79 11.13
C GLN D 119 -30.51 -43.53 10.61
N VAL D 120 -29.37 -43.33 11.28
CA VAL D 120 -28.15 -44.10 11.05
C VAL D 120 -27.60 -44.61 12.38
N THR D 121 -27.23 -45.87 12.45
CA THR D 121 -26.70 -46.43 13.68
C THR D 121 -25.64 -47.48 13.38
N VAL D 122 -24.74 -47.67 14.34
CA VAL D 122 -23.49 -48.42 14.15
C VAL D 122 -23.33 -49.38 15.31
N SER D 123 -23.03 -50.65 15.00
CA SER D 123 -22.82 -51.69 16.00
C SER D 123 -21.35 -52.06 16.09
N SER D 124 -20.82 -52.07 17.31
CA SER D 124 -19.46 -52.52 17.56
C SER D 124 -19.32 -54.04 17.43
N VAL E 1 36.27 -9.67 -32.05
CA VAL E 1 36.77 -9.06 -30.83
C VAL E 1 37.87 -9.94 -30.26
N GLN E 2 38.98 -9.34 -29.86
CA GLN E 2 40.07 -10.09 -29.26
C GLN E 2 40.57 -9.38 -28.01
N LEU E 3 40.81 -10.15 -26.95
CA LEU E 3 41.31 -9.64 -25.68
C LEU E 3 42.67 -10.29 -25.38
N VAL E 4 43.53 -9.54 -24.69
CA VAL E 4 44.85 -10.07 -24.32
C VAL E 4 45.30 -9.52 -22.97
N GLU E 5 45.65 -10.45 -22.07
CA GLU E 5 46.16 -10.15 -20.73
C GLU E 5 47.68 -10.02 -20.73
N SER E 6 48.20 -9.24 -19.78
CA SER E 6 49.64 -9.03 -19.69
C SER E 6 50.02 -8.62 -18.28
N GLY E 7 51.32 -8.72 -17.99
CA GLY E 7 51.87 -8.33 -16.70
C GLY E 7 51.88 -9.36 -15.59
N GLY E 8 51.56 -10.61 -15.86
CA GLY E 8 51.63 -11.65 -14.85
C GLY E 8 53.05 -12.00 -14.45
N GLY E 9 53.16 -12.92 -13.50
CA GLY E 9 54.46 -13.40 -13.04
C GLY E 9 54.42 -13.80 -11.58
N LEU E 10 55.61 -13.76 -10.96
CA LEU E 10 55.82 -14.14 -9.56
C LEU E 10 56.13 -12.93 -8.69
N VAL E 11 55.53 -12.89 -7.49
CA VAL E 11 55.82 -11.84 -6.52
C VAL E 11 56.04 -12.45 -5.14
N GLN E 12 56.76 -11.70 -4.31
CA GLN E 12 56.89 -12.05 -2.90
C GLN E 12 55.54 -11.87 -2.22
N ALA E 13 55.28 -12.68 -1.20
CA ALA E 13 54.05 -12.52 -0.45
C ALA E 13 53.94 -11.08 0.06
N GLY E 14 52.73 -10.54 0.03
CA GLY E 14 52.55 -9.15 0.38
C GLY E 14 52.87 -8.17 -0.71
N GLY E 15 53.33 -8.66 -1.87
CA GLY E 15 53.67 -7.81 -3.00
C GLY E 15 52.45 -7.27 -3.73
N SER E 16 52.71 -6.66 -4.88
CA SER E 16 51.66 -6.05 -5.69
C SER E 16 51.94 -6.22 -7.18
N LEU E 17 50.88 -6.14 -7.98
CA LEU E 17 50.95 -6.30 -9.43
C LEU E 17 49.89 -5.45 -10.10
N ARG E 18 50.10 -5.17 -11.39
CA ARG E 18 49.17 -4.41 -12.21
C ARG E 18 48.81 -5.19 -13.48
N LEU E 19 47.91 -6.16 -13.36
CA LEU E 19 47.46 -6.93 -14.50
C LEU E 19 46.69 -6.04 -15.47
N SER E 20 47.07 -6.07 -16.75
CA SER E 20 46.50 -5.19 -17.75
C SER E 20 45.92 -6.00 -18.92
N CYS E 21 44.64 -5.77 -19.19
CA CYS E 21 43.93 -6.41 -20.30
C CYS E 21 43.74 -5.36 -21.40
N ALA E 22 44.02 -5.74 -22.64
CA ALA E 22 43.87 -4.82 -23.76
C ALA E 22 42.84 -5.36 -24.76
N ALA E 23 42.13 -4.44 -25.39
CA ALA E 23 41.05 -4.76 -26.33
C ALA E 23 41.38 -4.32 -27.76
N SER E 24 40.39 -4.49 -28.64
CA SER E 24 40.49 -4.15 -30.05
C SER E 24 39.13 -3.74 -30.57
N GLY E 25 39.14 -2.99 -31.67
CA GLY E 25 37.94 -2.46 -32.29
C GLY E 25 37.34 -1.27 -31.57
N ARG E 26 36.47 -0.57 -32.30
CA ARG E 26 35.80 0.64 -31.81
C ARG E 26 34.71 0.36 -30.79
N THR E 27 34.19 -0.86 -30.74
CA THR E 27 33.07 -1.20 -29.87
C THR E 27 33.41 -1.24 -28.40
N PHE E 28 34.66 -1.00 -28.01
CA PHE E 28 35.08 -1.11 -26.62
C PHE E 28 34.32 -0.17 -25.68
N SER E 29 33.78 0.92 -26.16
CA SER E 29 33.11 1.88 -25.29
C SER E 29 31.79 1.40 -24.72
N SER E 30 31.31 0.17 -24.88
CA SER E 30 30.01 -0.20 -24.32
C SER E 30 30.03 -1.55 -23.62
N TYR E 31 31.19 -2.18 -23.46
CA TYR E 31 31.29 -3.52 -22.92
C TYR E 31 31.60 -3.54 -21.43
N VAL E 32 30.79 -4.28 -20.68
CA VAL E 32 31.05 -4.53 -19.27
C VAL E 32 32.25 -5.46 -19.16
N MET E 33 33.34 -4.96 -18.59
CA MET E 33 34.55 -5.75 -18.48
C MET E 33 34.65 -6.37 -17.09
N GLY E 34 35.47 -7.40 -16.98
CA GLY E 34 35.65 -8.02 -15.68
C GLY E 34 36.73 -9.08 -15.72
N TRP E 35 37.00 -9.63 -14.54
CA TRP E 35 38.05 -10.63 -14.38
C TRP E 35 37.56 -11.85 -13.64
N TYR E 36 37.97 -13.01 -14.11
CA TYR E 36 37.71 -14.28 -13.45
C TYR E 36 39.03 -14.98 -13.27
N ARG E 37 39.21 -15.68 -12.15
CA ARG E 37 40.43 -16.41 -11.90
C ARG E 37 40.13 -17.86 -11.59
N GLN E 38 41.07 -18.72 -11.96
CA GLN E 38 40.96 -20.18 -11.78
C GLN E 38 42.11 -20.69 -10.92
N ALA E 39 41.86 -20.82 -9.62
CA ALA E 39 42.86 -21.39 -8.74
C ALA E 39 42.99 -22.89 -9.04
N PRO E 40 44.20 -23.44 -9.02
CA PRO E 40 44.36 -24.87 -9.30
C PRO E 40 43.50 -25.71 -8.36
N GLY E 41 42.72 -26.60 -8.95
CA GLY E 41 41.82 -27.44 -8.20
C GLY E 41 40.59 -26.71 -7.69
N LYS E 42 40.12 -25.70 -8.42
CA LYS E 42 38.91 -24.99 -8.04
C LYS E 42 38.22 -24.47 -9.30
N GLU E 43 36.90 -24.29 -9.18
CA GLU E 43 36.12 -23.72 -10.27
C GLU E 43 36.52 -22.28 -10.52
N ARG E 44 36.34 -21.81 -11.75
CA ARG E 44 36.61 -20.40 -12.06
C ARG E 44 35.77 -19.49 -11.18
N GLU E 45 36.41 -18.66 -10.38
CA GLU E 45 35.73 -17.77 -9.47
C GLU E 45 35.81 -16.31 -9.92
N PHE E 46 34.74 -15.58 -9.63
CA PHE E 46 34.61 -14.16 -9.96
C PHE E 46 35.53 -13.28 -9.11
N VAL E 47 36.13 -12.27 -9.75
CA VAL E 47 37.02 -11.32 -9.09
C VAL E 47 36.45 -9.89 -9.08
N ALA E 48 36.23 -9.31 -10.26
CA ALA E 48 35.76 -7.93 -10.30
C ALA E 48 35.05 -7.65 -11.62
N ARG E 49 34.29 -6.55 -11.64
CA ARG E 49 33.46 -6.15 -12.77
C ARG E 49 33.40 -4.63 -12.81
N ILE E 50 33.31 -4.05 -14.01
CA ILE E 50 33.30 -2.59 -14.15
C ILE E 50 32.41 -2.17 -15.31
N SER E 51 31.63 -1.12 -15.11
CA SER E 51 30.71 -0.63 -16.13
C SER E 51 31.47 0.03 -17.28
N TRP E 52 30.71 0.54 -18.26
CA TRP E 52 31.32 1.18 -19.42
C TRP E 52 32.01 2.49 -19.06
N SER E 53 31.42 3.25 -18.13
CA SER E 53 31.97 4.55 -17.76
C SER E 53 33.04 4.47 -16.69
N GLY E 54 33.21 3.31 -16.05
CA GLY E 54 34.14 3.16 -14.97
C GLY E 54 33.64 3.73 -13.66
N GLY E 55 32.45 4.32 -13.64
CA GLY E 55 31.88 4.85 -12.43
C GLY E 55 31.30 3.83 -11.49
N HIS E 56 31.07 2.60 -11.96
CA HIS E 56 30.47 1.58 -11.12
C HIS E 56 31.30 0.31 -11.17
N THR E 57 31.56 -0.28 -10.01
CA THR E 57 32.36 -1.49 -9.90
C THR E 57 31.69 -2.44 -8.92
N HIS E 58 32.00 -3.72 -9.09
CA HIS E 58 31.42 -4.78 -8.29
C HIS E 58 32.48 -5.85 -8.15
N SER E 59 32.59 -6.46 -6.97
CA SER E 59 33.64 -7.45 -6.80
C SER E 59 33.31 -8.39 -5.64
N ALA E 60 33.99 -9.53 -5.64
CA ALA E 60 33.81 -10.52 -4.59
C ALA E 60 34.28 -9.98 -3.24
N ASP E 61 33.54 -10.33 -2.19
CA ASP E 61 33.86 -9.87 -0.84
C ASP E 61 35.21 -10.36 -0.37
N SER E 62 35.64 -11.53 -0.84
CA SER E 62 36.94 -12.08 -0.49
C SER E 62 38.11 -11.19 -0.89
N VAL E 63 37.91 -10.26 -1.84
CA VAL E 63 38.97 -9.36 -2.25
C VAL E 63 38.65 -7.91 -1.94
N LYS E 64 37.62 -7.65 -1.14
CA LYS E 64 37.27 -6.28 -0.81
C LYS E 64 38.46 -5.53 -0.21
N GLY E 65 38.70 -4.32 -0.71
CA GLY E 65 39.80 -3.48 -0.29
C GLY E 65 41.16 -3.94 -0.79
N ARG E 66 41.33 -5.25 -0.90
CA ARG E 66 42.58 -5.81 -1.38
C ARG E 66 42.85 -5.42 -2.84
N PHE E 67 41.86 -5.58 -3.72
CA PHE E 67 42.00 -5.34 -5.14
C PHE E 67 41.16 -4.16 -5.60
N THR E 68 41.63 -3.49 -6.65
CA THR E 68 40.89 -2.39 -7.26
C THR E 68 41.03 -2.48 -8.78
N ILE E 69 39.96 -2.08 -9.47
CA ILE E 69 39.89 -2.22 -10.92
C ILE E 69 39.56 -0.87 -11.55
N SER E 70 40.11 -0.63 -12.73
CA SER E 70 39.80 0.61 -13.47
C SER E 70 39.90 0.32 -14.96
N ARG E 71 39.27 1.20 -15.75
CA ARG E 71 39.27 1.09 -17.21
C ARG E 71 39.62 2.42 -17.86
N ASP E 72 40.11 2.34 -19.08
CA ASP E 72 40.50 3.51 -19.86
C ASP E 72 39.94 3.35 -21.28
N ASN E 73 38.93 4.15 -21.63
CA ASN E 73 38.32 4.04 -22.93
C ASN E 73 39.15 4.66 -24.05
N ALA E 74 40.19 5.41 -23.72
CA ALA E 74 41.05 5.95 -24.77
C ALA E 74 42.09 4.93 -25.20
N LYS E 75 42.69 4.23 -24.23
CA LYS E 75 43.66 3.19 -24.52
C LYS E 75 42.99 1.87 -24.87
N ASN E 76 41.72 1.71 -24.52
CA ASN E 76 40.97 0.47 -24.69
C ASN E 76 41.60 -0.67 -23.88
N THR E 77 41.70 -0.44 -22.57
CA THR E 77 42.32 -1.40 -21.66
C THR E 77 41.59 -1.39 -20.32
N VAL E 78 41.82 -2.45 -19.55
CA VAL E 78 41.28 -2.60 -18.21
C VAL E 78 42.44 -2.97 -17.28
N TYR E 79 42.56 -2.27 -16.15
CA TYR E 79 43.65 -2.48 -15.22
C TYR E 79 43.16 -3.03 -13.90
N LEU E 80 43.81 -4.08 -13.42
CA LEU E 80 43.55 -4.67 -12.10
C LEU E 80 44.77 -4.50 -11.22
N GLN E 81 44.63 -3.73 -10.14
CA GLN E 81 45.73 -3.46 -9.22
C GLN E 81 45.57 -4.33 -7.97
N MET E 82 46.54 -5.20 -7.72
CA MET E 82 46.50 -6.13 -6.61
C MET E 82 47.49 -5.72 -5.52
N ASN E 83 47.05 -5.77 -4.27
CA ASN E 83 47.89 -5.45 -3.12
C ASN E 83 47.93 -6.61 -2.13
N SER E 84 49.06 -6.70 -1.42
CA SER E 84 49.27 -7.66 -0.34
C SER E 84 48.82 -9.08 -0.69
N LEU E 85 49.26 -9.56 -1.86
CA LEU E 85 48.87 -10.88 -2.30
C LEU E 85 49.26 -11.96 -1.29
N LYS E 86 48.32 -12.85 -1.00
CA LYS E 86 48.52 -13.98 -0.11
C LYS E 86 48.83 -15.22 -0.92
N PRO E 87 49.40 -16.26 -0.31
CA PRO E 87 49.69 -17.49 -1.06
C PRO E 87 48.49 -18.10 -1.77
N ASP E 88 47.29 -17.98 -1.22
CA ASP E 88 46.10 -18.52 -1.88
C ASP E 88 45.72 -17.79 -3.15
N ASP E 89 46.25 -16.60 -3.40
CA ASP E 89 45.88 -15.84 -4.60
C ASP E 89 46.43 -16.43 -5.89
N THR E 90 47.31 -17.42 -5.84
CA THR E 90 47.87 -17.95 -7.07
C THR E 90 46.79 -18.60 -7.94
N ALA E 91 46.70 -18.15 -9.19
CA ALA E 91 45.70 -18.65 -10.13
C ALA E 91 45.96 -18.08 -11.51
N ILE E 92 45.33 -18.69 -12.50
CA ILE E 92 45.27 -18.13 -13.85
C ILE E 92 44.17 -17.07 -13.90
N TYR E 93 44.50 -15.89 -14.40
CA TYR E 93 43.56 -14.78 -14.47
C TYR E 93 43.06 -14.60 -15.91
N TYR E 94 41.74 -14.59 -16.09
CA TYR E 94 41.13 -14.42 -17.40
C TYR E 94 40.37 -13.09 -17.47
N CYS E 95 40.65 -12.32 -18.52
CA CYS E 95 39.93 -11.09 -18.79
C CYS E 95 38.58 -11.42 -19.43
N ASN E 96 37.53 -10.70 -19.05
CA ASN E 96 36.20 -10.99 -19.55
C ASN E 96 35.51 -9.73 -20.04
N ALA E 97 34.80 -9.84 -21.17
CA ALA E 97 34.05 -8.73 -21.75
C ALA E 97 32.65 -9.17 -22.14
N GLU E 98 31.65 -8.33 -21.88
CA GLU E 98 30.27 -8.70 -22.13
C GLU E 98 29.40 -7.52 -22.55
N PRO E 99 28.75 -7.59 -23.72
CA PRO E 99 27.91 -6.47 -24.18
C PRO E 99 26.79 -6.11 -23.21
N THR E 100 26.56 -4.80 -23.09
CA THR E 100 25.55 -4.28 -22.19
C THR E 100 24.14 -4.62 -22.65
N VAL E 101 23.32 -5.16 -21.75
CA VAL E 101 21.93 -5.48 -22.03
C VAL E 101 21.11 -5.05 -20.83
N THR E 102 19.84 -4.69 -21.09
CA THR E 102 18.94 -4.24 -20.06
C THR E 102 17.57 -4.84 -20.33
N GLY E 103 16.56 -4.36 -19.62
CA GLY E 103 15.22 -4.88 -19.81
C GLY E 103 15.01 -6.20 -19.10
N SER E 104 15.12 -7.30 -19.84
CA SER E 104 14.95 -8.60 -19.22
C SER E 104 16.14 -8.94 -18.33
N TRP E 105 15.87 -9.70 -17.27
CA TRP E 105 16.96 -10.14 -16.41
C TRP E 105 17.79 -11.26 -17.03
N PHE E 106 17.26 -11.98 -18.00
CA PHE E 106 18.01 -12.99 -18.72
C PHE E 106 17.97 -12.69 -20.22
N THR E 107 19.05 -13.06 -20.91
CA THR E 107 19.17 -12.83 -22.36
C THR E 107 19.76 -14.08 -23.00
N PRO E 108 18.93 -14.88 -23.67
CA PRO E 108 19.42 -16.14 -24.26
C PRO E 108 20.57 -15.94 -25.23
N GLY E 109 21.62 -16.73 -25.04
CA GLY E 109 22.75 -16.72 -25.95
C GLY E 109 23.53 -15.43 -26.02
N LEU E 110 23.54 -14.65 -24.95
CA LEU E 110 24.28 -13.39 -24.95
C LEU E 110 25.76 -13.65 -25.20
N GLN E 111 26.28 -13.14 -26.30
CA GLN E 111 27.66 -13.40 -26.72
C GLN E 111 28.68 -12.84 -25.75
N SER E 112 29.49 -13.72 -25.17
CA SER E 112 30.54 -13.36 -24.22
C SER E 112 31.91 -13.71 -24.79
N TYR E 113 32.90 -12.87 -24.52
CA TYR E 113 34.27 -13.06 -25.02
C TYR E 113 35.22 -13.22 -23.85
N TRP E 114 36.24 -14.06 -24.03
CA TRP E 114 37.25 -14.32 -23.00
C TRP E 114 38.64 -14.12 -23.56
N GLY E 115 39.54 -13.63 -22.71
CA GLY E 115 40.93 -13.48 -23.07
C GLY E 115 41.63 -14.82 -23.14
N GLN E 116 42.96 -14.75 -23.28
CA GLN E 116 43.82 -15.92 -23.34
C GLN E 116 44.29 -16.41 -21.97
N GLY E 117 44.12 -15.61 -20.93
CA GLY E 117 44.58 -15.97 -19.59
C GLY E 117 46.06 -15.77 -19.33
N THR E 118 46.42 -15.47 -18.08
CA THR E 118 47.81 -15.27 -17.71
C THR E 118 48.05 -15.77 -16.29
N GLN E 119 49.29 -16.20 -16.04
CA GLN E 119 49.68 -16.79 -14.76
C GLN E 119 50.07 -15.76 -13.71
N VAL E 120 49.63 -16.00 -12.47
CA VAL E 120 50.00 -15.21 -11.29
C VAL E 120 50.35 -16.16 -10.17
N THR E 121 51.48 -15.94 -9.51
CA THR E 121 51.90 -16.81 -8.41
C THR E 121 52.58 -16.00 -7.31
N VAL E 122 52.54 -16.54 -6.10
CA VAL E 122 53.01 -15.86 -4.90
C VAL E 122 53.92 -16.79 -4.11
N SER E 123 55.07 -16.27 -3.70
CA SER E 123 56.07 -17.05 -2.96
C SER E 123 56.11 -16.60 -1.51
N SER E 124 56.06 -17.57 -0.59
CA SER E 124 56.11 -17.29 0.84
C SER E 124 57.52 -16.92 1.29
N VAL F 1 -0.50 43.62 23.28
CA VAL F 1 -1.19 42.58 24.04
C VAL F 1 -0.59 42.51 25.43
N GLN F 2 -1.44 42.44 26.45
CA GLN F 2 -0.98 42.32 27.82
C GLN F 2 -1.79 41.24 28.54
N LEU F 3 -1.09 40.41 29.31
CA LEU F 3 -1.71 39.35 30.11
C LEU F 3 -1.41 39.58 31.58
N VAL F 4 -2.34 39.16 32.45
CA VAL F 4 -2.15 39.35 33.88
C VAL F 4 -2.76 38.20 34.67
N GLU F 5 -1.96 37.58 35.52
CA GLU F 5 -2.34 36.48 36.41
C GLU F 5 -2.85 37.00 37.74
N SER F 6 -3.71 36.21 38.39
CA SER F 6 -4.29 36.62 39.67
C SER F 6 -4.77 35.39 40.43
N GLY F 7 -5.01 35.58 41.73
CA GLY F 7 -5.49 34.52 42.60
C GLY F 7 -4.48 33.63 43.27
N GLY F 8 -3.19 33.93 43.18
CA GLY F 8 -2.18 33.13 43.84
C GLY F 8 -2.19 33.28 45.36
N GLY F 9 -1.31 32.54 46.01
CA GLY F 9 -1.17 32.61 47.46
C GLY F 9 -0.75 31.27 48.04
N LEU F 10 -1.07 31.09 49.32
CA LEU F 10 -0.73 29.91 50.11
C LEU F 10 -1.95 29.06 50.44
N VAL F 11 -1.82 27.74 50.30
CA VAL F 11 -2.85 26.81 50.70
C VAL F 11 -2.24 25.65 51.46
N GLN F 12 -3.04 25.05 52.33
CA GLN F 12 -2.65 23.82 53.02
C GLN F 12 -2.58 22.68 52.01
N ALA F 13 -1.68 21.74 52.25
CA ALA F 13 -1.55 20.60 51.36
C ALA F 13 -2.91 19.92 51.19
N GLY F 14 -3.18 19.47 49.96
CA GLY F 14 -4.48 18.93 49.65
C GLY F 14 -5.54 19.97 49.35
N GLY F 15 -5.19 21.25 49.43
CA GLY F 15 -6.12 22.33 49.13
C GLY F 15 -6.36 22.52 47.65
N SER F 16 -7.03 23.62 47.32
CA SER F 16 -7.39 23.93 45.94
C SER F 16 -7.32 25.43 45.70
N LEU F 17 -7.14 25.79 44.42
CA LEU F 17 -7.04 27.18 44.00
C LEU F 17 -7.62 27.35 42.60
N ARG F 18 -7.96 28.60 42.26
CA ARG F 18 -8.47 28.97 40.94
C ARG F 18 -7.66 30.11 40.34
N LEU F 19 -6.49 29.78 39.80
CA LEU F 19 -5.65 30.77 39.14
C LEU F 19 -6.34 31.31 37.89
N SER F 20 -6.43 32.63 37.77
CA SER F 20 -7.15 33.27 36.67
C SER F 20 -6.25 34.23 35.91
N CYS F 21 -6.14 34.02 34.61
CA CYS F 21 -5.37 34.89 33.71
C CYS F 21 -6.36 35.71 32.91
N ALA F 22 -6.11 37.01 32.79
CA ALA F 22 -6.98 37.90 32.03
C ALA F 22 -6.22 38.54 30.89
N ALA F 23 -6.94 38.79 29.79
CA ALA F 23 -6.37 39.33 28.57
C ALA F 23 -6.91 40.72 28.24
N SER F 24 -6.53 41.22 27.06
CA SER F 24 -6.92 42.53 26.59
C SER F 24 -7.00 42.51 25.06
N GLY F 25 -7.76 43.44 24.52
CA GLY F 25 -7.99 43.56 23.10
C GLY F 25 -8.97 42.54 22.54
N ARG F 26 -9.46 42.84 21.33
CA ARG F 26 -10.44 42.01 20.64
C ARG F 26 -9.86 40.73 20.06
N THR F 27 -8.55 40.65 19.88
CA THR F 27 -7.91 39.51 19.24
C THR F 27 -7.91 38.25 20.09
N PHE F 28 -8.43 38.29 21.32
CA PHE F 28 -8.38 37.14 22.21
C PHE F 28 -9.08 35.90 21.66
N SER F 29 -10.00 36.04 20.75
CA SER F 29 -10.75 34.89 20.23
C SER F 29 -9.95 33.94 19.35
N SER F 30 -8.65 34.06 19.14
CA SER F 30 -7.94 33.12 18.26
C SER F 30 -6.63 32.63 18.83
N TYR F 31 -6.30 32.95 20.08
CA TYR F 31 -5.02 32.62 20.66
C TYR F 31 -5.04 31.36 21.49
N VAL F 32 -4.10 30.46 21.21
CA VAL F 32 -3.89 29.27 22.01
C VAL F 32 -3.30 29.69 23.35
N MET F 33 -4.05 29.47 24.42
CA MET F 33 -3.59 29.87 25.74
C MET F 33 -2.99 28.68 26.48
N GLY F 34 -2.19 28.98 27.49
CA GLY F 34 -1.61 27.90 28.28
C GLY F 34 -0.88 28.43 29.47
N TRP F 35 -0.40 27.49 30.29
CA TRP F 35 0.30 27.83 31.52
C TRP F 35 1.62 27.09 31.63
N TYR F 36 2.64 27.80 32.11
CA TYR F 36 3.94 27.24 32.39
C TYR F 36 4.29 27.61 33.82
N ARG F 37 4.96 26.70 34.53
CA ARG F 37 5.36 26.97 35.91
C ARG F 37 6.85 26.74 36.06
N GLN F 38 7.45 27.52 36.98
CA GLN F 38 8.87 27.48 37.26
C GLN F 38 9.12 27.14 38.72
N ALA F 39 9.33 25.85 39.00
CA ALA F 39 9.67 25.45 40.35
C ALA F 39 11.08 25.94 40.69
N PRO F 40 11.32 26.40 41.92
CA PRO F 40 12.66 26.86 42.29
C PRO F 40 13.70 25.78 42.03
N GLY F 41 14.75 26.15 41.33
CA GLY F 41 15.80 25.22 40.96
C GLY F 41 15.41 24.26 39.87
N LYS F 42 14.53 24.68 38.96
CA LYS F 42 14.14 23.83 37.84
C LYS F 42 13.79 24.71 36.64
N GLU F 43 13.93 24.14 35.45
CA GLU F 43 13.55 24.81 34.22
C GLU F 43 12.04 25.03 34.19
N ARG F 44 11.61 26.05 33.46
CA ARG F 44 10.17 26.28 33.29
C ARG F 44 9.53 25.07 32.62
N GLU F 45 8.58 24.46 33.32
CA GLU F 45 7.91 23.26 32.82
C GLU F 45 6.48 23.55 32.41
N PHE F 46 6.05 22.84 31.37
CA PHE F 46 4.70 22.93 30.82
C PHE F 46 3.64 22.36 31.76
N VAL F 47 2.48 23.04 31.84
CA VAL F 47 1.36 22.62 32.67
C VAL F 47 0.12 22.25 31.85
N ALA F 48 -0.42 23.20 31.09
CA ALA F 48 -1.63 22.92 30.31
C ALA F 48 -1.75 23.88 29.14
N ARG F 49 -2.63 23.51 28.19
CA ARG F 49 -2.82 24.24 26.96
C ARG F 49 -4.29 24.09 26.53
N ILE F 50 -4.85 25.11 25.88
CA ILE F 50 -6.26 25.07 25.49
C ILE F 50 -6.45 25.80 24.16
N SER F 51 -7.27 25.22 23.29
CA SER F 51 -7.52 25.81 21.97
C SER F 51 -8.38 27.08 22.09
N TRP F 52 -8.70 27.67 20.93
CA TRP F 52 -9.51 28.88 20.92
C TRP F 52 -10.94 28.62 21.36
N SER F 53 -11.50 27.48 21.00
CA SER F 53 -12.89 27.16 21.33
C SER F 53 -13.05 26.54 22.71
N GLY F 54 -11.97 26.14 23.35
CA GLY F 54 -12.04 25.45 24.61
C GLY F 54 -12.43 24.00 24.49
N GLY F 55 -12.70 23.52 23.28
CA GLY F 55 -13.05 22.13 23.08
C GLY F 55 -11.89 21.17 23.14
N HIS F 56 -10.66 21.66 23.05
CA HIS F 56 -9.49 20.79 23.05
C HIS F 56 -8.48 21.27 24.06
N THR F 57 -7.96 20.35 24.86
CA THR F 57 -6.99 20.65 25.90
C THR F 57 -5.88 19.62 25.89
N HIS F 58 -4.73 20.03 26.39
CA HIS F 58 -3.54 19.19 26.42
C HIS F 58 -2.77 19.57 27.68
N SER F 59 -2.19 18.57 28.35
CA SER F 59 -1.50 18.87 29.59
C SER F 59 -0.50 17.78 29.93
N ALA F 60 0.44 18.14 30.81
CA ALA F 60 1.46 17.21 31.26
C ALA F 60 0.86 16.06 32.05
N ASP F 61 1.42 14.87 31.84
CA ASP F 61 0.92 13.67 32.52
C ASP F 61 1.08 13.77 34.03
N SER F 62 2.09 14.47 34.51
CA SER F 62 2.30 14.66 35.94
C SER F 62 1.13 15.35 36.64
N VAL F 63 0.28 16.06 35.90
CA VAL F 63 -0.87 16.73 36.49
C VAL F 63 -2.19 16.16 35.98
N LYS F 64 -2.16 15.02 35.30
CA LYS F 64 -3.39 14.42 34.80
C LYS F 64 -4.40 14.21 35.92
N GLY F 65 -5.64 14.62 35.65
CA GLY F 65 -6.73 14.52 36.61
C GLY F 65 -6.66 15.53 37.74
N ARG F 66 -5.43 15.85 38.17
CA ARG F 66 -5.22 16.80 39.25
C ARG F 66 -5.69 18.20 38.87
N PHE F 67 -5.31 18.68 37.69
CA PHE F 67 -5.61 20.03 37.23
C PHE F 67 -6.56 20.03 36.04
N THR F 68 -7.35 21.09 35.92
CA THR F 68 -8.23 21.28 34.79
C THR F 68 -8.20 22.74 34.37
N ILE F 69 -8.35 22.98 33.06
CA ILE F 69 -8.22 24.32 32.50
C ILE F 69 -9.46 24.64 31.66
N SER F 70 -9.86 25.91 31.67
CA SER F 70 -10.96 26.37 30.84
C SER F 70 -10.75 27.82 30.45
N ARG F 71 -11.46 28.25 29.40
CA ARG F 71 -11.38 29.62 28.91
C ARG F 71 -12.77 30.19 28.67
N ASP F 72 -12.86 31.51 28.69
CA ASP F 72 -14.10 32.24 28.46
C ASP F 72 -13.84 33.36 27.48
N ASN F 73 -14.36 33.23 26.25
CA ASN F 73 -14.11 34.23 25.22
C ASN F 73 -14.92 35.50 25.41
N ALA F 74 -15.92 35.51 26.30
CA ALA F 74 -16.64 36.75 26.55
C ALA F 74 -15.92 37.60 27.58
N LYS F 75 -15.40 36.98 28.64
CA LYS F 75 -14.65 37.68 29.66
C LYS F 75 -13.21 37.91 29.26
N ASN F 76 -12.72 37.17 28.27
CA ASN F 76 -11.32 37.20 27.83
C ASN F 76 -10.38 36.80 28.96
N THR F 77 -10.61 35.59 29.49
CA THR F 77 -9.84 35.06 30.59
C THR F 77 -9.61 33.57 30.42
N VAL F 78 -8.66 33.04 31.18
CA VAL F 78 -8.35 31.61 31.21
C VAL F 78 -8.28 31.21 32.68
N TYR F 79 -8.96 30.12 33.03
CA TYR F 79 -9.00 29.65 34.41
C TYR F 79 -8.32 28.30 34.57
N LEU F 80 -7.46 28.19 35.58
CA LEU F 80 -6.79 26.95 35.95
C LEU F 80 -7.26 26.53 37.34
N GLN F 81 -7.95 25.41 37.42
CA GLN F 81 -8.47 24.90 38.69
C GLN F 81 -7.57 23.78 39.20
N MET F 82 -6.97 23.99 40.37
CA MET F 82 -6.03 23.04 40.96
C MET F 82 -6.65 22.34 42.15
N ASN F 83 -6.47 21.02 42.23
CA ASN F 83 -6.97 20.22 43.33
C ASN F 83 -5.86 19.42 43.99
N SER F 84 -6.03 19.17 45.28
CA SER F 84 -5.13 18.34 46.09
C SER F 84 -3.65 18.67 45.88
N LEU F 85 -3.32 19.96 45.94
CA LEU F 85 -1.95 20.39 45.71
C LEU F 85 -0.99 19.70 46.66
N LYS F 86 0.10 19.19 46.12
CA LYS F 86 1.17 18.56 46.88
C LYS F 86 2.27 19.56 47.15
N PRO F 87 3.16 19.30 48.12
CA PRO F 87 4.25 20.25 48.40
C PRO F 87 5.11 20.61 47.20
N ASP F 88 5.32 19.67 46.27
CA ASP F 88 6.14 19.98 45.10
C ASP F 88 5.48 20.94 44.12
N ASP F 89 4.18 21.19 44.22
CA ASP F 89 3.53 22.08 43.27
C ASP F 89 3.90 23.54 43.44
N THR F 90 4.64 23.91 44.49
CA THR F 90 5.01 25.31 44.67
C THR F 90 5.91 25.79 43.54
N ALA F 91 5.49 26.88 42.90
CA ALA F 91 6.24 27.46 41.78
C ALA F 91 5.59 28.78 41.39
N ILE F 92 6.32 29.55 40.59
CA ILE F 92 5.77 30.73 39.91
C ILE F 92 5.02 30.26 38.67
N TYR F 93 3.78 30.69 38.52
CA TYR F 93 2.95 30.29 37.39
C TYR F 93 2.85 31.42 36.37
N TYR F 94 3.18 31.13 35.11
CA TYR F 94 3.15 32.11 34.03
C TYR F 94 2.06 31.77 33.02
N CYS F 95 1.22 32.76 32.72
CA CYS F 95 0.21 32.63 31.68
C CYS F 95 0.86 32.79 30.32
N ASN F 96 0.43 31.99 29.34
CA ASN F 96 1.04 32.02 28.02
C ASN F 96 -0.01 32.09 26.93
N ALA F 97 0.25 32.91 25.90
CA ALA F 97 -0.64 33.06 24.75
C ALA F 97 0.13 32.98 23.45
N GLU F 98 -0.42 32.29 22.45
CA GLU F 98 0.28 32.08 21.20
C GLU F 98 -0.65 32.06 19.99
N PRO F 99 -0.45 32.93 19.00
CA PRO F 99 -1.33 32.95 17.82
C PRO F 99 -1.39 31.62 17.09
N THR F 100 -2.59 31.27 16.62
CA THR F 100 -2.82 30.02 15.91
C THR F 100 -2.14 30.01 14.56
N VAL F 101 -1.40 28.93 14.28
CA VAL F 101 -0.74 28.74 13.00
C VAL F 101 -0.95 27.30 12.58
N THR F 102 -0.98 27.06 11.26
CA THR F 102 -1.19 25.74 10.71
C THR F 102 -0.26 25.57 9.52
N GLY F 103 -0.45 24.51 8.76
CA GLY F 103 0.40 24.27 7.62
C GLY F 103 1.74 23.69 7.98
N SER F 104 2.75 24.54 8.08
CA SER F 104 4.08 24.05 8.45
C SER F 104 4.12 23.70 9.92
N TRP F 105 4.95 22.70 10.24
CA TRP F 105 5.13 22.33 11.64
C TRP F 105 6.00 23.31 12.41
N PHE F 106 6.82 24.10 11.73
CA PHE F 106 7.62 25.15 12.36
C PHE F 106 7.30 26.49 11.72
N THR F 107 7.36 27.55 12.53
CA THR F 107 7.08 28.91 12.06
C THR F 107 8.12 29.85 12.65
N PRO F 108 9.09 30.28 11.85
CA PRO F 108 10.17 31.14 12.37
C PRO F 108 9.66 32.43 13.01
N GLY F 109 10.17 32.70 14.21
CA GLY F 109 9.86 33.95 14.89
C GLY F 109 8.41 34.14 15.28
N LEU F 110 7.67 33.07 15.49
CA LEU F 110 6.27 33.18 15.87
C LEU F 110 6.13 33.98 17.16
N GLN F 111 5.46 35.12 17.07
CA GLN F 111 5.34 36.05 18.21
C GLN F 111 4.56 35.44 19.37
N SER F 112 5.23 35.31 20.52
CA SER F 112 4.65 34.75 21.74
C SER F 112 4.61 35.80 22.83
N TYR F 113 3.54 35.78 23.63
CA TYR F 113 3.36 36.73 24.72
C TYR F 113 3.31 35.98 26.05
N TRP F 114 3.85 36.58 27.10
CA TRP F 114 3.88 36.00 28.43
C TRP F 114 3.32 36.96 29.45
N GLY F 115 2.63 36.42 30.46
CA GLY F 115 2.15 37.22 31.55
C GLY F 115 3.27 37.67 32.47
N GLN F 116 2.87 38.25 33.60
CA GLN F 116 3.80 38.74 34.61
C GLN F 116 4.19 37.69 35.65
N GLY F 117 3.48 36.56 35.71
CA GLY F 117 3.76 35.52 36.70
C GLY F 117 3.19 35.79 38.08
N THR F 118 2.84 34.73 38.80
CA THR F 118 2.28 34.86 40.15
C THR F 118 2.74 33.70 41.02
N GLN F 119 2.82 33.97 42.32
CA GLN F 119 3.34 33.02 43.30
C GLN F 119 2.26 32.05 43.80
N VAL F 120 2.64 30.78 43.93
CA VAL F 120 1.80 29.72 44.50
C VAL F 120 2.66 28.89 45.45
N THR F 121 2.17 28.63 46.66
CA THR F 121 2.92 27.84 47.62
C THR F 121 1.98 26.97 48.44
N VAL F 122 2.54 25.89 48.98
CA VAL F 122 1.78 24.85 49.69
C VAL F 122 2.48 24.55 51.01
N SER F 123 1.70 24.51 52.08
CA SER F 123 2.20 24.23 53.43
C SER F 123 1.77 22.84 53.87
N SER F 124 2.73 22.06 54.37
CA SER F 124 2.45 20.71 54.86
C SER F 124 1.76 20.73 56.23
C1 NAG G . -14.20 26.32 -22.51
C2 NAG G . -14.93 25.83 -21.25
C3 NAG G . -16.02 26.83 -20.83
C4 NAG G . -15.45 28.24 -20.71
C5 NAG G . -14.76 28.63 -22.01
C6 NAG G . -14.08 29.98 -21.95
C7 NAG G . -14.87 23.38 -21.27
C8 NAG G . -15.65 22.13 -21.56
N2 NAG G . -15.52 24.52 -21.47
O3 NAG G . -16.58 26.43 -19.59
O4 NAG G . -16.50 29.16 -20.44
O5 NAG G . -13.73 27.67 -22.31
O6 NAG G . -13.43 30.28 -23.18
O7 NAG G . -13.70 23.35 -20.88
C1 NAG H . -28.61 2.31 24.87
C2 NAG H . -29.26 3.67 25.06
C3 NAG H . -28.16 4.70 25.31
C4 NAG H . -27.35 4.32 26.53
C5 NAG H . -26.83 2.88 26.42
C6 NAG H . -26.24 2.37 27.71
C7 NAG H . -30.98 5.02 23.96
C8 NAG H . -31.71 5.29 22.68
N2 NAG H . -30.06 4.05 23.91
O3 NAG H . -28.74 5.98 25.50
O4 NAG H . -26.24 5.19 26.67
O5 NAG H . -27.88 1.97 26.06
O6 NAG H . -27.23 2.32 28.74
O7 NAG H . -31.21 5.65 24.98
C1 NAG I . 1.32 -28.16 -37.73
C2 NAG I . 1.75 -29.61 -37.99
C3 NAG I . 0.59 -30.57 -37.84
C4 NAG I . -0.08 -30.39 -36.48
C5 NAG I . -0.51 -28.95 -36.31
C6 NAG I . -1.10 -28.67 -34.94
C7 NAG I . 3.67 -29.60 -39.50
C8 NAG I . 4.14 -29.77 -40.91
N2 NAG I . 2.37 -29.74 -39.30
O3 NAG I . 1.07 -31.90 -37.96
O4 NAG I . -1.22 -31.24 -36.38
O5 NAG I . 0.62 -28.08 -36.47
O6 NAG I . -1.82 -27.45 -34.93
O7 NAG I . 4.44 -29.32 -38.59
C1 NAG J . 1.29 -21.60 36.17
C2 NAG J . 2.05 -22.77 35.58
C3 NAG J . 1.11 -23.95 35.45
C4 NAG J . 0.51 -24.29 36.81
C5 NAG J . -0.15 -23.06 37.43
C6 NAG J . -0.59 -23.28 38.86
C7 NAG J . 3.86 -22.76 33.92
C8 NAG J . 4.27 -22.34 32.54
N2 NAG J . 2.62 -22.44 34.29
O3 NAG J . 1.81 -25.08 34.95
O4 NAG J . -0.47 -25.32 36.68
O5 NAG J . 0.77 -21.96 37.44
O6 NAG J . 0.50 -23.69 39.67
O7 NAG J . 4.63 -23.36 34.67
C1 NAG K . 26.17 38.70 -6.20
C2 NAG K . 27.44 39.21 -5.54
C3 NAG K . 28.66 38.79 -6.32
C4 NAG K . 28.68 37.28 -6.49
C5 NAG K . 27.39 36.81 -7.14
C6 NAG K . 27.28 35.31 -7.22
C7 NAG K . 26.94 41.25 -4.27
C8 NAG K . 26.97 42.74 -4.26
N2 NAG K . 27.40 40.65 -5.38
O3 NAG K . 29.83 39.21 -5.63
O4 NAG K . 29.79 36.89 -7.29
O5 NAG K . 26.26 37.27 -6.38
O6 NAG K . 26.30 34.90 -8.17
O7 NAG K . 26.52 40.60 -3.32
C1 NAG L . 5.62 -33.74 -17.42
C2 NAG L . 5.73 -34.59 -16.17
C3 NAG L . 4.40 -35.25 -15.88
C4 NAG L . 3.32 -34.18 -15.74
C5 NAG L . 3.32 -33.27 -16.97
C6 NAG L . 2.38 -32.10 -16.82
C7 NAG L . 6.85 -36.54 -17.21
C8 NAG L . 8.03 -37.46 -17.14
N2 NAG L . 6.79 -35.58 -16.28
O3 NAG L . 4.48 -36.00 -14.67
O4 NAG L . 2.04 -34.79 -15.60
O5 NAG L . 4.62 -32.73 -17.22
O6 NAG L . 2.40 -31.58 -15.50
O7 NAG L . 5.97 -36.68 -18.06
C1 NAG M . -22.28 13.07 -27.03
C2 NAG M . -21.59 11.69 -27.09
C3 NAG M . -22.27 10.80 -28.13
C4 NAG M . -23.78 10.75 -27.91
C5 NAG M . -24.34 12.16 -27.89
C6 NAG M . -25.82 12.23 -27.60
C7 NAG M . -19.23 12.04 -26.50
C8 NAG M . -17.83 12.17 -27.02
N2 NAG M . -20.18 11.84 -27.42
O3 NAG M . -21.74 9.47 -28.05
O4 NAG M . -24.39 10.01 -28.96
O5 NAG M . -23.69 12.91 -26.85
O6 NAG M . -26.25 13.56 -27.40
O7 NAG M . -19.49 12.11 -25.31
C1 NAG N . 21.36 -30.86 19.44
C2 NAG N . 22.20 -29.94 20.32
C3 NAG N . 23.68 -30.02 19.93
C4 NAG N . 24.16 -31.45 19.88
C5 NAG N . 23.25 -32.31 19.00
C6 NAG N . 23.60 -33.77 19.05
C7 NAG N . 21.90 -27.67 21.22
C8 NAG N . 21.34 -26.31 20.97
N2 NAG N . 21.72 -28.57 20.25
O3 NAG N . 24.45 -29.29 20.88
O4 NAG N . 25.48 -31.51 19.36
O5 NAG N . 21.90 -32.19 19.45
O6 NAG N . 22.56 -34.56 18.48
O7 NAG N . 22.49 -27.95 22.26
C1 NAG O . -44.16 10.67 12.48
C2 NAG O . -44.95 10.46 13.77
C3 NAG O . -44.83 11.67 14.67
C4 NAG O . -43.38 11.98 14.95
C5 NAG O . -42.63 12.17 13.63
C6 NAG O . -41.14 12.36 13.84
C7 NAG O . -46.80 8.93 13.31
C8 NAG O . -48.27 8.80 13.02
N2 NAG O . -46.34 10.17 13.48
O3 NAG O . -45.51 11.40 15.90
O4 NAG O . -43.26 13.16 15.73
O5 NAG O . -42.79 11.00 12.81
O6 NAG O . -40.52 12.87 12.66
O7 NAG O . -46.07 7.95 13.38
C1 NAG P . 30.86 21.95 6.53
C2 NAG P . 31.67 20.91 7.31
C3 NAG P . 32.64 20.21 6.39
C4 NAG P . 31.88 19.60 5.22
C5 NAG P . 31.02 20.65 4.53
C6 NAG P . 30.13 20.07 3.45
C7 NAG P . 33.26 22.47 8.37
C8 NAG P . 33.85 22.93 9.67
N2 NAG P . 32.35 21.50 8.46
O3 NAG P . 33.34 19.19 7.11
O4 NAG P . 32.81 19.05 4.28
O5 NAG P . 30.16 21.30 5.48
O6 NAG P . 29.60 18.81 3.86
O7 NAG P . 33.62 22.95 7.30
C1 NAG Q . -7.58 15.94 -33.01
C2 NAG Q . -6.43 16.44 -32.10
C3 NAG Q . -5.42 17.27 -32.91
C4 NAG Q . -4.96 16.52 -34.15
C5 NAG Q . -6.17 16.09 -34.98
C6 NAG Q . -5.82 15.26 -36.18
C7 NAG Q . -7.30 16.69 -29.82
C8 NAG Q . -7.81 17.65 -28.79
N2 NAG Q . -6.95 17.21 -30.99
O3 NAG Q . -4.30 17.58 -32.09
O4 NAG Q . -4.14 17.37 -34.94
O5 NAG Q . -7.04 15.29 -34.17
O6 NAG Q . -6.97 14.91 -36.92
O7 NAG Q . -7.21 15.49 -29.60
C1 NAG R . 24.88 -7.21 33.44
C2 NAG R . 23.79 -7.83 34.31
C3 NAG R . 23.50 -6.94 35.53
C4 NAG R . 24.78 -6.57 36.26
C5 NAG R . 25.81 -5.99 35.30
C6 NAG R . 27.15 -5.74 35.94
C7 NAG R . 21.65 -8.97 33.88
C8 NAG R . 20.47 -9.06 32.97
N2 NAG R . 22.58 -8.05 33.55
O3 NAG R . 22.64 -7.64 36.42
O4 NAG R . 24.51 -5.62 37.27
O5 NAG R . 26.04 -6.92 34.23
O6 NAG R . 28.09 -5.22 35.00
O7 NAG R . 21.78 -9.69 34.87
#